data_2BBR
# 
_entry.id   2BBR 
# 
_audit_conform.dict_name       mmcif_pdbx.dic 
_audit_conform.dict_version    5.376 
_audit_conform.dict_location   http://mmcif.pdb.org/dictionaries/ascii/mmcif_pdbx.dic 
# 
loop_
_database_2.database_id 
_database_2.database_code 
_database_2.pdbx_database_accession 
_database_2.pdbx_DOI 
PDB   2BBR         pdb_00002bbr 10.2210/pdb2bbr/pdb 
RCSB  RCSB034913   ?            ?                   
WWPDB D_1000034913 ?            ?                   
# 
_pdbx_database_related.db_name        PDB 
_pdbx_database_related.db_id          2bbz 
_pdbx_database_related.details        . 
_pdbx_database_related.content_type   unspecified 
# 
_pdbx_database_status.status_code                     REL 
_pdbx_database_status.entry_id                        2BBR 
_pdbx_database_status.recvd_initial_deposition_date   2005-10-17 
_pdbx_database_status.deposit_site                    RCSB 
_pdbx_database_status.process_site                    RCSB 
_pdbx_database_status.status_code_sf                  REL 
_pdbx_database_status.status_code_mr                  ? 
_pdbx_database_status.SG_entry                        N 
_pdbx_database_status.pdb_format_compatible           Y 
_pdbx_database_status.status_code_cs                  ? 
_pdbx_database_status.status_code_nmr_data            ? 
_pdbx_database_status.methods_development_category    ? 
# 
loop_
_audit_author.name 
_audit_author.pdbx_ordinal 
'Yang, J.K.'    1 
'Wang, L.'      2 
'Zheng, L.'     3 
'Wan, F.'       4 
'Ahmed, M.'     5 
'Lenardo, M.J.' 6 
'Wu, H.'        7 
# 
_citation.id                        primary 
_citation.title                     'Crystal structure of MC159 reveals molecular mechanism of DISC assembly and FLIP inhibition.' 
_citation.journal_abbrev            Mol.Cell 
_citation.journal_volume            20 
_citation.page_first                939 
_citation.page_last                 949 
_citation.year                      2005 
_citation.journal_id_ASTM           MOCEFL 
_citation.country                   US 
_citation.journal_id_ISSN           1097-2765 
_citation.journal_id_CSD            2168 
_citation.book_publisher            ? 
_citation.pdbx_database_id_PubMed   16364918 
_citation.pdbx_database_id_DOI      10.1016/j.molcel.2005.10.023 
# 
loop_
_citation_author.citation_id 
_citation_author.name 
_citation_author.ordinal 
_citation_author.identifier_ORCID 
primary 'Yang, J.K.'    1 ? 
primary 'Wang, L.'      2 ? 
primary 'Zheng, L.'     3 ? 
primary 'Wan, F.'       4 ? 
primary 'Ahmed, M.'     5 ? 
primary 'Lenardo, M.J.' 6 ? 
primary 'Wu, H.'        7 ? 
# 
_cell.entry_id           2BBR 
_cell.length_a           34.979 
_cell.length_b           62.867 
_cell.length_c           75.806 
_cell.angle_alpha        90.00 
_cell.angle_beta         90.00 
_cell.angle_gamma        90.00 
_cell.Z_PDB              4 
_cell.pdbx_unique_axis   ? 
_cell.length_a_esd       ? 
_cell.length_b_esd       ? 
_cell.length_c_esd       ? 
_cell.angle_alpha_esd    ? 
_cell.angle_beta_esd     ? 
_cell.angle_gamma_esd    ? 
# 
_symmetry.entry_id                         2BBR 
_symmetry.space_group_name_H-M             'P 21 21 21' 
_symmetry.pdbx_full_space_group_name_H-M   ? 
_symmetry.cell_setting                     ? 
_symmetry.Int_Tables_number                19 
_symmetry.space_group_name_Hall            ? 
# 
loop_
_entity.id 
_entity.type 
_entity.src_method 
_entity.pdbx_description 
_entity.formula_weight 
_entity.pdbx_number_of_molecules 
_entity.pdbx_ec 
_entity.pdbx_mutation 
_entity.pdbx_fragment 
_entity.details 
1 polymer     man 'Viral CASP8 and FADD-like apoptosis regulator' 22170.553 1   ? ? 'death effector domain (residues 1-187)' ? 
2 non-polymer syn 'AZIDE ION'                                     42.020    1   ? ? ?                                        ? 
3 water       nat water                                           18.015    319 ? ? ?                                        ? 
# 
_entity_name_com.entity_id   1 
_entity_name_com.name        'v-CFLAR, Viral FLICE-inhibitory protein, v-FLIP' 
# 
_entity_poly.entity_id                      1 
_entity_poly.type                           'polypeptide(L)' 
_entity_poly.nstd_linkage                   no 
_entity_poly.nstd_monomer                   no 
_entity_poly.pdbx_seq_one_letter_code       
;MSDSKEVPSLPFLRHLLEELDSHEDSLLLFLCHDAAPGCTTVTQALCSLSQQRKLTLAALVEMLYVLQRMDLLKSRFGLS
KEGAEQLLGTSFLTRYRKLMVCVGEELDSSELRALRLFACNLNPSLSTALSESSRFVELVLALENVGLVSPSSVSVLADM
LRTLRRLDLCQQLVEYEQQEQARYRYCLEHHHHHH
;
_entity_poly.pdbx_seq_one_letter_code_can   
;MSDSKEVPSLPFLRHLLEELDSHEDSLLLFLCHDAAPGCTTVTQALCSLSQQRKLTLAALVEMLYVLQRMDLLKSRFGLS
KEGAEQLLGTSFLTRYRKLMVCVGEELDSSELRALRLFACNLNPSLSTALSESSRFVELVLALENVGLVSPSSVSVLADM
LRTLRRLDLCQQLVEYEQQEQARYRYCLEHHHHHH
;
_entity_poly.pdbx_strand_id                 A 
_entity_poly.pdbx_target_identifier         ? 
# 
loop_
_entity_poly_seq.entity_id 
_entity_poly_seq.num 
_entity_poly_seq.mon_id 
_entity_poly_seq.hetero 
1 1   MET n 
1 2   SER n 
1 3   ASP n 
1 4   SER n 
1 5   LYS n 
1 6   GLU n 
1 7   VAL n 
1 8   PRO n 
1 9   SER n 
1 10  LEU n 
1 11  PRO n 
1 12  PHE n 
1 13  LEU n 
1 14  ARG n 
1 15  HIS n 
1 16  LEU n 
1 17  LEU n 
1 18  GLU n 
1 19  GLU n 
1 20  LEU n 
1 21  ASP n 
1 22  SER n 
1 23  HIS n 
1 24  GLU n 
1 25  ASP n 
1 26  SER n 
1 27  LEU n 
1 28  LEU n 
1 29  LEU n 
1 30  PHE n 
1 31  LEU n 
1 32  CYS n 
1 33  HIS n 
1 34  ASP n 
1 35  ALA n 
1 36  ALA n 
1 37  PRO n 
1 38  GLY n 
1 39  CYS n 
1 40  THR n 
1 41  THR n 
1 42  VAL n 
1 43  THR n 
1 44  GLN n 
1 45  ALA n 
1 46  LEU n 
1 47  CYS n 
1 48  SER n 
1 49  LEU n 
1 50  SER n 
1 51  GLN n 
1 52  GLN n 
1 53  ARG n 
1 54  LYS n 
1 55  LEU n 
1 56  THR n 
1 57  LEU n 
1 58  ALA n 
1 59  ALA n 
1 60  LEU n 
1 61  VAL n 
1 62  GLU n 
1 63  MET n 
1 64  LEU n 
1 65  TYR n 
1 66  VAL n 
1 67  LEU n 
1 68  GLN n 
1 69  ARG n 
1 70  MET n 
1 71  ASP n 
1 72  LEU n 
1 73  LEU n 
1 74  LYS n 
1 75  SER n 
1 76  ARG n 
1 77  PHE n 
1 78  GLY n 
1 79  LEU n 
1 80  SER n 
1 81  LYS n 
1 82  GLU n 
1 83  GLY n 
1 84  ALA n 
1 85  GLU n 
1 86  GLN n 
1 87  LEU n 
1 88  LEU n 
1 89  GLY n 
1 90  THR n 
1 91  SER n 
1 92  PHE n 
1 93  LEU n 
1 94  THR n 
1 95  ARG n 
1 96  TYR n 
1 97  ARG n 
1 98  LYS n 
1 99  LEU n 
1 100 MET n 
1 101 VAL n 
1 102 CYS n 
1 103 VAL n 
1 104 GLY n 
1 105 GLU n 
1 106 GLU n 
1 107 LEU n 
1 108 ASP n 
1 109 SER n 
1 110 SER n 
1 111 GLU n 
1 112 LEU n 
1 113 ARG n 
1 114 ALA n 
1 115 LEU n 
1 116 ARG n 
1 117 LEU n 
1 118 PHE n 
1 119 ALA n 
1 120 CYS n 
1 121 ASN n 
1 122 LEU n 
1 123 ASN n 
1 124 PRO n 
1 125 SER n 
1 126 LEU n 
1 127 SER n 
1 128 THR n 
1 129 ALA n 
1 130 LEU n 
1 131 SER n 
1 132 GLU n 
1 133 SER n 
1 134 SER n 
1 135 ARG n 
1 136 PHE n 
1 137 VAL n 
1 138 GLU n 
1 139 LEU n 
1 140 VAL n 
1 141 LEU n 
1 142 ALA n 
1 143 LEU n 
1 144 GLU n 
1 145 ASN n 
1 146 VAL n 
1 147 GLY n 
1 148 LEU n 
1 149 VAL n 
1 150 SER n 
1 151 PRO n 
1 152 SER n 
1 153 SER n 
1 154 VAL n 
1 155 SER n 
1 156 VAL n 
1 157 LEU n 
1 158 ALA n 
1 159 ASP n 
1 160 MET n 
1 161 LEU n 
1 162 ARG n 
1 163 THR n 
1 164 LEU n 
1 165 ARG n 
1 166 ARG n 
1 167 LEU n 
1 168 ASP n 
1 169 LEU n 
1 170 CYS n 
1 171 GLN n 
1 172 GLN n 
1 173 LEU n 
1 174 VAL n 
1 175 GLU n 
1 176 TYR n 
1 177 GLU n 
1 178 GLN n 
1 179 GLN n 
1 180 GLU n 
1 181 GLN n 
1 182 ALA n 
1 183 ARG n 
1 184 TYR n 
1 185 ARG n 
1 186 TYR n 
1 187 CYS n 
1 188 LEU n 
1 189 GLU n 
1 190 HIS n 
1 191 HIS n 
1 192 HIS n 
1 193 HIS n 
1 194 HIS n 
1 195 HIS n 
# 
_entity_src_gen.entity_id                          1 
_entity_src_gen.pdbx_src_id                        1 
_entity_src_gen.pdbx_alt_source_flag               sample 
_entity_src_gen.pdbx_seq_type                      ? 
_entity_src_gen.pdbx_beg_seq_num                   ? 
_entity_src_gen.pdbx_end_seq_num                   ? 
_entity_src_gen.gene_src_common_name               ? 
_entity_src_gen.gene_src_genus                     Molluscipoxvirus 
_entity_src_gen.pdbx_gene_src_gene                 ? 
_entity_src_gen.gene_src_species                   'Molluscum contagiosum virus' 
_entity_src_gen.gene_src_strain                    'subtype 1' 
_entity_src_gen.gene_src_tissue                    ? 
_entity_src_gen.gene_src_tissue_fraction           ? 
_entity_src_gen.gene_src_details                   ? 
_entity_src_gen.pdbx_gene_src_fragment             ? 
_entity_src_gen.pdbx_gene_src_scientific_name      'Molluscum contagiosum virus subtype 1' 
_entity_src_gen.pdbx_gene_src_ncbi_taxonomy_id     10280 
_entity_src_gen.pdbx_gene_src_variant              ? 
_entity_src_gen.pdbx_gene_src_cell_line            ? 
_entity_src_gen.pdbx_gene_src_atcc                 ? 
_entity_src_gen.pdbx_gene_src_organ                ? 
_entity_src_gen.pdbx_gene_src_organelle            ? 
_entity_src_gen.pdbx_gene_src_cell                 ? 
_entity_src_gen.pdbx_gene_src_cellular_location    ? 
_entity_src_gen.host_org_common_name               ? 
_entity_src_gen.pdbx_host_org_scientific_name      'Escherichia coli' 
_entity_src_gen.pdbx_host_org_ncbi_taxonomy_id     562 
_entity_src_gen.host_org_genus                     Escherichia 
_entity_src_gen.pdbx_host_org_gene                 ? 
_entity_src_gen.pdbx_host_org_organ                ? 
_entity_src_gen.host_org_species                   ? 
_entity_src_gen.pdbx_host_org_tissue               ? 
_entity_src_gen.pdbx_host_org_tissue_fraction      ? 
_entity_src_gen.pdbx_host_org_strain               'BL21(DE3) Codon Plus RIPL' 
_entity_src_gen.pdbx_host_org_variant              ? 
_entity_src_gen.pdbx_host_org_cell_line            ? 
_entity_src_gen.pdbx_host_org_atcc                 ? 
_entity_src_gen.pdbx_host_org_culture_collection   ? 
_entity_src_gen.pdbx_host_org_cell                 ? 
_entity_src_gen.pdbx_host_org_organelle            ? 
_entity_src_gen.pdbx_host_org_cellular_location    ? 
_entity_src_gen.pdbx_host_org_vector_type          plasmid 
_entity_src_gen.pdbx_host_org_vector               ? 
_entity_src_gen.host_org_details                   ? 
_entity_src_gen.expression_system_id               ? 
_entity_src_gen.plasmid_name                       'modified pET28b' 
_entity_src_gen.plasmid_details                    ? 
_entity_src_gen.pdbx_description                   ? 
# 
_struct_ref.id                         1 
_struct_ref.db_name                    UNP 
_struct_ref.db_code                    CFLA_MCV1 
_struct_ref.pdbx_db_accession          Q98325 
_struct_ref.entity_id                  1 
_struct_ref.pdbx_seq_one_letter_code   
;MSDSKEVPSLPFLRHLLEELDSHEDSLLLFLCHDAAPGCTTVTQALCSLSQQRKLTLAALVEMLYVLQRMDLLKSRFGLS
KEGAEQLLGTSFLTRYRKLMVCVGEELDSSELRALRLFACNLNPSLSTALSESSRFVELVLALENVGLVSPSSVSVLADM
LRTLRRLDLCQQLVEYEQQEQARYRYC
;
_struct_ref.pdbx_align_begin           1 
_struct_ref.pdbx_db_isoform            ? 
# 
_struct_ref_seq.align_id                      1 
_struct_ref_seq.ref_id                        1 
_struct_ref_seq.pdbx_PDB_id_code              2BBR 
_struct_ref_seq.pdbx_strand_id                A 
_struct_ref_seq.seq_align_beg                 1 
_struct_ref_seq.pdbx_seq_align_beg_ins_code   ? 
_struct_ref_seq.seq_align_end                 187 
_struct_ref_seq.pdbx_seq_align_end_ins_code   ? 
_struct_ref_seq.pdbx_db_accession             Q98325 
_struct_ref_seq.db_align_beg                  1 
_struct_ref_seq.pdbx_db_align_beg_ins_code    ? 
_struct_ref_seq.db_align_end                  187 
_struct_ref_seq.pdbx_db_align_end_ins_code    ? 
_struct_ref_seq.pdbx_auth_seq_align_beg       1 
_struct_ref_seq.pdbx_auth_seq_align_end       187 
# 
loop_
_struct_ref_seq_dif.align_id 
_struct_ref_seq_dif.pdbx_pdb_id_code 
_struct_ref_seq_dif.mon_id 
_struct_ref_seq_dif.pdbx_pdb_strand_id 
_struct_ref_seq_dif.seq_num 
_struct_ref_seq_dif.pdbx_pdb_ins_code 
_struct_ref_seq_dif.pdbx_seq_db_name 
_struct_ref_seq_dif.pdbx_seq_db_accession_code 
_struct_ref_seq_dif.db_mon_id 
_struct_ref_seq_dif.pdbx_seq_db_seq_num 
_struct_ref_seq_dif.details 
_struct_ref_seq_dif.pdbx_auth_seq_num 
_struct_ref_seq_dif.pdbx_ordinal 
1 2BBR LEU A 188 ? UNP Q98325 ? ? 'expression tag' 188 1 
1 2BBR GLU A 189 ? UNP Q98325 ? ? 'expression tag' 189 2 
1 2BBR HIS A 190 ? UNP Q98325 ? ? 'expression tag' 190 3 
1 2BBR HIS A 191 ? UNP Q98325 ? ? 'expression tag' 191 4 
1 2BBR HIS A 192 ? UNP Q98325 ? ? 'expression tag' 192 5 
1 2BBR HIS A 193 ? UNP Q98325 ? ? 'expression tag' 193 6 
1 2BBR HIS A 194 ? UNP Q98325 ? ? 'expression tag' 194 7 
1 2BBR HIS A 195 ? UNP Q98325 ? ? 'expression tag' 195 8 
# 
loop_
_chem_comp.id 
_chem_comp.type 
_chem_comp.mon_nstd_flag 
_chem_comp.name 
_chem_comp.pdbx_synonyms 
_chem_comp.formula 
_chem_comp.formula_weight 
ALA 'L-peptide linking' y ALANINE         ? 'C3 H7 N O2'     89.093  
ARG 'L-peptide linking' y ARGININE        ? 'C6 H15 N4 O2 1' 175.209 
ASN 'L-peptide linking' y ASPARAGINE      ? 'C4 H8 N2 O3'    132.118 
ASP 'L-peptide linking' y 'ASPARTIC ACID' ? 'C4 H7 N O4'     133.103 
AZI non-polymer         . 'AZIDE ION'     ? 'N3 -1'          42.020  
CYS 'L-peptide linking' y CYSTEINE        ? 'C3 H7 N O2 S'   121.158 
GLN 'L-peptide linking' y GLUTAMINE       ? 'C5 H10 N2 O3'   146.144 
GLU 'L-peptide linking' y 'GLUTAMIC ACID' ? 'C5 H9 N O4'     147.129 
GLY 'peptide linking'   y GLYCINE         ? 'C2 H5 N O2'     75.067  
HIS 'L-peptide linking' y HISTIDINE       ? 'C6 H10 N3 O2 1' 156.162 
HOH non-polymer         . WATER           ? 'H2 O'           18.015  
LEU 'L-peptide linking' y LEUCINE         ? 'C6 H13 N O2'    131.173 
LYS 'L-peptide linking' y LYSINE          ? 'C6 H15 N2 O2 1' 147.195 
MET 'L-peptide linking' y METHIONINE      ? 'C5 H11 N O2 S'  149.211 
PHE 'L-peptide linking' y PHENYLALANINE   ? 'C9 H11 N O2'    165.189 
PRO 'L-peptide linking' y PROLINE         ? 'C5 H9 N O2'     115.130 
SER 'L-peptide linking' y SERINE          ? 'C3 H7 N O3'     105.093 
THR 'L-peptide linking' y THREONINE       ? 'C4 H9 N O3'     119.119 
TYR 'L-peptide linking' y TYROSINE        ? 'C9 H11 N O3'    181.189 
VAL 'L-peptide linking' y VALINE          ? 'C5 H11 N O2'    117.146 
# 
_exptl.entry_id          2BBR 
_exptl.method            'X-RAY DIFFRACTION' 
_exptl.crystals_number   1 
# 
_exptl_crystal.id                    1 
_exptl_crystal.density_meas          ? 
_exptl_crystal.density_Matthews      1.88 
_exptl_crystal.density_percent_sol   34.55 
_exptl_crystal.description           ? 
_exptl_crystal.F_000                 ? 
_exptl_crystal.preparation           ? 
# 
_exptl_crystal_grow.crystal_id      1 
_exptl_crystal_grow.method          'VAPOR DIFFUSION, HANGING DROP' 
_exptl_crystal_grow.temp            295.0 
_exptl_crystal_grow.temp_details    ? 
_exptl_crystal_grow.pH              6.5 
_exptl_crystal_grow.pdbx_details    
'1.0 - 1.2 M sodium acetate, 0.1 M imidazole      , pH 6.5, VAPOR DIFFUSION, HANGING DROP, temperature 295.0K' 
_exptl_crystal_grow.pdbx_pH_range   . 
# 
_diffrn.id                     1 
_diffrn.ambient_temp           100 
_diffrn.ambient_temp_details   ? 
_diffrn.crystal_id             1 
# 
_diffrn_radiation.diffrn_id                        1 
_diffrn_radiation.wavelength_id                    1 
_diffrn_radiation.pdbx_monochromatic_or_laue_m_l   M 
_diffrn_radiation.monochromator                    ? 
_diffrn_radiation.pdbx_diffrn_protocol             'SINGLE WAVELENGTH' 
_diffrn_radiation.pdbx_scattering_type             x-ray 
# 
_diffrn_radiation_wavelength.id           1 
_diffrn_radiation_wavelength.wavelength   . 
_diffrn_radiation_wavelength.wt           1.0 
# 
_diffrn_source.diffrn_id                   1 
_diffrn_source.source                      SYNCHROTRON 
_diffrn_source.type                        'NSLS BEAMLINE X25' 
_diffrn_source.pdbx_synchrotron_site       NSLS 
_diffrn_source.pdbx_synchrotron_beamline   X25 
_diffrn_source.pdbx_wavelength             ? 
_diffrn_source.pdbx_wavelength_list        ? 
# 
_reflns.entry_id                     2BBR 
_reflns.observed_criterion_sigma_I   -3 
_reflns.observed_criterion_sigma_F   ? 
_reflns.d_resolution_low             15.0 
_reflns.d_resolution_high            1.2 
_reflns.number_obs                   52241 
_reflns.number_all                   52241 
_reflns.percent_possible_obs         99.6 
_reflns.pdbx_Rmerge_I_obs            ? 
_reflns.pdbx_Rsym_value              ? 
_reflns.pdbx_netI_over_sigmaI        ? 
_reflns.B_iso_Wilson_estimate        ? 
_reflns.pdbx_redundancy              ? 
_reflns.R_free_details               ? 
_reflns.limit_h_max                  ? 
_reflns.limit_h_min                  ? 
_reflns.limit_k_max                  ? 
_reflns.limit_k_min                  ? 
_reflns.limit_l_max                  ? 
_reflns.limit_l_min                  ? 
_reflns.observed_criterion_F_max     ? 
_reflns.observed_criterion_F_min     ? 
_reflns.pdbx_chi_squared             ? 
_reflns.pdbx_scaling_rejects         ? 
_reflns.pdbx_diffrn_id               1 
_reflns.pdbx_ordinal                 1 
# 
_reflns_shell.d_res_high             1.20 
_reflns_shell.d_res_low              1.24 
_reflns_shell.percent_possible_all   97.9 
_reflns_shell.Rmerge_I_obs           ? 
_reflns_shell.pdbx_Rsym_value        ? 
_reflns_shell.meanI_over_sigI_obs    ? 
_reflns_shell.pdbx_redundancy        ? 
_reflns_shell.percent_possible_obs   ? 
_reflns_shell.number_unique_all      ? 
_reflns_shell.number_measured_all    ? 
_reflns_shell.number_measured_obs    ? 
_reflns_shell.number_unique_obs      ? 
_reflns_shell.pdbx_chi_squared       ? 
_reflns_shell.pdbx_diffrn_id         ? 
_reflns_shell.pdbx_ordinal           1 
# 
_refine.entry_id                                 2BBR 
_refine.ls_number_reflns_obs                     50964 
_refine.ls_number_reflns_all                     52241 
_refine.pdbx_ls_sigma_I                          ? 
_refine.pdbx_ls_sigma_F                          0 
_refine.pdbx_data_cutoff_high_absF               ? 
_refine.pdbx_data_cutoff_low_absF                ? 
_refine.pdbx_data_cutoff_high_rms_absF           ? 
_refine.ls_d_res_low                             15.0 
_refine.ls_d_res_high                            1.2 
_refine.ls_percent_reflns_obs                    ? 
_refine.ls_R_factor_obs                          0.211 
_refine.ls_R_factor_all                          ? 
_refine.ls_R_factor_R_work                       0.211 
_refine.ls_R_factor_R_free                       0.226 
_refine.ls_R_factor_R_free_error                 ? 
_refine.ls_R_factor_R_free_error_details         ? 
_refine.ls_percent_reflns_R_free                 ? 
_refine.ls_number_reflns_R_free                  5154 
_refine.ls_number_parameters                     ? 
_refine.ls_number_restraints                     ? 
_refine.occupancy_min                            ? 
_refine.occupancy_max                            ? 
_refine.correlation_coeff_Fo_to_Fc               ? 
_refine.correlation_coeff_Fo_to_Fc_free          ? 
_refine.B_iso_mean                               ? 
_refine.aniso_B[1][1]                            ? 
_refine.aniso_B[2][2]                            ? 
_refine.aniso_B[3][3]                            ? 
_refine.aniso_B[1][2]                            ? 
_refine.aniso_B[1][3]                            ? 
_refine.aniso_B[2][3]                            ? 
_refine.solvent_model_details                    ? 
_refine.solvent_model_param_ksol                 ? 
_refine.solvent_model_param_bsol                 ? 
_refine.pdbx_solvent_vdw_probe_radii             ? 
_refine.pdbx_solvent_ion_probe_radii             ? 
_refine.pdbx_solvent_shrinkage_radii             ? 
_refine.pdbx_ls_cross_valid_method               ? 
_refine.details                                  ? 
_refine.pdbx_starting_model                      'PDB entry 2BBZ' 
_refine.pdbx_method_to_determine_struct          'MOLECULAR REPLACEMENT' 
_refine.pdbx_isotropic_thermal_model             ? 
_refine.pdbx_stereochemistry_target_values       'Engh & Huber' 
_refine.pdbx_stereochem_target_val_spec_case     ? 
_refine.pdbx_R_Free_selection_details            Random 
_refine.pdbx_overall_ESU_R                       ? 
_refine.pdbx_overall_ESU_R_Free                  ? 
_refine.overall_SU_ML                            ? 
_refine.overall_SU_B                             ? 
_refine.ls_redundancy_reflns_obs                 ? 
_refine.B_iso_min                                ? 
_refine.B_iso_max                                ? 
_refine.overall_SU_R_Cruickshank_DPI             ? 
_refine.overall_SU_R_free                        ? 
_refine.ls_wR_factor_R_free                      ? 
_refine.ls_wR_factor_R_work                      ? 
_refine.overall_FOM_free_R_set                   ? 
_refine.overall_FOM_work_R_set                   ? 
_refine.pdbx_overall_phase_error                 ? 
_refine.pdbx_refine_id                           'X-RAY DIFFRACTION' 
_refine.pdbx_diffrn_id                           1 
_refine.pdbx_TLS_residual_ADP_flag               ? 
_refine.pdbx_overall_SU_R_free_Cruickshank_DPI   ? 
_refine.pdbx_overall_SU_R_Blow_DPI               ? 
_refine.pdbx_overall_SU_R_free_Blow_DPI          ? 
# 
_refine_hist.pdbx_refine_id                   'X-RAY DIFFRACTION' 
_refine_hist.cycle_id                         LAST 
_refine_hist.pdbx_number_atoms_protein        1492 
_refine_hist.pdbx_number_atoms_nucleic_acid   0 
_refine_hist.pdbx_number_atoms_ligand         3 
_refine_hist.number_atoms_solvent             319 
_refine_hist.number_atoms_total               1814 
_refine_hist.d_res_high                       1.2 
_refine_hist.d_res_low                        15.0 
# 
loop_
_refine_ls_restr.type 
_refine_ls_restr.dev_ideal 
_refine_ls_restr.dev_ideal_target 
_refine_ls_restr.weight 
_refine_ls_restr.number 
_refine_ls_restr.pdbx_refine_id 
_refine_ls_restr.pdbx_restraint_function 
c_bond_d    0.004 ? ? ? 'X-RAY DIFFRACTION' ? 
c_angle_deg 1.0   ? ? ? 'X-RAY DIFFRACTION' ? 
# 
_struct.entry_id                  2BBR 
_struct.title                     'Crystal Structure of MC159 Reveals Molecular Mechanism of DISC Assembly and vFLIP Inhibition' 
_struct.pdbx_model_details        ? 
_struct.pdbx_CASP_flag            ? 
_struct.pdbx_model_type_details   ? 
# 
_struct_keywords.entry_id        2BBR 
_struct_keywords.pdbx_keywords   'VIRAL PROTEIN' 
_struct_keywords.text            'VIRAL PROTEIN' 
# 
loop_
_struct_asym.id 
_struct_asym.pdbx_blank_PDB_chainid_flag 
_struct_asym.pdbx_modified 
_struct_asym.entity_id 
_struct_asym.details 
A N N 1 ? 
B N N 2 ? 
C N N 3 ? 
# 
loop_
_struct_conf.conf_type_id 
_struct_conf.id 
_struct_conf.pdbx_PDB_helix_id 
_struct_conf.beg_label_comp_id 
_struct_conf.beg_label_asym_id 
_struct_conf.beg_label_seq_id 
_struct_conf.pdbx_beg_PDB_ins_code 
_struct_conf.end_label_comp_id 
_struct_conf.end_label_asym_id 
_struct_conf.end_label_seq_id 
_struct_conf.pdbx_end_PDB_ins_code 
_struct_conf.beg_auth_comp_id 
_struct_conf.beg_auth_asym_id 
_struct_conf.beg_auth_seq_id 
_struct_conf.end_auth_comp_id 
_struct_conf.end_auth_asym_id 
_struct_conf.end_auth_seq_id 
_struct_conf.pdbx_PDB_helix_class 
_struct_conf.details 
_struct_conf.pdbx_PDB_helix_length 
HELX_P HELX_P1  1  ASP A 3   ? VAL A 7   ? ASP A 3   VAL A 7   5 ? 5  
HELX_P HELX_P2  2  SER A 9   ? GLU A 18  ? SER A 9   GLU A 18  1 ? 10 
HELX_P HELX_P3  3  ASP A 21  ? CYS A 32  ? ASP A 21  CYS A 32  1 ? 12 
HELX_P HELX_P4  4  THR A 41  ? GLN A 52  ? THR A 41  GLN A 52  1 ? 12 
HELX_P HELX_P5  5  THR A 56  ? LEU A 67  ? THR A 56  LEU A 67  1 ? 12 
HELX_P HELX_P6  6  ARG A 69  ? GLY A 78  ? ARG A 69  GLY A 78  1 ? 10 
HELX_P HELX_P7  7  SER A 80  ? GLN A 86  ? SER A 80  GLN A 86  1 ? 7  
HELX_P HELX_P8  8  THR A 94  ? GLU A 105 ? THR A 94  GLU A 105 1 ? 12 
HELX_P HELX_P9  9  ASP A 108 ? ASN A 123 ? ASP A 108 ASN A 123 1 ? 16 
HELX_P HELX_P10 10 PRO A 124 ? LEU A 130 ? PRO A 124 LEU A 130 5 ? 7  
HELX_P HELX_P11 11 ARG A 135 ? VAL A 146 ? ARG A 135 VAL A 146 1 ? 12 
HELX_P HELX_P12 12 VAL A 154 ? LEU A 164 ? VAL A 154 LEU A 164 1 ? 11 
HELX_P HELX_P13 13 ARG A 166 ? LEU A 188 ? ARG A 166 LEU A 188 1 ? 23 
# 
_struct_conf_type.id          HELX_P 
_struct_conf_type.criteria    ? 
_struct_conf_type.reference   ? 
# 
_struct_site.id                   AC1 
_struct_site.pdbx_evidence_code   Software 
_struct_site.pdbx_auth_asym_id    A 
_struct_site.pdbx_auth_comp_id    AZI 
_struct_site.pdbx_auth_seq_id     201 
_struct_site.pdbx_auth_ins_code   ? 
_struct_site.pdbx_num_residues    5 
_struct_site.details              'BINDING SITE FOR RESIDUE AZI A 201' 
# 
loop_
_struct_site_gen.id 
_struct_site_gen.site_id 
_struct_site_gen.pdbx_num_res 
_struct_site_gen.label_comp_id 
_struct_site_gen.label_asym_id 
_struct_site_gen.label_seq_id 
_struct_site_gen.pdbx_auth_ins_code 
_struct_site_gen.auth_comp_id 
_struct_site_gen.auth_asym_id 
_struct_site_gen.auth_seq_id 
_struct_site_gen.label_atom_id 
_struct_site_gen.label_alt_id 
_struct_site_gen.symmetry 
_struct_site_gen.details 
1 AC1 5 LEU A 88  ? LEU A 88  . ? 1_555 ? 
2 AC1 5 ARG A 95  ? ARG A 95  . ? 1_555 ? 
3 AC1 5 LYS A 98  ? LYS A 98  . ? 1_555 ? 
4 AC1 5 ARG A 185 ? ARG A 185 . ? 4_456 ? 
5 AC1 5 TYR A 186 ? TYR A 186 . ? 4_456 ? 
# 
_atom_sites.entry_id                    2BBR 
_atom_sites.fract_transf_matrix[1][1]   -0.02692224 
_atom_sites.fract_transf_matrix[1][2]   0.00955368 
_atom_sites.fract_transf_matrix[1][3]   0.00111843 
_atom_sites.fract_transf_matrix[2][1]   0.00524175 
_atom_sites.fract_transf_matrix[2][2]   0.01494501 
_atom_sites.fract_transf_matrix[2][3]   -0.00148437 
_atom_sites.fract_transf_matrix[3][1]   -0.00089625 
_atom_sites.fract_transf_matrix[3][2]   -0.00098919 
_atom_sites.fract_transf_matrix[3][3]   -0.01312429 
_atom_sites.fract_transf_vector[1]      0.025581 
_atom_sites.fract_transf_vector[2]      0.473280 
_atom_sites.fract_transf_vector[3]      0.398524 
# 
loop_
_atom_type.symbol 
C 
N 
O 
S 
# 
loop_
_atom_site.group_PDB 
_atom_site.id 
_atom_site.type_symbol 
_atom_site.label_atom_id 
_atom_site.label_alt_id 
_atom_site.label_comp_id 
_atom_site.label_asym_id 
_atom_site.label_entity_id 
_atom_site.label_seq_id 
_atom_site.pdbx_PDB_ins_code 
_atom_site.Cartn_x 
_atom_site.Cartn_y 
_atom_site.Cartn_z 
_atom_site.occupancy 
_atom_site.B_iso_or_equiv 
_atom_site.pdbx_formal_charge 
_atom_site.auth_seq_id 
_atom_site.auth_comp_id 
_atom_site.auth_asym_id 
_atom_site.auth_atom_id 
_atom_site.pdbx_PDB_model_num 
ATOM   1    N N   . SER A 1 2   ? 0.194   -15.753 23.697  1.00 22.75 ? 2   SER A N   1 
ATOM   2    C CA  . SER A 1 2   ? 0.779   -15.557 22.340  1.00 24.34 ? 2   SER A CA  1 
ATOM   3    C C   . SER A 1 2   ? 2.303   -15.611 22.392  1.00 23.55 ? 2   SER A C   1 
ATOM   4    O O   . SER A 1 2   ? 2.905   -15.401 23.444  1.00 22.96 ? 2   SER A O   1 
ATOM   5    C CB  . SER A 1 2   ? 0.334   -14.211 21.762  1.00 25.16 ? 2   SER A CB  1 
ATOM   6    O OG  . SER A 1 2   ? -1.072  -14.166 21.590  1.00 30.53 ? 2   SER A OG  1 
ATOM   7    N N   . ASP A 1 3   ? 2.919   -15.897 21.247  1.00 24.02 ? 3   ASP A N   1 
ATOM   8    C CA  . ASP A 1 3   ? 4.372   -15.983 21.148  1.00 25.13 ? 3   ASP A CA  1 
ATOM   9    C C   . ASP A 1 3   ? 4.981   -14.606 20.903  1.00 24.88 ? 3   ASP A C   1 
ATOM   10   O O   . ASP A 1 3   ? 4.862   -14.050 19.811  1.00 24.01 ? 3   ASP A O   1 
ATOM   11   C CB  . ASP A 1 3   ? 4.763   -16.938 20.017  1.00 27.03 ? 3   ASP A CB  1 
ATOM   12   C CG  . ASP A 1 3   ? 6.260   -16.978 19.778  1.00 28.07 ? 3   ASP A CG  1 
ATOM   13   O OD1 . ASP A 1 3   ? 7.017   -17.148 20.756  1.00 30.01 ? 3   ASP A OD1 1 
ATOM   14   O OD2 . ASP A 1 3   ? 6.681   -16.844 18.607  1.00 30.80 ? 3   ASP A OD2 1 
ATOM   15   N N   . SER A 1 4   ? 5.639   -14.064 21.922  1.00 25.23 ? 4   SER A N   1 
ATOM   16   C CA  . SER A 1 4   ? 6.257   -12.745 21.826  1.00 25.97 ? 4   SER A CA  1 
ATOM   17   C C   . SER A 1 4   ? 7.351   -12.686 20.762  1.00 26.26 ? 4   SER A C   1 
ATOM   18   O O   . SER A 1 4   ? 7.693   -11.608 20.275  1.00 25.69 ? 4   SER A O   1 
ATOM   19   C CB  . SER A 1 4   ? 6.846   -12.338 23.180  1.00 26.32 ? 4   SER A CB  1 
ATOM   20   O OG  . SER A 1 4   ? 7.913   -13.192 23.551  1.00 27.95 ? 4   SER A OG  1 
ATOM   21   N N   . LYS A 1 5   ? 7.893   -13.845 20.404  1.00 27.12 ? 5   LYS A N   1 
ATOM   22   C CA  . LYS A 1 5   ? 8.953   -13.916 19.402  1.00 28.52 ? 5   LYS A CA  1 
ATOM   23   C C   . LYS A 1 5   ? 8.537   -13.318 18.061  1.00 28.79 ? 5   LYS A C   1 
ATOM   24   O O   . LYS A 1 5   ? 9.369   -12.770 17.336  1.00 29.52 ? 5   LYS A O   1 
ATOM   25   C CB  . LYS A 1 5   ? 9.388   -15.369 19.190  1.00 29.59 ? 5   LYS A CB  1 
ATOM   26   C CG  . LYS A 1 5   ? 10.435  -15.537 18.098  1.00 30.51 ? 5   LYS A CG  1 
ATOM   27   C CD  . LYS A 1 5   ? 10.756  -16.999 17.837  1.00 31.75 ? 5   LYS A CD  1 
ATOM   28   C CE  . LYS A 1 5   ? 11.759  -17.144 16.702  1.00 31.93 ? 5   LYS A CE  1 
ATOM   29   N NZ  . LYS A 1 5   ? 12.070  -18.571 16.408  1.00 32.60 ? 5   LYS A NZ  1 
ATOM   30   N N   . GLU A 1 6   ? 7.254   -13.425 17.732  1.00 28.65 ? 6   GLU A N   1 
ATOM   31   C CA  . GLU A 1 6   ? 6.747   -12.905 16.468  1.00 27.87 ? 6   GLU A CA  1 
ATOM   32   C C   . GLU A 1 6   ? 6.418   -11.418 16.542  1.00 26.64 ? 6   GLU A C   1 
ATOM   33   O O   . GLU A 1 6   ? 5.907   -10.843 15.580  1.00 25.96 ? 6   GLU A O   1 
ATOM   34   C CB  . GLU A 1 6   ? 5.500   -13.682 16.041  1.00 29.97 ? 6   GLU A CB  1 
ATOM   35   C CG  . GLU A 1 6   ? 4.308   -13.501 16.967  1.00 31.42 ? 6   GLU A CG  1 
ATOM   36   C CD  . GLU A 1 6   ? 3.112   -14.335 16.551  1.00 33.32 ? 6   GLU A CD  1 
ATOM   37   O OE1 . GLU A 1 6   ? 3.240   -15.575 16.506  1.00 33.72 ? 6   GLU A OE1 1 
ATOM   38   O OE2 . GLU A 1 6   ? 2.045   -13.749 16.270  1.00 35.12 ? 6   GLU A OE2 1 
ATOM   39   N N   . VAL A 1 7   ? 6.714   -10.797 17.678  1.00 25.28 ? 7   VAL A N   1 
ATOM   40   C CA  . VAL A 1 7   ? 6.431   -9.379  17.860  1.00 24.24 ? 7   VAL A CA  1 
ATOM   41   C C   . VAL A 1 7   ? 7.674   -8.570  18.225  1.00 24.34 ? 7   VAL A C   1 
ATOM   42   O O   . VAL A 1 7   ? 8.138   -8.605  19.365  1.00 23.28 ? 7   VAL A O   1 
ATOM   43   C CB  . VAL A 1 7   ? 5.371   -9.164  18.965  1.00 23.83 ? 7   VAL A CB  1 
ATOM   44   C CG1 . VAL A 1 7   ? 5.064   -7.685  19.116  1.00 23.57 ? 7   VAL A CG1 1 
ATOM   45   C CG2 . VAL A 1 7   ? 4.111   -9.940  18.630  1.00 23.12 ? 7   VAL A CG2 1 
ATOM   46   N N   . PRO A 1 8   ? 8.238   -7.839  17.251  1.00 24.87 ? 8   PRO A N   1 
ATOM   47   C CA  . PRO A 1 8   ? 9.431   -7.024  17.508  1.00 24.92 ? 8   PRO A CA  1 
ATOM   48   C C   . PRO A 1 8   ? 9.064   -5.863  18.433  1.00 25.22 ? 8   PRO A C   1 
ATOM   49   O O   . PRO A 1 8   ? 7.970   -5.313  18.331  1.00 25.22 ? 8   PRO A O   1 
ATOM   50   C CB  . PRO A 1 8   ? 9.829   -6.545  16.113  1.00 25.95 ? 8   PRO A CB  1 
ATOM   51   C CG  . PRO A 1 8   ? 9.332   -7.648  15.220  1.00 25.39 ? 8   PRO A CG  1 
ATOM   52   C CD  . PRO A 1 8   ? 7.971   -7.925  15.805  1.00 24.46 ? 8   PRO A CD  1 
ATOM   53   N N   . SER A 1 9   ? 9.970   -5.492  19.331  1.00 24.82 ? 9   SER A N   1 
ATOM   54   C CA  . SER A 1 9   ? 9.695   -4.398  20.259  1.00 24.49 ? 9   SER A CA  1 
ATOM   55   C C   . SER A 1 9   ? 9.559   -3.076  19.516  1.00 24.49 ? 9   SER A C   1 
ATOM   56   O O   . SER A 1 9   ? 10.206  -2.864  18.488  1.00 24.05 ? 9   SER A O   1 
ATOM   57   C CB  . SER A 1 9   ? 10.814  -4.275  21.294  1.00 24.38 ? 9   SER A CB  1 
ATOM   58   O OG  . SER A 1 9   ? 11.961  -3.664  20.728  1.00 21.17 ? 9   SER A OG  1 
ATOM   59   N N   . LEU A 1 10  ? 8.721   -2.186  20.040  1.00 24.97 ? 10  LEU A N   1 
ATOM   60   C CA  . LEU A 1 10  ? 8.514   -0.882  19.420  1.00 25.47 ? 10  LEU A CA  1 
ATOM   61   C C   . LEU A 1 10  ? 9.803   -0.072  19.311  1.00 24.76 ? 10  LEU A C   1 
ATOM   62   O O   . LEU A 1 10  ? 10.081  0.512   18.265  1.00 25.66 ? 10  LEU A O   1 
ATOM   63   C CB  . LEU A 1 10  ? 7.462   -0.073  20.189  1.00 26.88 ? 10  LEU A CB  1 
ATOM   64   C CG  . LEU A 1 10  ? 5.994   -0.404  19.906  1.00 27.64 ? 10  LEU A CG  1 
ATOM   65   C CD1 . LEU A 1 10  ? 5.694   -1.840  20.303  1.00 28.47 ? 10  LEU A CD1 1 
ATOM   66   C CD2 . LEU A 1 10  ? 5.102   0.560   20.671  1.00 26.88 ? 10  LEU A CD2 1 
ATOM   67   N N   . PRO A 1 11  ? 10.606  -0.015  20.390  1.00 23.39 ? 11  PRO A N   1 
ATOM   68   C CA  . PRO A 1 11  ? 11.855  0.751   20.324  1.00 22.40 ? 11  PRO A CA  1 
ATOM   69   C C   . PRO A 1 11  ? 12.680  0.349   19.104  1.00 19.47 ? 11  PRO A C   1 
ATOM   70   O O   . PRO A 1 11  ? 13.226  1.197   18.397  1.00 19.77 ? 11  PRO A O   1 
ATOM   71   C CB  . PRO A 1 11  ? 12.543  0.390   21.636  1.00 23.01 ? 11  PRO A CB  1 
ATOM   72   C CG  . PRO A 1 11  ? 11.385  0.219   22.569  1.00 23.90 ? 11  PRO A CG  1 
ATOM   73   C CD  . PRO A 1 11  ? 10.417  -0.591  21.734  1.00 23.48 ? 11  PRO A CD  1 
ATOM   74   N N   . PHE A 1 12  ? 12.760  -0.954  18.870  1.00 18.68 ? 12  PHE A N   1 
ATOM   75   C CA  . PHE A 1 12  ? 13.492  -1.505  17.738  1.00 17.98 ? 12  PHE A CA  1 
ATOM   76   C C   . PHE A 1 12  ? 12.896  -0.945  16.445  1.00 18.46 ? 12  PHE A C   1 
ATOM   77   O O   . PHE A 1 12  ? 13.611  -0.670  15.478  1.00 16.67 ? 12  PHE A O   1 
ATOM   78   C CB  . PHE A 1 12  ? 13.377  -3.031  17.764  1.00 18.03 ? 12  PHE A CB  1 
ATOM   79   C CG  . PHE A 1 12  ? 13.906  -3.712  16.536  1.00 18.24 ? 12  PHE A CG  1 
ATOM   80   C CD1 . PHE A 1 12  ? 15.272  -3.766  16.281  1.00 20.98 ? 12  PHE A CD1 1 
ATOM   81   C CD2 . PHE A 1 12  ? 13.031  -4.322  15.642  1.00 21.87 ? 12  PHE A CD2 1 
ATOM   82   C CE1 . PHE A 1 12  ? 15.759  -4.421  15.152  1.00 22.94 ? 12  PHE A CE1 1 
ATOM   83   C CE2 . PHE A 1 12  ? 13.508  -4.979  14.511  1.00 22.27 ? 12  PHE A CE2 1 
ATOM   84   C CZ  . PHE A 1 12  ? 14.875  -5.028  14.267  1.00 23.19 ? 12  PHE A CZ  1 
ATOM   85   N N   . LEU A 1 13  ? 11.580  -0.759  16.452  1.00 20.69 ? 13  LEU A N   1 
ATOM   86   C CA  . LEU A 1 13  ? 10.849  -0.246  15.298  1.00 22.45 ? 13  LEU A CA  1 
ATOM   87   C C   . LEU A 1 13  ? 11.040  1.254   15.075  1.00 23.25 ? 13  LEU A C   1 
ATOM   88   O O   . LEU A 1 13  ? 11.318  1.682   13.953  1.00 22.41 ? 13  LEU A O   1 
ATOM   89   C CB  . LEU A 1 13  ? 9.362   -0.558  15.460  1.00 24.97 ? 13  LEU A CB  1 
ATOM   90   C CG  . LEU A 1 13  ? 9.076   -2.015  15.828  1.00 26.93 ? 13  LEU A CG  1 
ATOM   91   C CD1 . LEU A 1 13  ? 7.591   -2.206  16.028  1.00 28.35 ? 13  LEU A CD1 1 
ATOM   92   C CD2 . LEU A 1 13  ? 9.596   -2.941  14.741  1.00 26.06 ? 13  LEU A CD2 1 
ATOM   93   N N   . ARG A 1 14  ? 10.881  2.052   16.127  1.00 24.03 ? 14  ARG A N   1 
ATOM   94   C CA  . ARG A 1 14  ? 11.055  3.497   15.996  1.00 23.92 ? 14  ARG A CA  1 
ATOM   95   C C   . ARG A 1 14  ? 12.443  3.809   15.455  1.00 23.08 ? 14  ARG A C   1 
ATOM   96   O O   . ARG A 1 14  ? 12.632  4.771   14.708  1.00 22.85 ? 14  ARG A O   1 
ATOM   97   C CB  . ARG A 1 14  ? 10.857  4.200   17.344  1.00 26.97 ? 14  ARG A CB  1 
ATOM   98   C CG  . ARG A 1 14  ? 9.402   4.455   17.713  1.00 29.98 ? 14  ARG A CG  1 
ATOM   99   C CD  . ARG A 1 14  ? 8.691   3.182   18.138  1.00 33.20 ? 14  ARG A CD  1 
ATOM   100  N NE  . ARG A 1 14  ? 9.164   2.701   19.433  1.00 35.37 ? 14  ARG A NE  1 
ATOM   101  C CZ  . ARG A 1 14  ? 9.019   3.364   20.577  1.00 36.72 ? 14  ARG A CZ  1 
ATOM   102  N NH1 . ARG A 1 14  ? 8.411   4.543   20.594  1.00 37.22 ? 14  ARG A NH1 1 
ATOM   103  N NH2 . ARG A 1 14  ? 9.482   2.845   21.707  1.00 37.41 ? 14  ARG A NH2 1 
ATOM   104  N N   . HIS A 1 15  ? 13.414  2.988   15.832  1.00 20.50 ? 15  HIS A N   1 
ATOM   105  C CA  . HIS A 1 15  ? 14.780  3.172   15.373  1.00 16.86 ? 15  HIS A CA  1 
ATOM   106  C C   . HIS A 1 15  ? 14.842  2.850   13.880  1.00 17.07 ? 15  HIS A C   1 
ATOM   107  O O   . HIS A 1 15  ? 15.518  3.527   13.106  1.00 15.67 ? 15  HIS A O   1 
ATOM   108  C CB  . HIS A 1 15  ? 15.712  2.262   16.175  1.00 16.71 ? 15  HIS A CB  1 
ATOM   109  C CG  . HIS A 1 15  ? 17.149  2.367   15.780  1.00 14.04 ? 15  HIS A CG  1 
ATOM   110  N ND1 . HIS A 1 15  ? 17.742  1.495   14.895  1.00 14.52 ? 15  HIS A ND1 1 
ATOM   111  C CD2 . HIS A 1 15  ? 18.113  3.244   16.150  1.00 14.98 ? 15  HIS A CD2 1 
ATOM   112  C CE1 . HIS A 1 15  ? 19.011  1.825   14.740  1.00 15.30 ? 15  HIS A CE1 1 
ATOM   113  N NE2 . HIS A 1 15  ? 19.261  2.883   15.490  1.00 16.05 ? 15  HIS A NE2 1 
ATOM   114  N N   . LEU A 1 16  ? 14.121  1.812   13.479  1.00 17.61 ? 16  LEU A N   1 
ATOM   115  C CA  . LEU A 1 16  ? 14.074  1.421   12.078  1.00 19.00 ? 16  LEU A CA  1 
ATOM   116  C C   . LEU A 1 16  ? 13.483  2.554   11.231  1.00 18.56 ? 16  LEU A C   1 
ATOM   117  O O   . LEU A 1 16  ? 13.936  2.804   10.114  1.00 18.07 ? 16  LEU A O   1 
ATOM   118  C CB  . LEU A 1 16  ? 13.228  0.153   11.924  1.00 20.75 ? 16  LEU A CB  1 
ATOM   119  C CG  . LEU A 1 16  ? 12.956  -0.352  10.505  1.00 21.05 ? 16  LEU A CG  1 
ATOM   120  C CD1 . LEU A 1 16  ? 14.266  -0.599  9.781   1.00 23.16 ? 16  LEU A CD1 1 
ATOM   121  C CD2 . LEU A 1 16  ? 12.128  -1.626  10.566  1.00 22.72 ? 16  LEU A CD2 1 
ATOM   122  N N   . LEU A 1 17  ? 12.485  3.246   11.775  1.00 17.86 ? 17  LEU A N   1 
ATOM   123  C CA  . LEU A 1 17  ? 11.822  4.337   11.061  1.00 19.36 ? 17  LEU A CA  1 
ATOM   124  C C   . LEU A 1 17  ? 12.723  5.512   10.697  1.00 19.53 ? 17  LEU A C   1 
ATOM   125  O O   . LEU A 1 17  ? 12.436  6.248   9.751   1.00 19.38 ? 17  LEU A O   1 
ATOM   126  C CB  . LEU A 1 17  ? 10.634  4.857   11.873  1.00 21.33 ? 17  LEU A CB  1 
ATOM   127  C CG  . LEU A 1 17  ? 9.437   3.919   12.033  1.00 21.55 ? 17  LEU A CG  1 
ATOM   128  C CD1 . LEU A 1 17  ? 8.359   4.611   12.855  1.00 23.83 ? 17  LEU A CD1 1 
ATOM   129  C CD2 . LEU A 1 17  ? 8.900   3.530   10.663  1.00 23.03 ? 17  LEU A CD2 1 
ATOM   130  N N   . GLU A 1 18  ? 13.800  5.698   11.448  1.00 19.32 ? 18  GLU A N   1 
ATOM   131  C CA  . GLU A 1 18  ? 14.727  6.790   11.179  1.00 19.53 ? 18  GLU A CA  1 
ATOM   132  C C   . GLU A 1 18  ? 15.415  6.574   9.838   1.00 18.57 ? 18  GLU A C   1 
ATOM   133  O O   . GLU A 1 18  ? 16.089  7.468   9.322   1.00 18.29 ? 18  GLU A O   1 
ATOM   134  C CB  . GLU A 1 18  ? 15.776  6.876   12.289  1.00 22.85 ? 18  GLU A CB  1 
ATOM   135  C CG  . GLU A 1 18  ? 15.208  7.235   13.652  1.00 26.75 ? 18  GLU A CG  1 
ATOM   136  C CD  . GLU A 1 18  ? 16.252  7.188   14.749  1.00 29.82 ? 18  GLU A CD  1 
ATOM   137  O OE1 . GLU A 1 18  ? 17.284  7.881   14.622  1.00 32.65 ? 18  GLU A OE1 1 
ATOM   138  O OE2 . GLU A 1 18  ? 16.039  6.458   15.741  1.00 31.81 ? 18  GLU A OE2 1 
ATOM   139  N N   . GLU A 1 19  ? 15.237  5.385   9.272   1.00 16.75 ? 19  GLU A N   1 
ATOM   140  C CA  . GLU A 1 19  ? 15.858  5.057   7.998   1.00 15.48 ? 19  GLU A CA  1 
ATOM   141  C C   . GLU A 1 19  ? 14.974  5.345   6.793   1.00 14.84 ? 19  GLU A C   1 
ATOM   142  O O   . GLU A 1 19  ? 15.429  5.249   5.660   1.00 14.91 ? 19  GLU A O   1 
ATOM   143  C CB  . GLU A 1 19  ? 16.272  3.583   7.981   1.00 16.11 ? 19  GLU A CB  1 
ATOM   144  C CG  . GLU A 1 19  ? 17.290  3.220   9.052   1.00 19.96 ? 19  GLU A CG  1 
ATOM   145  C CD  . GLU A 1 19  ? 18.550  4.058   8.957   1.00 23.38 ? 19  GLU A CD  1 
ATOM   146  O OE1 . GLU A 1 19  ? 19.214  4.017   7.899   1.00 25.45 ? 19  GLU A OE1 1 
ATOM   147  O OE2 . GLU A 1 19  ? 18.875  4.759   9.938   1.00 25.48 ? 19  GLU A OE2 1 
ATOM   148  N N   . LEU A 1 20  ? 13.717  5.701   7.036   1.00 14.42 ? 20  LEU A N   1 
ATOM   149  C CA  . LEU A 1 20  ? 12.786  5.979   5.949   1.00 15.31 ? 20  LEU A CA  1 
ATOM   150  C C   . LEU A 1 20  ? 12.625  7.475   5.723   1.00 14.81 ? 20  LEU A C   1 
ATOM   151  O O   . LEU A 1 20  ? 12.700  8.263   6.664   1.00 17.39 ? 20  LEU A O   1 
ATOM   152  C CB  . LEU A 1 20  ? 11.421  5.365   6.265   1.00 15.14 ? 20  LEU A CB  1 
ATOM   153  C CG  . LEU A 1 20  ? 11.408  3.883   6.646   1.00 17.91 ? 20  LEU A CG  1 
ATOM   154  C CD1 . LEU A 1 20  ? 9.992   3.470   6.992   1.00 19.56 ? 20  LEU A CD1 1 
ATOM   155  C CD2 . LEU A 1 20  ? 11.949  3.038   5.505   1.00 18.94 ? 20  LEU A CD2 1 
ATOM   156  N N   . ASP A 1 21  ? 12.402  7.865   4.471   1.00 15.84 ? 21  ASP A N   1 
ATOM   157  C CA  . ASP A 1 21  ? 12.209  9.273   4.152   1.00 15.78 ? 21  ASP A CA  1 
ATOM   158  C C   . ASP A 1 21  ? 10.713  9.565   4.125   1.00 15.93 ? 21  ASP A C   1 
ATOM   159  O O   . ASP A 1 21  ? 9.900   8.674   4.376   1.00 14.62 ? 21  ASP A O   1 
ATOM   160  C CB  . ASP A 1 21  ? 12.880  9.631   2.815   1.00 16.83 ? 21  ASP A CB  1 
ATOM   161  C CG  . ASP A 1 21  ? 12.253  8.931   1.622   1.00 17.77 ? 21  ASP A CG  1 
ATOM   162  O OD1 . ASP A 1 21  ? 12.929  8.849   0.574   1.00 19.55 ? 21  ASP A OD1 1 
ATOM   163  O OD2 . ASP A 1 21  ? 11.093  8.478   1.714   1.00 17.63 ? 21  ASP A OD2 1 
ATOM   164  N N   . SER A 1 22  ? 10.348  10.808  3.827   1.00 15.94 ? 22  SER A N   1 
ATOM   165  C CA  . SER A 1 22  ? 8.943   11.201  3.809   1.00 15.80 ? 22  SER A CA  1 
ATOM   166  C C   . SER A 1 22  ? 8.073   10.431  2.824   1.00 14.36 ? 22  SER A C   1 
ATOM   167  O O   . SER A 1 22  ? 6.905   10.169  3.106   1.00 14.31 ? 22  SER A O   1 
ATOM   168  C CB  . SER A 1 22  ? 8.822   12.704  3.541   1.00 18.58 ? 22  SER A CB  1 
ATOM   169  O OG  . SER A 1 22  ? 9.388   13.454  4.600   1.00 24.16 ? 22  SER A OG  1 
ATOM   170  N N   . HIS A 1 23  ? 8.623   10.078  1.669   1.00 13.61 ? 23  HIS A N   1 
ATOM   171  C CA  . HIS A 1 23  ? 7.839   9.334   0.692   1.00 13.65 ? 23  HIS A CA  1 
ATOM   172  C C   . HIS A 1 23  ? 7.530   7.947   1.250   1.00 11.95 ? 23  HIS A C   1 
ATOM   173  O O   . HIS A 1 23  ? 6.388   7.488   1.217   1.00 11.88 ? 23  HIS A O   1 
ATOM   174  C CB  . HIS A 1 23  ? 8.595   9.198   -0.628  1.00 14.84 ? 23  HIS A CB  1 
ATOM   175  C CG  . HIS A 1 23  ? 7.798   8.533   -1.706  1.00 14.63 ? 23  HIS A CG  1 
ATOM   176  N ND1 . HIS A 1 23  ? 6.716   9.137   -2.312  1.00 16.52 ? 23  HIS A ND1 1 
ATOM   177  C CD2 . HIS A 1 23  ? 7.900   7.302   -2.261  1.00 14.18 ? 23  HIS A CD2 1 
ATOM   178  C CE1 . HIS A 1 23  ? 6.189   8.307   -3.193  1.00 16.94 ? 23  HIS A CE1 1 
ATOM   179  N NE2 . HIS A 1 23  ? 6.889   7.187   -3.183  1.00 15.05 ? 23  HIS A NE2 1 
ATOM   180  N N   . GLU A 1 24  ? 8.555   7.283   1.774   1.00 11.85 ? 24  GLU A N   1 
ATOM   181  C CA  . GLU A 1 24  ? 8.382   5.957   2.346   1.00 11.72 ? 24  GLU A CA  1 
ATOM   182  C C   . GLU A 1 24  ? 7.397   5.990   3.511   1.00 11.47 ? 24  GLU A C   1 
ATOM   183  O O   . GLU A 1 24  ? 6.599   5.067   3.670   1.00 11.26 ? 24  GLU A O   1 
ATOM   184  C CB  . GLU A 1 24  ? 9.735   5.402   2.792   1.00 13.76 ? 24  GLU A CB  1 
ATOM   185  C CG  . GLU A 1 24  ? 10.697  5.194   1.635   1.00 15.36 ? 24  GLU A CG  1 
ATOM   186  C CD  . GLU A 1 24  ? 12.108  4.879   2.085   1.00 14.55 ? 24  GLU A CD  1 
ATOM   187  O OE1 . GLU A 1 24  ? 12.663  5.663   2.879   1.00 15.76 ? 24  GLU A OE1 1 
ATOM   188  O OE2 . GLU A 1 24  ? 12.661  3.854   1.638   1.00 17.83 ? 24  GLU A OE2 1 
ATOM   189  N N   . ASP A 1 25  ? 7.437   7.052   4.313   1.00 11.97 ? 25  ASP A N   1 
ATOM   190  C CA  . ASP A 1 25  ? 6.510   7.183   5.435   1.00 12.11 ? 25  ASP A CA  1 
ATOM   191  C C   . ASP A 1 25  ? 5.076   7.193   4.912   1.00 11.82 ? 25  ASP A C   1 
ATOM   192  O O   . ASP A 1 25  ? 4.194   6.549   5.480   1.00 12.43 ? 25  ASP A O   1 
ATOM   193  C CB  . ASP A 1 25  ? 6.741   8.491   6.208   1.00 14.97 ? 25  ASP A CB  1 
ATOM   194  C CG  . ASP A 1 25  ? 8.051   8.512   6.966   1.00 16.04 ? 25  ASP A CG  1 
ATOM   195  O OD1 . ASP A 1 25  ? 8.566   7.428   7.312   1.00 15.48 ? 25  ASP A OD1 1 
ATOM   196  O OD2 . ASP A 1 25  ? 8.554   9.626   7.233   1.00 19.25 ? 25  ASP A OD2 1 
ATOM   197  N N   . SER A 1 26  ? 4.848   7.940   3.835   1.00 12.09 ? 26  SER A N   1 
ATOM   198  C CA  . SER A 1 26  ? 3.521   8.038   3.242   1.00 12.65 ? 26  SER A CA  1 
ATOM   199  C C   . SER A 1 26  ? 3.041   6.676   2.750   1.00 11.34 ? 26  SER A C   1 
ATOM   200  O O   . SER A 1 26  ? 1.872   6.329   2.904   1.00 11.18 ? 26  SER A O   1 
ATOM   201  C CB  . SER A 1 26  ? 3.540   9.038   2.082   1.00 14.31 ? 26  SER A CB  1 
ATOM   202  O OG  . SER A 1 26  ? 2.262   9.156   1.484   1.00 20.50 ? 26  SER A OG  1 
ATOM   203  N N   . LEU A 1 27  ? 3.944   5.911   2.150   1.00 10.94 ? 27  LEU A N   1 
ATOM   204  C CA  . LEU A 1 27  ? 3.584   4.591   1.656   1.00 10.09 ? 27  LEU A CA  1 
ATOM   205  C C   . LEU A 1 27  ? 3.190   3.670   2.806   1.00 9.78  ? 27  LEU A C   1 
ATOM   206  O O   . LEU A 1 27  ? 2.220   2.923   2.702   1.00 9.92  ? 27  LEU A O   1 
ATOM   207  C CB  . LEU A 1 27  ? 4.740   3.974   0.861   1.00 11.42 ? 27  LEU A CB  1 
ATOM   208  C CG  . LEU A 1 27  ? 5.201   4.768   -0.364  1.00 12.41 ? 27  LEU A CG  1 
ATOM   209  C CD1 . LEU A 1 27  ? 6.303   4.013   -1.085  1.00 13.15 ? 27  LEU A CD1 1 
ATOM   210  C CD2 . LEU A 1 27  ? 4.026   5.002   -1.298  1.00 13.99 ? 27  LEU A CD2 1 
ATOM   211  N N   . LEU A 1 28  ? 3.937   3.720   3.905   1.00 10.05 ? 28  LEU A N   1 
ATOM   212  C CA  . LEU A 1 28  ? 3.610   2.874   5.042   1.00 10.30 ? 28  LEU A CA  1 
ATOM   213  C C   . LEU A 1 28  ? 2.287   3.295   5.662   1.00 10.07 ? 28  LEU A C   1 
ATOM   214  O O   . LEU A 1 28  ? 1.478   2.450   6.040   1.00 10.49 ? 28  LEU A O   1 
ATOM   215  C CB  . LEU A 1 28  ? 4.722   2.917   6.090   1.00 13.49 ? 28  LEU A CB  1 
ATOM   216  C CG  . LEU A 1 28  ? 6.053   2.284   5.679   1.00 15.21 ? 28  LEU A CG  1 
ATOM   217  C CD1 . LEU A 1 28  ? 6.955   2.182   6.899   1.00 17.56 ? 28  LEU A CD1 1 
ATOM   218  C CD2 . LEU A 1 28  ? 5.813   0.898   5.090   1.00 16.74 ? 28  LEU A CD2 1 
ATOM   219  N N   . LEU A 1 29  ? 2.058   4.599   5.772   1.00 10.59 ? 29  LEU A N   1 
ATOM   220  C CA  . LEU A 1 29  ? 0.800   5.072   6.333   1.00 10.67 ? 29  LEU A CA  1 
ATOM   221  C C   . LEU A 1 29  ? -0.362  4.564   5.482   1.00 10.42 ? 29  LEU A C   1 
ATOM   222  O O   . LEU A 1 29  ? -1.404  4.181   6.007   1.00 11.34 ? 29  LEU A O   1 
ATOM   223  C CB  . LEU A 1 29  ? 0.779   6.601   6.410   1.00 12.94 ? 29  LEU A CB  1 
ATOM   224  C CG  . LEU A 1 29  ? 1.553   7.217   7.578   1.00 16.78 ? 29  LEU A CG  1 
ATOM   225  C CD1 . LEU A 1 29  ? 1.523   8.729   7.472   1.00 19.75 ? 29  LEU A CD1 1 
ATOM   226  C CD2 . LEU A 1 29  ? 0.936   6.766   8.896   1.00 18.88 ? 29  LEU A CD2 1 
ATOM   227  N N   . PHE A 1 30  ? -0.177  4.551   4.166   1.00 10.55 ? 30  PHE A N   1 
ATOM   228  C CA  . PHE A 1 30  ? -1.211  4.060   3.261   1.00 10.31 ? 30  PHE A CA  1 
ATOM   229  C C   . PHE A 1 30  ? -1.443  2.565   3.501   1.00 9.82  ? 30  PHE A C   1 
ATOM   230  O O   . PHE A 1 30  ? -2.584  2.105   3.571   1.00 10.08 ? 30  PHE A O   1 
ATOM   231  C CB  . PHE A 1 30  ? -0.792  4.302   1.811   1.00 10.78 ? 30  PHE A CB  1 
ATOM   232  C CG  . PHE A 1 30  ? -1.709  3.676   0.800   1.00 9.14  ? 30  PHE A CG  1 
ATOM   233  C CD1 . PHE A 1 30  ? -2.873  4.319   0.387   1.00 9.15  ? 30  PHE A CD1 1 
ATOM   234  C CD2 . PHE A 1 30  ? -1.408  2.434   0.259   1.00 9.20  ? 30  PHE A CD2 1 
ATOM   235  C CE1 . PHE A 1 30  ? -3.723  3.725   -0.558  1.00 10.12 ? 30  PHE A CE1 1 
ATOM   236  C CE2 . PHE A 1 30  ? -2.246  1.839   -0.676  1.00 10.20 ? 30  PHE A CE2 1 
ATOM   237  C CZ  . PHE A 1 30  ? -3.405  2.484   -1.088  1.00 9.39  ? 30  PHE A CZ  1 
ATOM   238  N N   . LEU A 1 31  ? -0.359  1.808   3.638   1.00 9.08  ? 31  LEU A N   1 
ATOM   239  C CA  . LEU A 1 31  ? -0.476  0.372   3.881   1.00 9.29  ? 31  LEU A CA  1 
ATOM   240  C C   . LEU A 1 31  ? -1.247  0.085   5.166   1.00 8.61  ? 31  LEU A C   1 
ATOM   241  O O   . LEU A 1 31  ? -1.924  -0.942  5.281   1.00 9.57  ? 31  LEU A O   1 
ATOM   242  C CB  . LEU A 1 31  ? 0.912   -0.273  3.974   1.00 9.67  ? 31  LEU A CB  1 
ATOM   243  C CG  . LEU A 1 31  ? 1.712   -0.432  2.680   1.00 9.75  ? 31  LEU A CG  1 
ATOM   244  C CD1 . LEU A 1 31  ? 3.076   -1.023  3.003   1.00 11.06 ? 31  LEU A CD1 1 
ATOM   245  C CD2 . LEU A 1 31  ? 0.956   -1.328  1.701   1.00 10.37 ? 31  LEU A CD2 1 
ATOM   246  N N   . CYS A 1 32  ? -1.142  1.001   6.127   1.00 9.46  ? 32  CYS A N   1 
ATOM   247  C CA  . CYS A 1 32  ? -1.810  0.860   7.419   1.00 10.32 ? 32  CYS A CA  1 
ATOM   248  C C   . CYS A 1 32  ? -3.150  1.581   7.478   1.00 10.91 ? 32  CYS A C   1 
ATOM   249  O O   . CYS A 1 32  ? -3.742  1.689   8.549   1.00 12.03 ? 32  CYS A O   1 
ATOM   250  C CB  . CYS A 1 32  ? -0.923  1.421   8.535   1.00 11.43 ? 32  CYS A CB  1 
ATOM   251  S SG  . CYS A 1 32  ? 0.672   0.617   8.729   1.00 12.77 ? 32  CYS A SG  1 
ATOM   252  N N   . HIS A 1 33  ? -3.636  2.054   6.335   1.00 11.22 ? 33  HIS A N   1 
ATOM   253  C CA  . HIS A 1 33  ? -4.884  2.810   6.295   1.00 11.06 ? 33  HIS A CA  1 
ATOM   254  C C   . HIS A 1 33  ? -6.104  2.154   6.942   1.00 12.66 ? 33  HIS A C   1 
ATOM   255  O O   . HIS A 1 33  ? -6.850  2.820   7.661   1.00 13.93 ? 33  HIS A O   1 
ATOM   256  C CB  . HIS A 1 33  ? -5.218  3.179   4.850   1.00 10.33 ? 33  HIS A CB  1 
ATOM   257  C CG  . HIS A 1 33  ? -6.337  4.167   4.722   1.00 10.91 ? 33  HIS A CG  1 
ATOM   258  N ND1 . HIS A 1 33  ? -6.205  5.495   5.062   1.00 12.74 ? 33  HIS A ND1 1 
ATOM   259  C CD2 . HIS A 1 33  ? -7.617  4.010   4.305   1.00 11.25 ? 33  HIS A CD2 1 
ATOM   260  C CE1 . HIS A 1 33  ? -7.355  6.115   4.863   1.00 12.59 ? 33  HIS A CE1 1 
ATOM   261  N NE2 . HIS A 1 33  ? -8.228  5.236   4.403   1.00 11.54 ? 33  HIS A NE2 1 
ATOM   262  N N   . ASP A 1 34  ? -6.315  0.868   6.690   1.00 11.64 ? 34  ASP A N   1 
ATOM   263  C CA  . ASP A 1 34  ? -7.466  0.166   7.253   1.00 13.50 ? 34  ASP A CA  1 
ATOM   264  C C   . ASP A 1 34  ? -7.304  -0.183  8.726   1.00 12.94 ? 34  ASP A C   1 
ATOM   265  O O   . ASP A 1 34  ? -8.245  -0.055  9.511   1.00 14.83 ? 34  ASP A O   1 
ATOM   266  C CB  . ASP A 1 34  ? -7.736  -1.122  6.478   1.00 14.02 ? 34  ASP A CB  1 
ATOM   267  C CG  . ASP A 1 34  ? -7.899  -0.886  4.996   1.00 16.28 ? 34  ASP A CG  1 
ATOM   268  O OD1 . ASP A 1 34  ? -8.747  -0.051  4.618   1.00 16.89 ? 34  ASP A OD1 1 
ATOM   269  O OD2 . ASP A 1 34  ? -7.181  -1.538  4.212   1.00 15.10 ? 34  ASP A OD2 1 
ATOM   270  N N   . ALA A 1 35  ? -6.109  -0.626  9.103   1.00 14.28 ? 35  ALA A N   1 
ATOM   271  C CA  . ALA A 1 35  ? -5.847  -1.024  10.482  1.00 16.74 ? 35  ALA A CA  1 
ATOM   272  C C   . ALA A 1 35  ? -5.598  0.134   11.444  1.00 19.01 ? 35  ALA A C   1 
ATOM   273  O O   . ALA A 1 35  ? -5.997  0.072   12.608  1.00 20.76 ? 35  ALA A O   1 
ATOM   274  C CB  . ALA A 1 35  ? -4.669  -1.988  10.520  1.00 17.78 ? 35  ALA A CB  1 
ATOM   275  N N   . ALA A 1 36  ? -4.942  1.183   10.963  1.00 20.79 ? 36  ALA A N   1 
ATOM   276  C CA  . ALA A 1 36  ? -4.633  2.339   11.801  1.00 22.61 ? 36  ALA A CA  1 
ATOM   277  C C   . ALA A 1 36  ? -5.335  3.598   11.306  1.00 23.99 ? 36  ALA A C   1 
ATOM   278  O O   . ALA A 1 36  ? -4.711  4.474   10.709  1.00 24.77 ? 36  ALA A O   1 
ATOM   279  C CB  . ALA A 1 36  ? -3.127  2.560   11.842  1.00 22.48 ? 36  ALA A CB  1 
ATOM   280  N N   . PRO A 1 37  ? -6.648  3.707   11.563  1.00 26.06 ? 37  PRO A N   1 
ATOM   281  C CA  . PRO A 1 37  ? -7.451  4.858   11.146  1.00 27.20 ? 37  PRO A CA  1 
ATOM   282  C C   . PRO A 1 37  ? -7.142  6.139   11.916  1.00 27.43 ? 37  PRO A C   1 
ATOM   283  O O   . PRO A 1 37  ? -6.894  6.107   13.121  1.00 27.95 ? 37  PRO A O   1 
ATOM   284  C CB  . PRO A 1 37  ? -8.876  4.376   11.382  1.00 27.56 ? 37  PRO A CB  1 
ATOM   285  C CG  . PRO A 1 37  ? -8.724  3.533   12.606  1.00 27.10 ? 37  PRO A CG  1 
ATOM   286  C CD  . PRO A 1 37  ? -7.479  2.730   12.289  1.00 26.07 ? 37  PRO A CD  1 
ATOM   287  N N   . GLY A 1 38  ? -7.156  7.263   11.206  1.00 28.12 ? 38  GLY A N   1 
ATOM   288  C CA  . GLY A 1 38  ? -6.904  8.550   11.831  1.00 27.94 ? 38  GLY A CA  1 
ATOM   289  C C   . GLY A 1 38  ? -5.450  8.935   12.031  1.00 27.70 ? 38  GLY A C   1 
ATOM   290  O O   . GLY A 1 38  ? -5.151  10.099  12.299  1.00 28.36 ? 38  GLY A O   1 
ATOM   291  N N   . CYS A 1 39  ? -4.544  7.972   11.902  1.00 27.71 ? 39  CYS A N   1 
ATOM   292  C CA  . CYS A 1 39  ? -3.123  8.245   12.087  1.00 27.40 ? 39  CYS A CA  1 
ATOM   293  C C   . CYS A 1 39  ? -2.553  9.181   11.028  1.00 28.26 ? 39  CYS A C   1 
ATOM   294  O O   . CYS A 1 39  ? -2.971  9.159   9.871   1.00 29.29 ? 39  CYS A O   1 
ATOM   295  C CB  . CYS A 1 39  ? -2.336  6.935   12.097  1.00 26.03 ? 39  CYS A CB  1 
ATOM   296  S SG  . CYS A 1 39  ? -2.717  5.884   13.509  1.00 23.59 ? 39  CYS A SG  1 
ATOM   297  N N   . THR A 1 40  ? -1.590  9.999   11.440  1.00 28.80 ? 40  THR A N   1 
ATOM   298  C CA  . THR A 1 40  ? -0.950  10.951  10.543  1.00 29.50 ? 40  THR A CA  1 
ATOM   299  C C   . THR A 1 40  ? 0.561   10.738  10.492  1.00 29.48 ? 40  THR A C   1 
ATOM   300  O O   . THR A 1 40  ? 1.230   11.202  9.569   1.00 30.69 ? 40  THR A O   1 
ATOM   301  C CB  . THR A 1 40  ? -1.236  12.401  10.982  1.00 29.87 ? 40  THR A CB  1 
ATOM   302  O OG1 . THR A 1 40  ? -0.813  12.586  12.338  1.00 29.96 ? 40  THR A OG1 1 
ATOM   303  C CG2 . THR A 1 40  ? -2.723  12.701  10.876  1.00 29.26 ? 40  THR A CG2 1 
ATOM   304  N N   . THR A 1 41  ? 1.093   10.036  11.490  1.00 28.78 ? 41  THR A N   1 
ATOM   305  C CA  . THR A 1 41  ? 2.523   9.752   11.549  1.00 28.08 ? 41  THR A CA  1 
ATOM   306  C C   . THR A 1 41  ? 2.746   8.243   11.588  1.00 27.03 ? 41  THR A C   1 
ATOM   307  O O   . THR A 1 41  ? 1.895   7.495   12.070  1.00 25.52 ? 41  THR A O   1 
ATOM   308  C CB  . THR A 1 41  ? 3.172   10.373  12.803  1.00 28.97 ? 41  THR A CB  1 
ATOM   309  O OG1 . THR A 1 41  ? 2.657   9.731   13.976  1.00 29.86 ? 41  THR A OG1 1 
ATOM   310  C CG2 . THR A 1 41  ? 2.871   11.862  12.876  1.00 29.80 ? 41  THR A CG2 1 
ATOM   311  N N   . VAL A 1 42  ? 3.891   7.798   11.081  1.00 26.57 ? 42  VAL A N   1 
ATOM   312  C CA  . VAL A 1 42  ? 4.204   6.375   11.065  1.00 26.86 ? 42  VAL A CA  1 
ATOM   313  C C   . VAL A 1 42  ? 4.265   5.818   12.484  1.00 26.35 ? 42  VAL A C   1 
ATOM   314  O O   . VAL A 1 42  ? 3.870   4.679   12.730  1.00 25.74 ? 42  VAL A O   1 
ATOM   315  C CB  . VAL A 1 42  ? 5.550   6.106   10.365  1.00 27.50 ? 42  VAL A CB  1 
ATOM   316  C CG1 . VAL A 1 42  ? 5.798   4.609   10.277  1.00 29.20 ? 42  VAL A CG1 1 
ATOM   317  C CG2 . VAL A 1 42  ? 5.543   6.722   8.978   1.00 28.26 ? 42  VAL A CG2 1 
ATOM   318  N N   . THR A 1 43  ? 4.760   6.628   13.414  1.00 25.94 ? 43  THR A N   1 
ATOM   319  C CA  . THR A 1 43  ? 4.856   6.209   14.806  1.00 25.32 ? 43  THR A CA  1 
ATOM   320  C C   . THR A 1 43  ? 3.474   5.832   15.327  1.00 24.25 ? 43  THR A C   1 
ATOM   321  O O   . THR A 1 43  ? 3.306   4.795   15.968  1.00 23.05 ? 43  THR A O   1 
ATOM   322  C CB  . THR A 1 43  ? 5.444   7.332   15.689  1.00 26.21 ? 43  THR A CB  1 
ATOM   323  O OG1 . THR A 1 43  ? 6.792   7.602   15.284  1.00 28.53 ? 43  THR A OG1 1 
ATOM   324  C CG2 . THR A 1 43  ? 5.435   6.923   17.155  1.00 26.86 ? 43  THR A CG2 1 
ATOM   325  N N   . GLN A 1 44  ? 2.484   6.675   15.044  1.00 22.19 ? 44  GLN A N   1 
ATOM   326  C CA  . GLN A 1 44  ? 1.118   6.411   15.486  1.00 20.64 ? 44  GLN A CA  1 
ATOM   327  C C   . GLN A 1 44  ? 0.608   5.110   14.890  1.00 18.42 ? 44  GLN A C   1 
ATOM   328  O O   . GLN A 1 44  ? 0.016   4.289   15.586  1.00 17.88 ? 44  GLN A O   1 
ATOM   329  C CB  . GLN A 1 44  ? 0.178   7.539   15.064  1.00 21.77 ? 44  GLN A CB  1 
ATOM   330  C CG  . GLN A 1 44  ? 0.458   8.880   15.704  1.00 23.25 ? 44  GLN A CG  1 
ATOM   331  C CD  . GLN A 1 44  ? -0.589  9.910   15.339  1.00 23.98 ? 44  GLN A CD  1 
ATOM   332  O OE1 . GLN A 1 44  ? -0.916  10.089  14.165  1.00 25.39 ? 44  GLN A OE1 1 
ATOM   333  N NE2 . GLN A 1 44  ? -1.121  10.597  16.344  1.00 25.37 ? 44  GLN A NE2 1 
ATOM   334  N N   . ALA A 1 45  ? 0.834   4.931   13.593  1.00 17.83 ? 45  ALA A N   1 
ATOM   335  C CA  . ALA A 1 45  ? 0.387   3.727   12.907  1.00 18.42 ? 45  ALA A CA  1 
ATOM   336  C C   . ALA A 1 45  ? 0.974   2.473   13.546  1.00 18.17 ? 45  ALA A C   1 
ATOM   337  O O   . ALA A 1 45  ? 0.255   1.510   13.804  1.00 17.61 ? 45  ALA A O   1 
ATOM   338  C CB  . ALA A 1 45  ? 0.766   3.797   11.433  1.00 17.95 ? 45  ALA A CB  1 
ATOM   339  N N   . LEU A 1 46  ? 2.278   2.487   13.809  1.00 19.64 ? 46  LEU A N   1 
ATOM   340  C CA  . LEU A 1 46  ? 2.934   1.337   14.423  1.00 20.98 ? 46  LEU A CA  1 
ATOM   341  C C   . LEU A 1 46  ? 2.380   1.062   15.815  1.00 20.46 ? 46  LEU A C   1 
ATOM   342  O O   . LEU A 1 46  ? 2.164   -0.091  16.187  1.00 19.26 ? 46  LEU A O   1 
ATOM   343  C CB  . LEU A 1 46  ? 4.447   1.560   14.504  1.00 23.53 ? 46  LEU A CB  1 
ATOM   344  C CG  . LEU A 1 46  ? 5.189   1.660   13.170  1.00 25.82 ? 46  LEU A CG  1 
ATOM   345  C CD1 . LEU A 1 46  ? 6.680   1.793   13.432  1.00 27.33 ? 46  LEU A CD1 1 
ATOM   346  C CD2 . LEU A 1 46  ? 4.911   0.425   12.327  1.00 26.46 ? 46  LEU A CD2 1 
ATOM   347  N N   . CYS A 1 47  ? 2.157   2.119   16.586  1.00 19.92 ? 47  CYS A N   1 
ATOM   348  C CA  . CYS A 1 47  ? 1.616   1.962   17.930  1.00 19.45 ? 47  CYS A CA  1 
ATOM   349  C C   . CYS A 1 47  ? 0.234   1.329   17.843  1.00 17.95 ? 47  CYS A C   1 
ATOM   350  O O   . CYS A 1 47  ? -0.109  0.449   18.630  1.00 16.11 ? 47  CYS A O   1 
ATOM   351  C CB  . CYS A 1 47  ? 1.531   3.318   18.634  1.00 21.86 ? 47  CYS A CB  1 
ATOM   352  S SG  . CYS A 1 47  ? 3.139   4.096   18.955  1.00 29.48 ? 47  CYS A SG  1 
ATOM   353  N N   . SER A 1 48  ? -0.559  1.779   16.876  1.00 15.99 ? 48  SER A N   1 
ATOM   354  C CA  . SER A 1 48  ? -1.896  1.239   16.691  1.00 15.23 ? 48  SER A CA  1 
ATOM   355  C C   . SER A 1 48  ? -1.823  -0.245  16.336  1.00 13.90 ? 48  SER A C   1 
ATOM   356  O O   . SER A 1 48  ? -2.593  -1.053  16.853  1.00 13.91 ? 48  SER A O   1 
ATOM   357  C CB  . SER A 1 48  ? -2.627  1.999   15.587  1.00 16.39 ? 48  SER A CB  1 
ATOM   358  O OG  . SER A 1 48  ? -3.945  1.507   15.443  1.00 16.40 ? 48  SER A OG  1 
ATOM   359  N N   . LEU A 1 49  ? -0.898  -0.604  15.449  1.00 13.66 ? 49  LEU A N   1 
ATOM   360  C CA  . LEU A 1 49  ? -0.747  -2.000  15.063  1.00 13.68 ? 49  LEU A CA  1 
ATOM   361  C C   . LEU A 1 49  ? -0.283  -2.828  16.255  1.00 13.96 ? 49  LEU A C   1 
ATOM   362  O O   . LEU A 1 49  ? -0.713  -3.962  16.432  1.00 13.54 ? 49  LEU A O   1 
ATOM   363  C CB  . LEU A 1 49  ? 0.249   -2.141  13.908  1.00 14.74 ? 49  LEU A CB  1 
ATOM   364  C CG  . LEU A 1 49  ? -0.172  -1.541  12.564  1.00 15.26 ? 49  LEU A CG  1 
ATOM   365  C CD1 . LEU A 1 49  ? 0.910   -1.825  11.534  1.00 17.31 ? 49  LEU A CD1 1 
ATOM   366  C CD2 . LEU A 1 49  ? -1.498  -2.135  12.112  1.00 15.89 ? 49  LEU A CD2 1 
ATOM   367  N N   . SER A 1 50  ? 0.591   -2.254  17.076  1.00 14.46 ? 50  SER A N   1 
ATOM   368  C CA  . SER A 1 50  ? 1.093   -2.950  18.257  1.00 16.30 ? 50  SER A CA  1 
ATOM   369  C C   . SER A 1 50  ? -0.059  -3.261  19.213  1.00 14.99 ? 50  SER A C   1 
ATOM   370  O O   . SER A 1 50  ? -0.146  -4.355  19.766  1.00 15.24 ? 50  SER A O   1 
ATOM   371  C CB  . SER A 1 50  ? 2.138   -2.090  18.971  1.00 16.94 ? 50  SER A CB  1 
ATOM   372  O OG  . SER A 1 50  ? 3.234   -1.811  18.119  1.00 23.32 ? 50  SER A OG  1 
ATOM   373  N N   . GLN A 1 51  ? -0.946  -2.288  19.390  1.00 14.24 ? 51  GLN A N   1 
ATOM   374  C CA  . GLN A 1 51  ? -2.105  -2.435  20.268  1.00 15.12 ? 51  GLN A CA  1 
ATOM   375  C C   . GLN A 1 51  ? -2.992  -3.597  19.840  1.00 15.74 ? 51  GLN A C   1 
ATOM   376  O O   . GLN A 1 51  ? -3.626  -4.252  20.669  1.00 15.87 ? 51  GLN A O   1 
ATOM   377  C CB  . GLN A 1 51  ? -2.940  -1.158  20.248  1.00 15.88 ? 51  GLN A CB  1 
ATOM   378  C CG  . GLN A 1 51  ? -2.298  0.035   20.918  1.00 16.76 ? 51  GLN A CG  1 
ATOM   379  C CD  . GLN A 1 51  ? -2.960  1.333   20.509  1.00 17.53 ? 51  GLN A CD  1 
ATOM   380  O OE1 . GLN A 1 51  ? -4.171  1.382   20.295  1.00 21.67 ? 51  GLN A OE1 1 
ATOM   381  N NE2 . GLN A 1 51  ? -2.171  2.394   20.403  1.00 22.36 ? 51  GLN A NE2 1 
ATOM   382  N N   . GLN A 1 52  ? -3.033  -3.838  18.535  1.00 15.35 ? 52  GLN A N   1 
ATOM   383  C CA  . GLN A 1 52  ? -3.855  -4.895  17.962  1.00 15.44 ? 52  GLN A CA  1 
ATOM   384  C C   . GLN A 1 52  ? -3.074  -6.184  17.736  1.00 15.54 ? 52  GLN A C   1 
ATOM   385  O O   . GLN A 1 52  ? -3.631  -7.176  17.271  1.00 16.10 ? 52  GLN A O   1 
ATOM   386  C CB  . GLN A 1 52  ? -4.434  -4.420  16.626  1.00 15.04 ? 52  GLN A CB  1 
ATOM   387  C CG  . GLN A 1 52  ? -5.358  -3.219  16.740  1.00 16.70 ? 52  GLN A CG  1 
ATOM   388  C CD  . GLN A 1 52  ? -5.673  -2.600  15.393  1.00 16.54 ? 52  GLN A CD  1 
ATOM   389  O OE1 . GLN A 1 52  ? -5.001  -1.665  14.954  1.00 18.22 ? 52  GLN A OE1 1 
ATOM   390  N NE2 . GLN A 1 52  ? -6.689  -3.128  14.723  1.00 19.34 ? 52  GLN A NE2 1 
ATOM   391  N N   . ARG A 1 53  ? -1.789  -6.158  18.075  1.00 15.44 ? 53  ARG A N   1 
ATOM   392  C CA  . ARG A 1 53  ? -0.900  -7.297  17.877  1.00 15.00 ? 53  ARG A CA  1 
ATOM   393  C C   . ARG A 1 53  ? -0.878  -7.678  16.398  1.00 14.04 ? 53  ARG A C   1 
ATOM   394  O O   . ARG A 1 53  ? -0.897  -8.856  16.034  1.00 16.57 ? 53  ARG A O   1 
ATOM   395  C CB  . ARG A 1 53  ? -1.328  -8.495  18.727  1.00 16.81 ? 53  ARG A CB  1 
ATOM   396  C CG  . ARG A 1 53  ? -0.201  -9.494  18.913  1.00 19.81 ? 53  ARG A CG  1 
ATOM   397  C CD  . ARG A 1 53  ? -0.546  -10.582 19.910  1.00 22.24 ? 53  ARG A CD  1 
ATOM   398  N NE  . ARG A 1 53  ? 0.621   -11.404 20.224  1.00 25.48 ? 53  ARG A NE  1 
ATOM   399  C CZ  . ARG A 1 53  ? 1.274   -12.150 19.338  1.00 26.99 ? 53  ARG A CZ  1 
ATOM   400  N NH1 . ARG A 1 53  ? 0.880   -12.187 18.074  1.00 28.09 ? 53  ARG A NH1 1 
ATOM   401  N NH2 . ARG A 1 53  ? 2.331   -12.857 19.717  1.00 29.10 ? 53  ARG A NH2 1 
ATOM   402  N N   . LYS A 1 54  ? -0.848  -6.660  15.546  1.00 14.09 ? 54  LYS A N   1 
ATOM   403  C CA  . LYS A 1 54  ? -0.797  -6.872  14.106  1.00 14.55 ? 54  LYS A CA  1 
ATOM   404  C C   . LYS A 1 54  ? 0.600   -6.530  13.611  1.00 13.60 ? 54  LYS A C   1 
ATOM   405  O O   . LYS A 1 54  ? 0.940   -6.790  12.458  1.00 14.27 ? 54  LYS A O   1 
ATOM   406  C CB  . LYS A 1 54  ? -1.820  -5.987  13.390  1.00 15.66 ? 54  LYS A CB  1 
ATOM   407  C CG  . LYS A 1 54  ? -3.266  -6.366  13.645  1.00 18.75 ? 54  LYS A CG  1 
ATOM   408  C CD  . LYS A 1 54  ? -4.214  -5.430  12.910  1.00 18.56 ? 54  LYS A CD  1 
ATOM   409  C CE  . LYS A 1 54  ? -5.668  -5.796  13.170  1.00 21.91 ? 54  LYS A CE  1 
ATOM   410  N NZ  . LYS A 1 54  ? -6.600  -4.863  12.480  1.00 23.64 ? 54  LYS A NZ  1 
ATOM   411  N N   . LEU A 1 55  ? 1.408   -5.951  14.495  1.00 14.89 ? 55  LEU A N   1 
ATOM   412  C CA  . LEU A 1 55  ? 2.770   -5.554  14.157  1.00 16.60 ? 55  LEU A CA  1 
ATOM   413  C C   . LEU A 1 55  ? 3.721   -6.720  14.401  1.00 15.97 ? 55  LEU A C   1 
ATOM   414  O O   . LEU A 1 55  ? 4.522   -6.710  15.336  1.00 18.83 ? 55  LEU A O   1 
ATOM   415  C CB  . LEU A 1 55  ? 3.175   -4.342  15.001  1.00 19.28 ? 55  LEU A CB  1 
ATOM   416  C CG  . LEU A 1 55  ? 4.378   -3.504  14.564  1.00 21.38 ? 55  LEU A CG  1 
ATOM   417  C CD1 . LEU A 1 55  ? 4.210   -3.065  13.120  1.00 22.98 ? 55  LEU A CD1 1 
ATOM   418  C CD2 . LEU A 1 55  ? 4.492   -2.294  15.473  1.00 23.18 ? 55  LEU A CD2 1 
ATOM   419  N N   . THR A 1 56  ? 3.617   -7.725  13.538  1.00 15.07 ? 56  THR A N   1 
ATOM   420  C CA  . THR A 1 56  ? 4.429   -8.927  13.629  1.00 13.04 ? 56  THR A CA  1 
ATOM   421  C C   . THR A 1 56  ? 5.686   -8.840  12.775  1.00 13.15 ? 56  THR A C   1 
ATOM   422  O O   . THR A 1 56  ? 5.870   -7.898  12.004  1.00 12.01 ? 56  THR A O   1 
ATOM   423  C CB  . THR A 1 56  ? 3.636   -10.142 13.145  1.00 12.96 ? 56  THR A CB  1 
ATOM   424  O OG1 . THR A 1 56  ? 3.276   -9.945  11.771  1.00 13.91 ? 56  THR A OG1 1 
ATOM   425  C CG2 . THR A 1 56  ? 2.375   -10.321 13.977  1.00 15.26 ? 56  THR A CG2 1 
ATOM   426  N N   . LEU A 1 57  ? 6.552   -9.835  12.925  1.00 13.16 ? 57  LEU A N   1 
ATOM   427  C CA  . LEU A 1 57  ? 7.776   -9.907  12.144  1.00 13.47 ? 57  LEU A CA  1 
ATOM   428  C C   . LEU A 1 57  ? 7.384   -9.921  10.667  1.00 12.63 ? 57  LEU A C   1 
ATOM   429  O O   . LEU A 1 57  ? 7.949   -9.189  9.854   1.00 12.27 ? 57  LEU A O   1 
ATOM   430  C CB  . LEU A 1 57  ? 8.541   -11.186 12.507  1.00 17.37 ? 57  LEU A CB  1 
ATOM   431  C CG  . LEU A 1 57  ? 9.784   -11.605 11.711  1.00 19.02 ? 57  LEU A CG  1 
ATOM   432  C CD1 . LEU A 1 57  ? 9.391   -12.169 10.362  1.00 21.94 ? 57  LEU A CD1 1 
ATOM   433  C CD2 . LEU A 1 57  ? 10.703  -10.422 11.555  1.00 19.66 ? 57  LEU A CD2 1 
ATOM   434  N N   . ALA A 1 58  ? 6.401   -10.749 10.335  1.00 13.14 ? 58  ALA A N   1 
ATOM   435  C CA  . ALA A 1 58  ? 5.926   -10.858 8.963   1.00 12.55 ? 58  ALA A CA  1 
ATOM   436  C C   . ALA A 1 58  ? 5.444   -9.520  8.413   1.00 13.00 ? 58  ALA A C   1 
ATOM   437  O O   . ALA A 1 58  ? 5.767   -9.159  7.285   1.00 12.22 ? 58  ALA A O   1 
ATOM   438  C CB  . ALA A 1 58  ? 4.809   -11.892 8.878   1.00 14.00 ? 58  ALA A CB  1 
ATOM   439  N N   . ALA A 1 59  ? 4.665   -8.786  9.202   1.00 11.08 ? 59  ALA A N   1 
ATOM   440  C CA  . ALA A 1 59  ? 4.156   -7.495  8.753   1.00 10.93 ? 59  ALA A CA  1 
ATOM   441  C C   . ALA A 1 59  ? 5.285   -6.527  8.414   1.00 10.33 ? 59  ALA A C   1 
ATOM   442  O O   . ALA A 1 59  ? 5.267   -5.884  7.364   1.00 10.34 ? 59  ALA A O   1 
ATOM   443  C CB  . ALA A 1 59  ? 3.252   -6.887  9.818   1.00 12.02 ? 59  ALA A CB  1 
ATOM   444  N N   . LEU A 1 60  ? 6.265   -6.425  9.305   1.00 10.04 ? 60  LEU A N   1 
ATOM   445  C CA  . LEU A 1 60  ? 7.392   -5.528  9.078   1.00 11.29 ? 60  LEU A CA  1 
ATOM   446  C C   . LEU A 1 60  ? 8.203   -5.951  7.862   1.00 9.99  ? 60  LEU A C   1 
ATOM   447  O O   . LEU A 1 60  ? 8.630   -5.113  7.070   1.00 10.58 ? 60  LEU A O   1 
ATOM   448  C CB  . LEU A 1 60  ? 8.296   -5.474  10.316  1.00 14.21 ? 60  LEU A CB  1 
ATOM   449  C CG  . LEU A 1 60  ? 7.820   -4.621  11.498  1.00 19.14 ? 60  LEU A CG  1 
ATOM   450  C CD1 . LEU A 1 60  ? 7.714   -3.166  11.071  1.00 21.26 ? 60  LEU A CD1 1 
ATOM   451  C CD2 . LEU A 1 60  ? 6.483   -5.130  11.999  1.00 22.45 ? 60  LEU A CD2 1 
ATOM   452  N N   . VAL A 1 61  ? 8.422   -7.253  7.720   1.00 9.93  ? 61  VAL A N   1 
ATOM   453  C CA  . VAL A 1 61  ? 9.174   -7.762  6.584   1.00 9.37  ? 61  VAL A CA  1 
ATOM   454  C C   . VAL A 1 61  ? 8.444   -7.422  5.285   1.00 9.92  ? 61  VAL A C   1 
ATOM   455  O O   . VAL A 1 61  ? 9.064   -6.989  4.312   1.00 10.45 ? 61  VAL A O   1 
ATOM   456  C CB  . VAL A 1 61  ? 9.389   -9.286  6.724   1.00 10.38 ? 61  VAL A CB  1 
ATOM   457  C CG1 . VAL A 1 61  ? 9.852   -9.887  5.409   1.00 10.83 ? 61  VAL A CG1 1 
ATOM   458  C CG2 . VAL A 1 61  ? 10.430  -9.551  7.805   1.00 11.55 ? 61  VAL A CG2 1 
ATOM   459  N N   . GLU A 1 62  ? 7.124   -7.590  5.270   1.00 9.79  ? 62  GLU A N   1 
ATOM   460  C CA  . GLU A 1 62  ? 6.352   -7.267  4.071   1.00 10.52 ? 62  GLU A CA  1 
ATOM   461  C C   . GLU A 1 62  ? 6.439   -5.778  3.766   1.00 10.05 ? 62  GLU A C   1 
ATOM   462  O O   . GLU A 1 62  ? 6.586   -5.380  2.610   1.00 10.15 ? 62  GLU A O   1 
ATOM   463  C CB  . GLU A 1 62  ? 4.886   -7.660  4.236   1.00 11.27 ? 62  GLU A CB  1 
ATOM   464  C CG  . GLU A 1 62  ? 4.639   -9.146  4.186   1.00 12.09 ? 62  GLU A CG  1 
ATOM   465  C CD  . GLU A 1 62  ? 3.195   -9.465  3.862   1.00 11.81 ? 62  GLU A CD  1 
ATOM   466  O OE1 . GLU A 1 62  ? 2.403   -9.689  4.801   1.00 13.28 ? 62  GLU A OE1 1 
ATOM   467  O OE2 . GLU A 1 62  ? 2.857   -9.475  2.663   1.00 11.79 ? 62  GLU A OE2 1 
ATOM   468  N N   . MET A 1 63  ? 6.329   -4.948  4.799   1.00 9.61  ? 63  MET A N   1 
ATOM   469  C CA  . MET A 1 63  ? 6.423   -3.510  4.596   1.00 10.27 ? 63  MET A CA  1 
ATOM   470  C C   . MET A 1 63  ? 7.746   -3.144  3.943   1.00 9.98  ? 63  MET A C   1 
ATOM   471  O O   . MET A 1 63  ? 7.777   -2.399  2.965   1.00 10.97 ? 63  MET A O   1 
ATOM   472  C CB  . MET A 1 63  ? 6.302   -2.766  5.922   1.00 9.97  ? 63  MET A CB  1 
ATOM   473  C CG  . MET A 1 63  ? 4.926   -2.822  6.539   1.00 11.01 ? 63  MET A CG  1 
ATOM   474  S SD  . MET A 1 63  ? 4.896   -1.962  8.110   1.00 14.31 ? 63  MET A SD  1 
ATOM   475  C CE  . MET A 1 63  ? 3.235   -2.340  8.663   1.00 12.79 ? 63  MET A CE  1 
ATOM   476  N N   . LEU A 1 64  ? 8.841   -3.664  4.487   1.00 9.88  ? 64  LEU A N   1 
ATOM   477  C CA  . LEU A 1 64  ? 10.155  -3.356  3.928   1.00 9.78  ? 64  LEU A CA  1 
ATOM   478  C C   . LEU A 1 64  ? 10.301  -3.883  2.503   1.00 9.66  ? 64  LEU A C   1 
ATOM   479  O O   . LEU A 1 64  ? 10.911  -3.234  1.654   1.00 10.59 ? 64  LEU A O   1 
ATOM   480  C CB  . LEU A 1 64  ? 11.263  -3.918  4.826   1.00 10.46 ? 64  LEU A CB  1 
ATOM   481  C CG  . LEU A 1 64  ? 11.352  -3.284  6.220   1.00 11.08 ? 64  LEU A CG  1 
ATOM   482  C CD1 . LEU A 1 64  ? 12.423  -3.991  7.038   1.00 12.31 ? 64  LEU A CD1 1 
ATOM   483  C CD2 . LEU A 1 64  ? 11.658  -1.796  6.094   1.00 12.07 ? 64  LEU A CD2 1 
ATOM   484  N N   . TYR A 1 65  ? 9.744   -5.059  2.238   1.00 9.87  ? 65  TYR A N   1 
ATOM   485  C CA  . TYR A 1 65  ? 9.819   -5.625  0.899   1.00 9.70  ? 65  TYR A CA  1 
ATOM   486  C C   . TYR A 1 65  ? 9.085   -4.729  -0.100  1.00 10.71 ? 65  TYR A C   1 
ATOM   487  O O   . TYR A 1 65  ? 9.606   -4.414  -1.170  1.00 10.84 ? 65  TYR A O   1 
ATOM   488  C CB  . TYR A 1 65  ? 9.197   -7.017  0.873   1.00 11.31 ? 65  TYR A CB  1 
ATOM   489  C CG  . TYR A 1 65  ? 9.301   -7.683  -0.479  1.00 11.36 ? 65  TYR A CG  1 
ATOM   490  C CD1 . TYR A 1 65  ? 10.430  -8.420  -0.828  1.00 12.37 ? 65  TYR A CD1 1 
ATOM   491  C CD2 . TYR A 1 65  ? 8.288   -7.537  -1.430  1.00 13.09 ? 65  TYR A CD2 1 
ATOM   492  C CE1 . TYR A 1 65  ? 10.551  -8.996  -2.090  1.00 13.87 ? 65  TYR A CE1 1 
ATOM   493  C CE2 . TYR A 1 65  ? 8.403   -8.109  -2.695  1.00 13.77 ? 65  TYR A CE2 1 
ATOM   494  C CZ  . TYR A 1 65  ? 9.538   -8.836  -3.015  1.00 12.84 ? 65  TYR A CZ  1 
ATOM   495  O OH  . TYR A 1 65  ? 9.662   -9.396  -4.268  1.00 15.54 ? 65  TYR A OH  1 
ATOM   496  N N   . VAL A 1 66  ? 7.873   -4.318  0.258   1.00 11.27 ? 66  VAL A N   1 
ATOM   497  C CA  . VAL A 1 66  ? 7.084   -3.461  -0.615  1.00 11.97 ? 66  VAL A CA  1 
ATOM   498  C C   . VAL A 1 66  ? 7.813   -2.144  -0.888  1.00 12.73 ? 66  VAL A C   1 
ATOM   499  O O   . VAL A 1 66  ? 7.713   -1.593  -1.982  1.00 13.45 ? 66  VAL A O   1 
ATOM   500  C CB  . VAL A 1 66  ? 5.688   -3.184  0.001   1.00 13.87 ? 66  VAL A CB  1 
ATOM   501  C CG1 . VAL A 1 66  ? 4.940   -2.147  -0.825  1.00 15.96 ? 66  VAL A CG1 1 
ATOM   502  C CG2 . VAL A 1 66  ? 4.887   -4.479  0.060   1.00 16.17 ? 66  VAL A CG2 1 
ATOM   503  N N   . LEU A 1 67  ? 8.551   -1.651  0.104   1.00 12.31 ? 67  LEU A N   1 
ATOM   504  C CA  . LEU A 1 67  ? 9.311   -0.407  -0.037  1.00 12.80 ? 67  LEU A CA  1 
ATOM   505  C C   . LEU A 1 67  ? 10.634  -0.663  -0.753  1.00 12.33 ? 67  LEU A C   1 
ATOM   506  O O   . LEU A 1 67  ? 11.400  0.266   -1.016  1.00 13.93 ? 67  LEU A O   1 
ATOM   507  C CB  . LEU A 1 67  ? 9.604   0.207   1.336   1.00 14.46 ? 67  LEU A CB  1 
ATOM   508  C CG  . LEU A 1 67  ? 8.451   0.764   2.173   1.00 17.36 ? 67  LEU A CG  1 
ATOM   509  C CD1 . LEU A 1 67  ? 8.988   1.276   3.501   1.00 18.37 ? 67  LEU A CD1 1 
ATOM   510  C CD2 . LEU A 1 67  ? 7.760   1.884   1.417   1.00 18.44 ? 67  LEU A CD2 1 
ATOM   511  N N   . GLN A 1 68  ? 10.898  -1.929  -1.051  1.00 12.50 ? 68  GLN A N   1 
ATOM   512  C CA  . GLN A 1 68  ? 12.119  -2.326  -1.737  1.00 13.74 ? 68  GLN A CA  1 
ATOM   513  C C   . GLN A 1 68  ? 13.369  -1.986  -0.934  1.00 12.64 ? 68  GLN A C   1 
ATOM   514  O O   . GLN A 1 68  ? 14.417  -1.680  -1.503  1.00 14.26 ? 68  GLN A O   1 
ATOM   515  C CB  . GLN A 1 68  ? 12.181  -1.666  -3.117  1.00 17.84 ? 68  GLN A CB  1 
ATOM   516  C CG  . GLN A 1 68  ? 11.073  -2.116  -4.056  1.00 22.38 ? 68  GLN A CG  1 
ATOM   517  C CD  . GLN A 1 68  ? 11.194  -3.578  -4.439  1.00 24.89 ? 68  GLN A CD  1 
ATOM   518  O OE1 . GLN A 1 68  ? 12.127  -3.970  -5.140  1.00 27.91 ? 68  GLN A OE1 1 
ATOM   519  N NE2 . GLN A 1 68  ? 10.253  -4.395  -3.976  1.00 27.01 ? 68  GLN A NE2 1 
ATOM   520  N N   . ARG A 1 69  ? 13.255  -2.038  0.390   1.00 10.63 ? 69  ARG A N   1 
ATOM   521  C CA  . ARG A 1 69  ? 14.389  -1.753  1.257   1.00 10.31 ? 69  ARG A CA  1 
ATOM   522  C C   . ARG A 1 69  ? 15.058  -3.061  1.667   1.00 10.11 ? 69  ARG A C   1 
ATOM   523  O O   . ARG A 1 69  ? 14.988  -3.495  2.817   1.00 10.32 ? 69  ARG A O   1 
ATOM   524  C CB  . ARG A 1 69  ? 13.937  -0.952  2.484   1.00 11.16 ? 69  ARG A CB  1 
ATOM   525  C CG  . ARG A 1 69  ? 13.461  0.464   2.146   1.00 12.18 ? 69  ARG A CG  1 
ATOM   526  C CD  . ARG A 1 69  ? 14.554  1.278   1.461   1.00 13.28 ? 69  ARG A CD  1 
ATOM   527  N NE  . ARG A 1 69  ? 15.730  1.429   2.314   1.00 11.98 ? 69  ARG A NE  1 
ATOM   528  C CZ  . ARG A 1 69  ? 15.902  2.404   3.201   1.00 12.32 ? 69  ARG A CZ  1 
ATOM   529  N NH1 . ARG A 1 69  ? 14.973  3.337   3.362   1.00 13.26 ? 69  ARG A NH1 1 
ATOM   530  N NH2 . ARG A 1 69  ? 17.003  2.440   3.939   1.00 12.36 ? 69  ARG A NH2 1 
ATOM   531  N N   . MET A 1 70  ? 15.705  -3.693  0.693   1.00 10.15 ? 70  MET A N   1 
ATOM   532  C CA  . MET A 1 70  ? 16.385  -4.954  0.939   1.00 10.55 ? 70  MET A CA  1 
ATOM   533  C C   . MET A 1 70  ? 17.563  -4.752  1.884   1.00 9.66  ? 70  MET A C   1 
ATOM   534  O O   . MET A 1 70  ? 18.019  -5.694  2.528   1.00 10.50 ? 70  MET A O   1 
ATOM   535  C CB  . MET A 1 70  ? 16.851  -5.572  -0.379  1.00 10.60 ? 70  MET A CB  1 
ATOM   536  C CG  . MET A 1 70  ? 15.772  -6.349  -1.133  1.00 13.76 ? 70  MET A CG  1 
ATOM   537  S SD  . MET A 1 70  ? 14.252  -5.428  -1.462  1.00 20.24 ? 70  MET A SD  1 
ATOM   538  C CE  . MET A 1 70  ? 13.242  -6.684  -2.262  1.00 16.33 ? 70  MET A CE  1 
ATOM   539  N N   . ASP A 1 71  ? 18.057  -3.518  1.965   1.00 10.08 ? 71  ASP A N   1 
ATOM   540  C CA  . ASP A 1 71  ? 19.156  -3.203  2.873   1.00 9.95  ? 71  ASP A CA  1 
ATOM   541  C C   . ASP A 1 71  ? 18.681  -3.384  4.315   1.00 10.00 ? 71  ASP A C   1 
ATOM   542  O O   . ASP A 1 71  ? 19.372  -3.981  5.140   1.00 10.44 ? 71  ASP A O   1 
ATOM   543  C CB  . ASP A 1 71  ? 19.669  -1.767  2.638   1.00 11.18 ? 71  ASP A CB  1 
ATOM   544  C CG  . ASP A 1 71  ? 18.586  -0.707  2.792   1.00 12.21 ? 71  ASP A CG  1 
ATOM   545  O OD1 . ASP A 1 71  ? 17.433  -0.936  2.369   1.00 11.81 ? 71  ASP A OD1 1 
ATOM   546  O OD2 . ASP A 1 71  ? 18.901  0.382   3.320   1.00 14.45 ? 71  ASP A OD2 1 
ATOM   547  N N   . LEU A 1 72  ? 17.480  -2.894  4.606   1.00 9.76  ? 72  LEU A N   1 
ATOM   548  C CA  . LEU A 1 72  ? 16.921  -3.005  5.949   1.00 10.03 ? 72  LEU A CA  1 
ATOM   549  C C   . LEU A 1 72  ? 16.482  -4.436  6.273   1.00 9.14  ? 72  LEU A C   1 
ATOM   550  O O   . LEU A 1 72  ? 16.548  -4.868  7.424   1.00 9.91  ? 72  LEU A O   1 
ATOM   551  C CB  . LEU A 1 72  ? 15.755  -2.027  6.116   1.00 10.50 ? 72  LEU A CB  1 
ATOM   552  C CG  . LEU A 1 72  ? 16.158  -0.553  5.942   1.00 10.73 ? 72  LEU A CG  1 
ATOM   553  C CD1 . LEU A 1 72  ? 14.939  0.339   6.121   1.00 11.82 ? 72  LEU A CD1 1 
ATOM   554  C CD2 . LEU A 1 72  ? 17.244  -0.181  6.947   1.00 13.32 ? 72  LEU A CD2 1 
ATOM   555  N N   . LEU A 1 73  ? 16.029  -5.174  5.261   1.00 9.14  ? 73  LEU A N   1 
ATOM   556  C CA  . LEU A 1 73  ? 15.639  -6.562  5.484   1.00 8.96  ? 73  LEU A CA  1 
ATOM   557  C C   . LEU A 1 73  ? 16.872  -7.333  5.947   1.00 9.47  ? 73  LEU A C   1 
ATOM   558  O O   . LEU A 1 73  ? 16.796  -8.170  6.847   1.00 10.18 ? 73  LEU A O   1 
ATOM   559  C CB  . LEU A 1 73  ? 15.077  -7.180  4.201   1.00 9.92  ? 73  LEU A CB  1 
ATOM   560  C CG  . LEU A 1 73  ? 13.629  -6.782  3.888   1.00 10.73 ? 73  LEU A CG  1 
ATOM   561  C CD1 . LEU A 1 73  ? 13.280  -7.157  2.461   1.00 12.04 ? 73  LEU A CD1 1 
ATOM   562  C CD2 . LEU A 1 73  ? 12.684  -7.457  4.871   1.00 11.84 ? 73  LEU A CD2 1 
ATOM   563  N N   . LYS A 1 74  ? 18.016  -7.047  5.329   1.00 9.40  ? 74  LYS A N   1 
ATOM   564  C CA  . LYS A 1 74  ? 19.256  -7.715  5.713   1.00 10.85 ? 74  LYS A CA  1 
ATOM   565  C C   . LYS A 1 74  ? 19.770  -7.276  7.085   1.00 10.85 ? 74  LYS A C   1 
ATOM   566  O O   . LYS A 1 74  ? 20.010  -8.108  7.960   1.00 11.47 ? 74  LYS A O   1 
ATOM   567  C CB  . LYS A 1 74  ? 20.359  -7.466  4.675   1.00 11.08 ? 74  LYS A CB  1 
ATOM   568  C CG  . LYS A 1 74  ? 20.222  -8.265  3.386   1.00 15.56 ? 74  LYS A CG  1 
ATOM   569  C CD  . LYS A 1 74  ? 21.396  -8.002  2.445   1.00 15.17 ? 74  LYS A CD  1 
ATOM   570  C CE  . LYS A 1 74  ? 21.380  -6.575  1.921   1.00 15.24 ? 74  LYS A CE  1 
ATOM   571  N NZ  . LYS A 1 74  ? 22.601  -6.250  1.135   1.00 15.92 ? 74  LYS A NZ  1 
ATOM   572  N N   . SER A 1 75  ? 19.924  -5.970  7.282   1.00 11.93 ? 75  SER A N   1 
ATOM   573  C CA  . SER A 1 75  ? 20.468  -5.472  8.542   1.00 13.03 ? 75  SER A CA  1 
ATOM   574  C C   . SER A 1 75  ? 19.597  -5.665  9.776   1.00 13.66 ? 75  SER A C   1 
ATOM   575  O O   . SER A 1 75  ? 20.117  -5.882  10.871  1.00 15.52 ? 75  SER A O   1 
ATOM   576  C CB  . SER A 1 75  ? 20.834  -3.991  8.417   1.00 13.36 ? 75  SER A CB  1 
ATOM   577  O OG  . SER A 1 75  ? 19.681  -3.178  8.294   1.00 14.50 ? 75  SER A OG  1 
ATOM   578  N N   . ARG A 1 76  ? 18.281  -5.596  9.609   1.00 13.05 ? 76  ARG A N   1 
ATOM   579  C CA  . ARG A 1 76  ? 17.381  -5.739  10.745  1.00 14.82 ? 76  ARG A CA  1 
ATOM   580  C C   . ARG A 1 76  ? 16.801  -7.129  10.948  1.00 13.97 ? 76  ARG A C   1 
ATOM   581  O O   . ARG A 1 76  ? 16.499  -7.513  12.079  1.00 15.74 ? 76  ARG A O   1 
ATOM   582  C CB  . ARG A 1 76  ? 16.235  -4.734  10.628  1.00 16.58 ? 76  ARG A CB  1 
ATOM   583  C CG  . ARG A 1 76  ? 16.679  -3.280  10.634  1.00 19.85 ? 76  ARG A CG  1 
ATOM   584  C CD  . ARG A 1 76  ? 17.442  -2.952  11.904  1.00 22.06 ? 76  ARG A CD  1 
ATOM   585  N NE  . ARG A 1 76  ? 17.550  -1.514  12.130  1.00 22.38 ? 76  ARG A NE  1 
ATOM   586  C CZ  . ARG A 1 76  ? 18.211  -0.672  11.341  1.00 21.57 ? 76  ARG A CZ  1 
ATOM   587  N NH1 . ARG A 1 76  ? 18.833  -1.118  10.261  1.00 21.28 ? 76  ARG A NH1 1 
ATOM   588  N NH2 . ARG A 1 76  ? 18.251  0.621   11.640  1.00 22.54 ? 76  ARG A NH2 1 
ATOM   589  N N   . PHE A 1 77  ? 16.648  -7.890  9.869   1.00 13.52 ? 77  PHE A N   1 
ATOM   590  C CA  . PHE A 1 77  ? 16.070  -9.220  9.995   1.00 14.60 ? 77  PHE A CA  1 
ATOM   591  C C   . PHE A 1 77  ? 16.915  -10.356 9.430   1.00 14.54 ? 77  PHE A C   1 
ATOM   592  O O   . PHE A 1 77  ? 16.527  -11.521 9.522   1.00 15.25 ? 77  PHE A O   1 
ATOM   593  C CB  . PHE A 1 77  ? 14.675  -9.230  9.361   1.00 15.26 ? 77  PHE A CB  1 
ATOM   594  C CG  . PHE A 1 77  ? 13.724  -8.245  9.988   1.00 14.68 ? 77  PHE A CG  1 
ATOM   595  C CD1 . PHE A 1 77  ? 13.380  -7.067  9.336   1.00 15.90 ? 77  PHE A CD1 1 
ATOM   596  C CD2 . PHE A 1 77  ? 13.193  -8.489  11.248  1.00 16.42 ? 77  PHE A CD2 1 
ATOM   597  C CE1 . PHE A 1 77  ? 12.520  -6.146  9.935   1.00 16.72 ? 77  PHE A CE1 1 
ATOM   598  C CE2 . PHE A 1 77  ? 12.334  -7.576  11.854  1.00 17.14 ? 77  PHE A CE2 1 
ATOM   599  C CZ  . PHE A 1 77  ? 11.995  -6.403  11.197  1.00 17.01 ? 77  PHE A CZ  1 
ATOM   600  N N   . GLY A 1 78  ? 18.072  -10.020 8.863   1.00 13.74 ? 78  GLY A N   1 
ATOM   601  C CA  . GLY A 1 78  ? 18.949  -11.033 8.299   1.00 13.89 ? 78  GLY A CA  1 
ATOM   602  C C   . GLY A 1 78  ? 18.311  -11.804 7.160   1.00 12.68 ? 78  GLY A C   1 
ATOM   603  O O   . GLY A 1 78  ? 18.645  -12.968 6.921   1.00 15.99 ? 78  GLY A O   1 
ATOM   604  N N   . LEU A 1 79  ? 17.402  -11.155 6.444   1.00 12.14 ? 79  LEU A N   1 
ATOM   605  C CA  . LEU A 1 79  ? 16.706  -11.801 5.343   1.00 11.47 ? 79  LEU A CA  1 
ATOM   606  C C   . LEU A 1 79  ? 17.100  -11.287 3.973   1.00 11.38 ? 79  LEU A C   1 
ATOM   607  O O   . LEU A 1 79  ? 17.232  -10.082 3.757   1.00 12.33 ? 79  LEU A O   1 
ATOM   608  C CB  . LEU A 1 79  ? 15.194  -11.624 5.498   1.00 12.20 ? 79  LEU A CB  1 
ATOM   609  C CG  . LEU A 1 79  ? 14.511  -12.285 6.692   1.00 11.14 ? 79  LEU A CG  1 
ATOM   610  C CD1 . LEU A 1 79  ? 13.051  -11.867 6.746   1.00 14.53 ? 79  LEU A CD1 1 
ATOM   611  C CD2 . LEU A 1 79  ? 14.635  -13.793 6.583   1.00 14.48 ? 79  LEU A CD2 1 
ATOM   612  N N   . SER A 1 80  ? 17.286  -12.220 3.048   1.00 11.77 ? 80  SER A N   1 
ATOM   613  C CA  . SER A 1 80  ? 17.586  -11.882 1.669   1.00 12.33 ? 80  SER A CA  1 
ATOM   614  C C   . SER A 1 80  ? 16.221  -11.613 1.032   1.00 11.55 ? 80  SER A C   1 
ATOM   615  O O   . SER A 1 80  ? 15.181  -11.831 1.657   1.00 11.68 ? 80  SER A O   1 
ATOM   616  C CB  . SER A 1 80  ? 18.228  -13.069 0.961   1.00 13.00 ? 80  SER A CB  1 
ATOM   617  O OG  . SER A 1 80  ? 17.307  -14.146 0.882   1.00 16.07 ? 80  SER A OG  1 
ATOM   618  N N   . LYS A 1 81  ? 16.227  -11.154 -0.212  1.00 11.48 ? 81  LYS A N   1 
ATOM   619  C CA  . LYS A 1 81  ? 14.991  -10.887 -0.934  1.00 12.78 ? 81  LYS A CA  1 
ATOM   620  C C   . LYS A 1 81  ? 14.091  -12.130 -0.944  1.00 12.81 ? 81  LYS A C   1 
ATOM   621  O O   . LYS A 1 81  ? 12.885  -12.038 -0.696  1.00 12.92 ? 81  LYS A O   1 
ATOM   622  C CB  . LYS A 1 81  ? 15.331  -10.464 -2.366  1.00 15.48 ? 81  LYS A CB  1 
ATOM   623  C CG  . LYS A 1 81  ? 14.145  -10.206 -3.274  1.00 15.41 ? 81  LYS A CG  1 
ATOM   624  C CD  . LYS A 1 81  ? 14.628  -9.703  -4.627  1.00 18.01 ? 81  LYS A CD  1 
ATOM   625  C CE  . LYS A 1 81  ? 13.480  -9.475  -5.597  1.00 18.45 ? 81  LYS A CE  1 
ATOM   626  N NZ  . LYS A 1 81  ? 12.842  -10.749 -6.034  1.00 23.29 ? 81  LYS A NZ  1 
ATOM   627  N N   . GLU A 1 82  ? 14.683  -13.289 -1.221  1.00 12.79 ? 82  GLU A N   1 
ATOM   628  C CA  . GLU A 1 82  ? 13.940  -14.547 -1.266  1.00 13.04 ? 82  GLU A CA  1 
ATOM   629  C C   . GLU A 1 82  ? 13.390  -14.925 0.107   1.00 13.10 ? 82  GLU A C   1 
ATOM   630  O O   . GLU A 1 82  ? 12.281  -15.449 0.218   1.00 13.26 ? 82  GLU A O   1 
ATOM   631  C CB  . GLU A 1 82  ? 14.829  -15.682 -1.790  1.00 15.84 ? 82  GLU A CB  1 
ATOM   632  C CG  . GLU A 1 82  ? 15.160  -15.632 -3.281  1.00 18.78 ? 82  GLU A CG  1 
ATOM   633  C CD  . GLU A 1 82  ? 16.012  -14.436 -3.673  1.00 19.59 ? 82  GLU A CD  1 
ATOM   634  O OE1 . GLU A 1 82  ? 16.804  -13.964 -2.831  1.00 19.01 ? 82  GLU A OE1 1 
ATOM   635  O OE2 . GLU A 1 82  ? 15.901  -13.982 -4.832  1.00 21.69 ? 82  GLU A OE2 1 
ATOM   636  N N   . GLY A 1 83  ? 14.170  -14.670 1.154   1.00 13.40 ? 83  GLY A N   1 
ATOM   637  C CA  . GLY A 1 83  ? 13.716  -14.978 2.499   1.00 14.00 ? 83  GLY A CA  1 
ATOM   638  C C   . GLY A 1 83  ? 12.491  -14.149 2.844   1.00 11.82 ? 83  GLY A C   1 
ATOM   639  O O   . GLY A 1 83  ? 11.558  -14.626 3.494   1.00 13.18 ? 83  GLY A O   1 
ATOM   640  N N   . ALA A 1 84  ? 12.490  -12.897 2.400   1.00 11.58 ? 84  ALA A N   1 
ATOM   641  C CA  . ALA A 1 84  ? 11.371  -12.003 2.659   1.00 11.09 ? 84  ALA A CA  1 
ATOM   642  C C   . ALA A 1 84  ? 10.147  -12.417 1.844   1.00 11.44 ? 84  ALA A C   1 
ATOM   643  O O   . ALA A 1 84  ? 9.018   -12.336 2.322   1.00 11.99 ? 84  ALA A O   1 
ATOM   644  C CB  . ALA A 1 84  ? 11.765  -10.570 2.323   1.00 11.90 ? 84  ALA A CB  1 
ATOM   645  N N   . GLU A 1 85  ? 10.372  -12.861 0.612   1.00 12.21 ? 85  GLU A N   1 
ATOM   646  C CA  . GLU A 1 85  ? 9.264   -13.277 -0.239  1.00 11.21 ? 85  GLU A CA  1 
ATOM   647  C C   . GLU A 1 85  ? 8.509   -14.466 0.353   1.00 11.98 ? 85  GLU A C   1 
ATOM   648  O O   . GLU A 1 85  ? 7.331   -14.668 0.061   1.00 12.37 ? 85  GLU A O   1 
ATOM   649  C CB  . GLU A 1 85  ? 9.775   -13.571 -1.656  1.00 12.47 ? 85  GLU A CB  1 
ATOM   650  C CG  . GLU A 1 85  ? 10.291  -12.306 -2.336  1.00 13.47 ? 85  GLU A CG  1 
ATOM   651  C CD  . GLU A 1 85  ? 10.942  -12.535 -3.687  1.00 13.26 ? 85  GLU A CD  1 
ATOM   652  O OE1 . GLU A 1 85  ? 11.511  -13.619 -3.911  1.00 15.58 ? 85  GLU A OE1 1 
ATOM   653  O OE2 . GLU A 1 85  ? 10.904  -11.603 -4.512  1.00 15.65 ? 85  GLU A OE2 1 
ATOM   654  N N   . GLN A 1 86  ? 9.170   -15.235 1.209   1.00 11.24 ? 86  GLN A N   1 
ATOM   655  C CA  . GLN A 1 86  ? 8.512   -16.372 1.840   1.00 12.70 ? 86  GLN A CA  1 
ATOM   656  C C   . GLN A 1 86  ? 7.456   -15.916 2.845   1.00 12.65 ? 86  GLN A C   1 
ATOM   657  O O   . GLN A 1 86  ? 6.581   -16.693 3.222   1.00 14.24 ? 86  GLN A O   1 
ATOM   658  C CB  . GLN A 1 86  ? 9.534   -17.267 2.544   1.00 13.41 ? 86  GLN A CB  1 
ATOM   659  C CG  . GLN A 1 86  ? 10.349  -18.131 1.593   1.00 12.74 ? 86  GLN A CG  1 
ATOM   660  C CD  . GLN A 1 86  ? 9.473   -19.055 0.767   1.00 11.69 ? 86  GLN A CD  1 
ATOM   661  O OE1 . GLN A 1 86  ? 8.592   -19.723 1.301   1.00 12.69 ? 86  GLN A OE1 1 
ATOM   662  N NE2 . GLN A 1 86  ? 9.712   -19.100 -0.539  1.00 12.36 ? 86  GLN A NE2 1 
ATOM   663  N N   . LEU A 1 87  ? 7.524   -14.654 3.266   1.00 12.71 ? 87  LEU A N   1 
ATOM   664  C CA  . LEU A 1 87  ? 6.565   -14.129 4.236   1.00 13.35 ? 87  LEU A CA  1 
ATOM   665  C C   . LEU A 1 87  ? 5.454   -13.284 3.631   1.00 12.55 ? 87  LEU A C   1 
ATOM   666  O O   . LEU A 1 87  ? 4.529   -12.874 4.337   1.00 13.50 ? 87  LEU A O   1 
ATOM   667  C CB  . LEU A 1 87  ? 7.287   -13.313 5.314   1.00 14.10 ? 87  LEU A CB  1 
ATOM   668  C CG  . LEU A 1 87  ? 8.394   -14.043 6.077   1.00 14.86 ? 87  LEU A CG  1 
ATOM   669  C CD1 . LEU A 1 87  ? 8.825   -13.199 7.266   1.00 15.46 ? 87  LEU A CD1 1 
ATOM   670  C CD2 . LEU A 1 87  ? 7.906   -15.405 6.547   1.00 17.59 ? 87  LEU A CD2 1 
ATOM   671  N N   . LEU A 1 88  ? 5.529   -13.014 2.333   1.00 13.51 ? 88  LEU A N   1 
ATOM   672  C CA  . LEU A 1 88  ? 4.502   -12.207 1.691   1.00 14.26 ? 88  LEU A CA  1 
ATOM   673  C C   . LEU A 1 88  ? 3.132   -12.873 1.798   1.00 13.45 ? 88  LEU A C   1 
ATOM   674  O O   . LEU A 1 88  ? 2.995   -14.079 1.577   1.00 13.99 ? 88  LEU A O   1 
ATOM   675  C CB  . LEU A 1 88  ? 4.857   -11.966 0.221   1.00 15.52 ? 88  LEU A CB  1 
ATOM   676  C CG  . LEU A 1 88  ? 6.082   -11.081 -0.027  1.00 16.21 ? 88  LEU A CG  1 
ATOM   677  C CD1 . LEU A 1 88  ? 6.430   -11.091 -1.505  1.00 17.52 ? 88  LEU A CD1 1 
ATOM   678  C CD2 . LEU A 1 88  ? 5.797   -9.659  0.444   1.00 18.16 ? 88  LEU A CD2 1 
ATOM   679  N N   . GLY A 1 89  ? 2.122   -12.082 2.151   1.00 12.60 ? 89  GLY A N   1 
ATOM   680  C CA  . GLY A 1 89  ? 0.771   -12.597 2.276   1.00 12.41 ? 89  GLY A CA  1 
ATOM   681  C C   . GLY A 1 89  ? 0.467   -13.279 3.595   1.00 13.02 ? 89  GLY A C   1 
ATOM   682  O O   . GLY A 1 89  ? -0.554  -13.958 3.709   1.00 15.39 ? 89  GLY A O   1 
ATOM   683  N N   . THR A 1 90  ? 1.325   -13.102 4.596   1.00 13.11 ? 90  THR A N   1 
ATOM   684  C CA  . THR A 1 90  ? 1.098   -13.747 5.889   1.00 14.22 ? 90  THR A CA  1 
ATOM   685  C C   . THR A 1 90  ? 0.862   -12.792 7.059   1.00 14.65 ? 90  THR A C   1 
ATOM   686  O O   . THR A 1 90  ? 1.049   -13.168 8.216   1.00 16.41 ? 90  THR A O   1 
ATOM   687  C CB  . THR A 1 90  ? 2.267   -14.695 6.267   1.00 14.28 ? 90  THR A CB  1 
ATOM   688  O OG1 . THR A 1 90  ? 3.448   -13.929 6.536   1.00 13.82 ? 90  THR A OG1 1 
ATOM   689  C CG2 . THR A 1 90  ? 2.548   -15.678 5.135   1.00 15.88 ? 90  THR A CG2 1 
ATOM   690  N N   . SER A 1 91  ? 0.457   -11.560 6.769   1.00 13.79 ? 91  SER A N   1 
ATOM   691  C CA  . SER A 1 91  ? 0.180   -10.588 7.826   1.00 12.83 ? 91  SER A CA  1 
ATOM   692  C C   . SER A 1 91  ? -1.134  -9.887  7.513   1.00 13.25 ? 91  SER A C   1 
ATOM   693  O O   . SER A 1 91  ? -1.844  -10.277 6.585   1.00 13.73 ? 91  SER A O   1 
ATOM   694  C CB  . SER A 1 91  ? 1.307   -9.556  7.935   1.00 12.80 ? 91  SER A CB  1 
ATOM   695  O OG  . SER A 1 91  ? 1.252   -8.610  6.880   1.00 12.86 ? 91  SER A OG  1 
ATOM   696  N N   . PHE A 1 92  ? -1.459  -8.846  8.272   1.00 12.60 ? 92  PHE A N   1 
ATOM   697  C CA  . PHE A 1 92  ? -2.705  -8.118  8.055   1.00 12.82 ? 92  PHE A CA  1 
ATOM   698  C C   . PHE A 1 92  ? -2.719  -7.377  6.718   1.00 12.02 ? 92  PHE A C   1 
ATOM   699  O O   . PHE A 1 92  ? -3.784  -7.078  6.184   1.00 12.31 ? 92  PHE A O   1 
ATOM   700  C CB  . PHE A 1 92  ? -2.931  -7.113  9.187   1.00 13.12 ? 92  PHE A CB  1 
ATOM   701  C CG  . PHE A 1 92  ? -2.122  -5.855  9.049   1.00 12.14 ? 92  PHE A CG  1 
ATOM   702  C CD1 . PHE A 1 92  ? -2.635  -4.749  8.379   1.00 14.80 ? 92  PHE A CD1 1 
ATOM   703  C CD2 . PHE A 1 92  ? -0.831  -5.787  9.562   1.00 11.98 ? 92  PHE A CD2 1 
ATOM   704  C CE1 . PHE A 1 92  ? -1.875  -3.595  8.221   1.00 14.04 ? 92  PHE A CE1 1 
ATOM   705  C CE2 . PHE A 1 92  ? -0.063  -4.636  9.410   1.00 12.03 ? 92  PHE A CE2 1 
ATOM   706  C CZ  . PHE A 1 92  ? -0.587  -3.537  8.735   1.00 14.12 ? 92  PHE A CZ  1 
ATOM   707  N N   . LEU A 1 93  ? -1.541  -7.076  6.180   1.00 11.23 ? 93  LEU A N   1 
ATOM   708  C CA  . LEU A 1 93  ? -1.465  -6.343  4.918   1.00 9.94  ? 93  LEU A CA  1 
ATOM   709  C C   . LEU A 1 93  ? -2.249  -7.023  3.807   1.00 10.37 ? 93  LEU A C   1 
ATOM   710  O O   . LEU A 1 93  ? -2.212  -8.243  3.654   1.00 10.62 ? 93  LEU A O   1 
ATOM   711  C CB  . LEU A 1 93  ? -0.005  -6.163  4.501   1.00 10.80 ? 93  LEU A CB  1 
ATOM   712  C CG  . LEU A 1 93  ? 0.823   -5.301  5.464   1.00 11.56 ? 93  LEU A CG  1 
ATOM   713  C CD1 . LEU A 1 93  ? 2.298   -5.508  5.189   1.00 13.21 ? 93  LEU A CD1 1 
ATOM   714  C CD2 . LEU A 1 93  ? 0.439   -3.835  5.334   1.00 12.57 ? 93  LEU A CD2 1 
ATOM   715  N N   . THR A 1 94  ? -2.962  -6.223  3.026   1.00 10.03 ? 94  THR A N   1 
ATOM   716  C CA  . THR A 1 94  ? -3.769  -6.767  1.946   1.00 10.22 ? 94  THR A CA  1 
ATOM   717  C C   . THR A 1 94  ? -3.114  -6.606  0.585   1.00 9.61  ? 94  THR A C   1 
ATOM   718  O O   . THR A 1 94  ? -2.310  -5.696  0.365   1.00 9.57  ? 94  THR A O   1 
ATOM   719  C CB  . THR A 1 94  ? -5.155  -6.095  1.897   1.00 10.60 ? 94  THR A CB  1 
ATOM   720  O OG1 . THR A 1 94  ? -4.996  -4.700  1.606   1.00 10.78 ? 94  THR A OG1 1 
ATOM   721  C CG2 . THR A 1 94  ? -5.877  -6.262  3.231   1.00 11.93 ? 94  THR A CG2 1 
ATOM   722  N N   . ARG A 1 95  ? -3.459  -7.506  -0.326  1.00 9.68  ? 95  ARG A N   1 
ATOM   723  C CA  . ARG A 1 95  ? -2.934  -7.440  -1.677  1.00 10.08 ? 95  ARG A CA  1 
ATOM   724  C C   . ARG A 1 95  ? -3.348  -6.107  -2.306  1.00 8.69  ? 95  ARG A C   1 
ATOM   725  O O   . ARG A 1 95  ? -2.582  -5.502  -3.052  1.00 9.74  ? 95  ARG A O   1 
ATOM   726  C CB  . ARG A 1 95  ? -3.459  -8.619  -2.498  1.00 11.63 ? 95  ARG A CB  1 
ATOM   727  C CG  . ARG A 1 95  ? -3.174  -8.546  -3.989  1.00 11.83 ? 95  ARG A CG  1 
ATOM   728  C CD  . ARG A 1 95  ? -1.706  -8.364  -4.322  1.00 15.83 ? 95  ARG A CD  1 
ATOM   729  N NE  . ARG A 1 95  ? -1.520  -8.456  -5.767  1.00 16.46 ? 95  ARG A NE  1 
ATOM   730  C CZ  . ARG A 1 95  ? -0.444  -8.039  -6.420  1.00 17.00 ? 95  ARG A CZ  1 
ATOM   731  N NH1 . ARG A 1 95  ? 0.566   -7.491  -5.760  1.00 17.42 ? 95  ARG A NH1 1 
ATOM   732  N NH2 . ARG A 1 95  ? -0.387  -8.163  -7.740  1.00 19.27 ? 95  ARG A NH2 1 
ATOM   733  N N   . TYR A 1 96  ? -4.554  -5.643  -1.988  1.00 9.50  ? 96  TYR A N   1 
ATOM   734  C CA  . TYR A 1 96  ? -5.037  -4.373  -2.521  1.00 9.35  ? 96  TYR A CA  1 
ATOM   735  C C   . TYR A 1 96  ? -4.079  -3.226  -2.200  1.00 9.41  ? 96  TYR A C   1 
ATOM   736  O O   . TYR A 1 96  ? -3.631  -2.510  -3.095  1.00 9.54  ? 96  TYR A O   1 
ATOM   737  C CB  . TYR A 1 96  ? -6.426  -4.045  -1.958  1.00 9.76  ? 96  TYR A CB  1 
ATOM   738  C CG  . TYR A 1 96  ? -6.888  -2.633  -2.245  1.00 10.01 ? 96  TYR A CG  1 
ATOM   739  C CD1 . TYR A 1 96  ? -7.104  -2.196  -3.551  1.00 11.50 ? 96  TYR A CD1 1 
ATOM   740  C CD2 . TYR A 1 96  ? -7.090  -1.728  -1.207  1.00 9.91  ? 96  TYR A CD2 1 
ATOM   741  C CE1 . TYR A 1 96  ? -7.506  -0.893  -3.818  1.00 11.85 ? 96  TYR A CE1 1 
ATOM   742  C CE2 . TYR A 1 96  ? -7.490  -0.420  -1.463  1.00 11.43 ? 96  TYR A CE2 1 
ATOM   743  C CZ  . TYR A 1 96  ? -7.697  -0.010  -2.771  1.00 12.17 ? 96  TYR A CZ  1 
ATOM   744  O OH  . TYR A 1 96  ? -8.092  1.281   -3.032  1.00 13.41 ? 96  TYR A OH  1 
ATOM   745  N N   . ARG A 1 97  ? -3.757  -3.052  -0.923  1.00 8.95  ? 97  ARG A N   1 
ATOM   746  C CA  . ARG A 1 97  ? -2.877  -1.960  -0.521  1.00 9.81  ? 97  ARG A CA  1 
ATOM   747  C C   . ARG A 1 97  ? -1.457  -2.123  -1.049  1.00 8.33  ? 97  ARG A C   1 
ATOM   748  O O   . ARG A 1 97  ? -0.841  -1.161  -1.509  1.00 9.32  ? 97  ARG A O   1 
ATOM   749  C CB  . ARG A 1 97  ? -2.845  -1.841  1.008   1.00 11.69 ? 97  ARG A CB  1 
ATOM   750  C CG  . ARG A 1 97  ? -4.189  -1.574  1.672   1.00 15.59 ? 97  ARG A CG  1 
ATOM   751  C CD  . ARG A 1 97  ? -4.520  -0.098  1.725   1.00 16.59 ? 97  ARG A CD  1 
ATOM   752  N NE  . ARG A 1 97  ? -5.884  0.122   2.195   1.00 14.15 ? 97  ARG A NE  1 
ATOM   753  C CZ  . ARG A 1 97  ? -6.644  1.129   1.787   1.00 12.07 ? 97  ARG A CZ  1 
ATOM   754  N NH1 . ARG A 1 97  ? -6.157  2.000   0.915   1.00 11.89 ? 97  ARG A NH1 1 
ATOM   755  N NH2 . ARG A 1 97  ? -7.897  1.234   2.212   1.00 11.42 ? 97  ARG A NH2 1 
ATOM   756  N N   . LYS A 1 98  ? -0.924  -3.336  -0.968  1.00 8.73  ? 98  LYS A N   1 
ATOM   757  C CA  . LYS A 1 98  ? 0.431   -3.570  -1.449  1.00 8.55  ? 98  LYS A CA  1 
ATOM   758  C C   . LYS A 1 98  ? 0.528   -3.327  -2.953  1.00 8.78  ? 98  LYS A C   1 
ATOM   759  O O   . LYS A 1 98  ? 1.492   -2.724  -3.432  1.00 9.45  ? 98  LYS A O   1 
ATOM   760  C CB  . LYS A 1 98  ? 0.876   -4.989  -1.092  1.00 9.48  ? 98  LYS A CB  1 
ATOM   761  C CG  . LYS A 1 98  ? 1.097   -5.187  0.406   1.00 8.86  ? 98  LYS A CG  1 
ATOM   762  C CD  . LYS A 1 98  ? 1.539   -6.601  0.747   1.00 9.91  ? 98  LYS A CD  1 
ATOM   763  C CE  . LYS A 1 98  ? 0.389   -7.591  0.659   1.00 10.28 ? 98  LYS A CE  1 
ATOM   764  N NZ  . LYS A 1 98  ? 0.874   -8.994  0.773   1.00 12.24 ? 98  LYS A NZ  1 
ATOM   765  N N   . LEU A 1 99  ? -0.476  -3.780  -3.698  1.00 8.99  ? 99  LEU A N   1 
ATOM   766  C CA  . LEU A 1 99  ? -0.489  -3.586  -5.143  1.00 9.14  ? 99  LEU A CA  1 
ATOM   767  C C   . LEU A 1 99  ? -0.526  -2.109  -5.505  1.00 7.95  ? 99  LEU A C   1 
ATOM   768  O O   . LEU A 1 99  ? 0.185   -1.667  -6.406  1.00 10.12 ? 99  LEU A O   1 
ATOM   769  C CB  . LEU A 1 99  ? -1.695  -4.291  -5.768  1.00 10.99 ? 99  LEU A CB  1 
ATOM   770  C CG  . LEU A 1 99  ? -1.900  -4.090  -7.275  1.00 11.39 ? 99  LEU A CG  1 
ATOM   771  C CD1 . LEU A 1 99  ? -0.657  -4.513  -8.045  1.00 13.92 ? 99  LEU A CD1 1 
ATOM   772  C CD2 . LEU A 1 99  ? -3.101  -4.899  -7.733  1.00 12.82 ? 99  LEU A CD2 1 
ATOM   773  N N   . MET A 1 100 ? -1.357  -1.342  -4.808  1.00 8.29  ? 100 MET A N   1 
ATOM   774  C CA  . MET A 1 100 ? -1.445  0.083   -5.100  1.00 8.64  ? 100 MET A CA  1 
ATOM   775  C C   . MET A 1 100 ? -0.103  0.779   -4.877  1.00 9.06  ? 100 MET A C   1 
ATOM   776  O O   . MET A 1 100 ? 0.291   1.649   -5.657  1.00 9.80  ? 100 MET A O   1 
ATOM   777  C CB  . MET A 1 100 ? -2.537  0.742   -4.256  1.00 9.62  ? 100 MET A CB  1 
ATOM   778  C CG  . MET A 1 100 ? -3.952  0.304   -4.626  1.00 11.52 ? 100 MET A CG  1 
ATOM   779  S SD  . MET A 1 100 ? -4.386  0.568   -6.371  1.00 13.57 ? 100 MET A SD  1 
ATOM   780  C CE  . MET A 1 100 ? -4.409  -1.117  -6.944  1.00 16.55 ? 100 MET A CE  1 
ATOM   781  N N   . VAL A 1 101 ? 0.606   0.413   -3.814  1.00 8.83  ? 101 VAL A N   1 
ATOM   782  C CA  . VAL A 1 101 ? 1.907   1.024   -3.566  1.00 10.00 ? 101 VAL A CA  1 
ATOM   783  C C   . VAL A 1 101 ? 2.858   0.690   -4.711  1.00 10.02 ? 101 VAL A C   1 
ATOM   784  O O   . VAL A 1 101 ? 3.543   1.568   -5.240  1.00 10.30 ? 101 VAL A O   1 
ATOM   785  C CB  . VAL A 1 101 ? 2.534   0.530   -2.244  1.00 9.87  ? 101 VAL A CB  1 
ATOM   786  C CG1 . VAL A 1 101 ? 3.989   0.981   -2.159  1.00 11.20 ? 101 VAL A CG1 1 
ATOM   787  C CG2 . VAL A 1 101 ? 1.746   1.078   -1.057  1.00 11.03 ? 101 VAL A CG2 1 
ATOM   788  N N   . CYS A 1 102 ? 2.893   -0.578  -5.100  1.00 9.72  ? 102 CYS A N   1 
ATOM   789  C CA  . CYS A 1 102 ? 3.789   -0.996  -6.165  1.00 11.00 ? 102 CYS A CA  1 
ATOM   790  C C   . CYS A 1 102 ? 3.480   -0.345  -7.506  1.00 11.04 ? 102 CYS A C   1 
ATOM   791  O O   . CYS A 1 102 ? 4.397   0.050   -8.226  1.00 11.42 ? 102 CYS A O   1 
ATOM   792  C CB  . CYS A 1 102 ? 3.780   -2.516  -6.279  1.00 12.16 ? 102 CYS A CB  1 
ATOM   793  S SG  . CYS A 1 102 ? 4.551   -3.298  -4.838  1.00 19.80 ? 102 CYS A SG  1 
ATOM   794  N N   . VAL A 1 103 ? 2.202   -0.226  -7.844  1.00 10.60 ? 103 VAL A N   1 
ATOM   795  C CA  . VAL A 1 103 ? 1.822   0.412   -9.097  1.00 10.81 ? 103 VAL A CA  1 
ATOM   796  C C   . VAL A 1 103 ? 2.256   1.876   -9.061  1.00 11.30 ? 103 VAL A C   1 
ATOM   797  O O   . VAL A 1 103 ? 2.765   2.406   -10.052 1.00 11.95 ? 103 VAL A O   1 
ATOM   798  C CB  . VAL A 1 103 ? 0.297   0.309   -9.325  1.00 12.05 ? 103 VAL A CB  1 
ATOM   799  C CG1 . VAL A 1 103 ? -0.136  1.213   -10.470 1.00 13.26 ? 103 VAL A CG1 1 
ATOM   800  C CG2 . VAL A 1 103 ? -0.069  -1.129  -9.633  1.00 15.06 ? 103 VAL A CG2 1 
ATOM   801  N N   . GLY A 1 104 ? 2.078   2.521   -7.912  1.00 10.73 ? 104 GLY A N   1 
ATOM   802  C CA  . GLY A 1 104 ? 2.473   3.911   -7.793  1.00 11.47 ? 104 GLY A CA  1 
ATOM   803  C C   . GLY A 1 104 ? 3.954   4.114   -8.058  1.00 12.05 ? 104 GLY A C   1 
ATOM   804  O O   . GLY A 1 104 ? 4.356   5.149   -8.588  1.00 14.71 ? 104 GLY A O   1 
ATOM   805  N N   . GLU A 1 105 ? 4.772   3.135   -7.687  1.00 12.61 ? 105 GLU A N   1 
ATOM   806  C CA  . GLU A 1 105 ? 6.212   3.242   -7.897  1.00 13.48 ? 105 GLU A CA  1 
ATOM   807  C C   . GLU A 1 105 ? 6.625   2.958   -9.341  1.00 14.16 ? 105 GLU A C   1 
ATOM   808  O O   . GLU A 1 105 ? 7.786   3.159   -9.706  1.00 17.19 ? 105 GLU A O   1 
ATOM   809  C CB  . GLU A 1 105 ? 6.956   2.303   -6.944  1.00 15.33 ? 105 GLU A CB  1 
ATOM   810  C CG  . GLU A 1 105 ? 6.772   2.646   -5.472  1.00 16.75 ? 105 GLU A CG  1 
ATOM   811  C CD  . GLU A 1 105 ? 7.145   4.082   -5.155  1.00 18.56 ? 105 GLU A CD  1 
ATOM   812  O OE1 . GLU A 1 105 ? 6.247   4.864   -4.777  1.00 16.76 ? 105 GLU A OE1 1 
ATOM   813  O OE2 . GLU A 1 105 ? 8.339   4.431   -5.289  1.00 22.66 ? 105 GLU A OE2 1 
ATOM   814  N N   . GLU A 1 106 ? 5.685   2.494   -10.163 1.00 13.62 ? 106 GLU A N   1 
ATOM   815  C CA  . GLU A 1 106 ? 5.961   2.200   -11.571 1.00 14.67 ? 106 GLU A CA  1 
ATOM   816  C C   . GLU A 1 106 ? 5.509   3.345   -12.469 1.00 15.09 ? 106 GLU A C   1 
ATOM   817  O O   . GLU A 1 106 ? 5.600   3.266   -13.697 1.00 16.35 ? 106 GLU A O   1 
ATOM   818  C CB  . GLU A 1 106 ? 5.245   0.919   -12.001 1.00 16.53 ? 106 GLU A CB  1 
ATOM   819  C CG  . GLU A 1 106 ? 5.744   -0.335  -11.310 1.00 19.97 ? 106 GLU A CG  1 
ATOM   820  C CD  . GLU A 1 106 ? 7.189   -0.660  -11.647 1.00 23.54 ? 106 GLU A CD  1 
ATOM   821  O OE1 . GLU A 1 106 ? 7.753   -1.574  -11.011 1.00 26.27 ? 106 GLU A OE1 1 
ATOM   822  O OE2 . GLU A 1 106 ? 7.761   -0.008  -12.550 1.00 24.55 ? 106 GLU A OE2 1 
ATOM   823  N N   . LEU A 1 107 ? 5.005   4.402   -11.848 1.00 13.41 ? 107 LEU A N   1 
ATOM   824  C CA  . LEU A 1 107 ? 4.536   5.568   -12.584 1.00 13.76 ? 107 LEU A CA  1 
ATOM   825  C C   . LEU A 1 107 ? 5.502   6.730   -12.408 1.00 14.82 ? 107 LEU A C   1 
ATOM   826  O O   . LEU A 1 107 ? 6.074   6.911   -11.333 1.00 16.64 ? 107 LEU A O   1 
ATOM   827  C CB  . LEU A 1 107 ? 3.157   5.988   -12.070 1.00 12.72 ? 107 LEU A CB  1 
ATOM   828  C CG  . LEU A 1 107 ? 2.006   4.999   -12.263 1.00 13.44 ? 107 LEU A CG  1 
ATOM   829  C CD1 . LEU A 1 107 ? 0.859   5.360   -11.331 1.00 15.36 ? 107 LEU A CD1 1 
ATOM   830  C CD2 . LEU A 1 107 ? 1.552   5.006   -13.709 1.00 13.14 ? 107 LEU A CD2 1 
ATOM   831  N N   . ASP A 1 108 ? 5.698   7.509   -13.466 1.00 15.08 ? 108 ASP A N   1 
ATOM   832  C CA  . ASP A 1 108 ? 6.563   8.674   -13.372 1.00 15.41 ? 108 ASP A CA  1 
ATOM   833  C C   . ASP A 1 108 ? 5.658   9.866   -13.071 1.00 14.58 ? 108 ASP A C   1 
ATOM   834  O O   . ASP A 1 108 ? 4.433   9.735   -13.063 1.00 13.88 ? 108 ASP A O   1 
ATOM   835  C CB  . ASP A 1 108 ? 7.357   8.889   -14.670 1.00 17.13 ? 108 ASP A CB  1 
ATOM   836  C CG  . ASP A 1 108 ? 6.473   9.011   -15.892 1.00 20.16 ? 108 ASP A CG  1 
ATOM   837  O OD1 . ASP A 1 108 ? 5.561   9.858   -15.889 1.00 19.32 ? 108 ASP A OD1 1 
ATOM   838  O OD2 . ASP A 1 108 ? 6.699   8.261   -16.868 1.00 24.87 ? 108 ASP A OD2 1 
ATOM   839  N N   . SER A 1 109 ? 6.253   11.025  -12.812 1.00 14.02 ? 109 SER A N   1 
ATOM   840  C CA  . SER A 1 109 ? 5.474   12.212  -12.476 1.00 13.91 ? 109 SER A CA  1 
ATOM   841  C C   . SER A 1 109 ? 4.487   12.666  -13.543 1.00 14.11 ? 109 SER A C   1 
ATOM   842  O O   . SER A 1 109 ? 3.408   13.154  -13.216 1.00 13.68 ? 109 SER A O   1 
ATOM   843  C CB  . SER A 1 109 ? 6.406   13.370  -12.118 1.00 14.83 ? 109 SER A CB  1 
ATOM   844  O OG  . SER A 1 109 ? 7.189   13.054  -10.982 1.00 17.41 ? 109 SER A OG  1 
ATOM   845  N N   . SER A 1 110 ? 4.852   12.519  -14.812 1.00 14.53 ? 110 SER A N   1 
ATOM   846  C CA  . SER A 1 110 ? 3.964   12.923  -15.899 1.00 15.50 ? 110 SER A CA  1 
ATOM   847  C C   . SER A 1 110 ? 2.741   12.014  -15.952 1.00 13.65 ? 110 SER A C   1 
ATOM   848  O O   . SER A 1 110 ? 1.621   12.474  -16.162 1.00 13.91 ? 110 SER A O   1 
ATOM   849  C CB  . SER A 1 110 ? 4.701   12.866  -17.238 1.00 17.42 ? 110 SER A CB  1 
ATOM   850  O OG  . SER A 1 110 ? 3.852   13.269  -18.297 1.00 24.36 ? 110 SER A OG  1 
ATOM   851  N N   . GLU A 1 111 ? 2.970   10.716  -15.774 1.00 13.21 ? 111 GLU A N   1 
ATOM   852  C CA  . GLU A 1 111 ? 1.881   9.743   -15.777 1.00 12.40 ? 111 GLU A CA  1 
ATOM   853  C C   . GLU A 1 111 ? 0.962   10.009  -14.587 1.00 11.68 ? 111 GLU A C   1 
ATOM   854  O O   . GLU A 1 111 ? -0.259  9.988   -14.715 1.00 12.32 ? 111 GLU A O   1 
ATOM   855  C CB  . GLU A 1 111 ? 2.440   8.318   -15.695 1.00 14.09 ? 111 GLU A CB  1 
ATOM   856  C CG  . GLU A 1 111 ? 3.241   7.901   -16.919 1.00 14.28 ? 111 GLU A CG  1 
ATOM   857  C CD  . GLU A 1 111 ? 3.871   6.526   -16.779 1.00 14.13 ? 111 GLU A CD  1 
ATOM   858  O OE1 . GLU A 1 111 ? 4.602   6.304   -15.791 1.00 14.96 ? 111 GLU A OE1 1 
ATOM   859  O OE2 . GLU A 1 111 ? 3.645   5.675   -17.664 1.00 17.56 ? 111 GLU A OE2 1 
ATOM   860  N N   . LEU A 1 112 ? 1.559   10.270  -13.428 1.00 11.67 ? 112 LEU A N   1 
ATOM   861  C CA  . LEU A 1 112 ? 0.776   10.540  -12.232 1.00 11.50 ? 112 LEU A CA  1 
ATOM   862  C C   . LEU A 1 112 ? -0.072  11.796  -12.424 1.00 11.82 ? 112 LEU A C   1 
ATOM   863  O O   . LEU A 1 112 ? -1.236  11.835  -12.029 1.00 12.73 ? 112 LEU A O   1 
ATOM   864  C CB  . LEU A 1 112 ? 1.696   10.694  -11.020 1.00 12.86 ? 112 LEU A CB  1 
ATOM   865  C CG  . LEU A 1 112 ? 1.035   11.051  -9.685  1.00 12.17 ? 112 LEU A CG  1 
ATOM   866  C CD1 . LEU A 1 112 ? -0.018  10.012  -9.316  1.00 13.70 ? 112 LEU A CD1 1 
ATOM   867  C CD2 . LEU A 1 112 ? 2.103   11.133  -8.609  1.00 14.90 ? 112 LEU A CD2 1 
ATOM   868  N N   . ARG A 1 113 ? 0.512   12.825  -13.034 1.00 12.60 ? 113 ARG A N   1 
ATOM   869  C CA  . ARG A 1 113 ? -0.221  14.057  -13.286 1.00 13.09 ? 113 ARG A CA  1 
ATOM   870  C C   . ARG A 1 113 ? -1.420  13.774  -14.193 1.00 13.10 ? 113 ARG A C   1 
ATOM   871  O O   . ARG A 1 113 ? -2.521  14.255  -13.949 1.00 12.94 ? 113 ARG A O   1 
ATOM   872  C CB  . ARG A 1 113 ? 0.688   15.093  -13.950 1.00 16.02 ? 113 ARG A CB  1 
ATOM   873  C CG  . ARG A 1 113 ? -0.031  16.359  -14.398 1.00 20.47 ? 113 ARG A CG  1 
ATOM   874  C CD  . ARG A 1 113 ? 0.819   17.119  -15.401 1.00 23.36 ? 113 ARG A CD  1 
ATOM   875  N NE  . ARG A 1 113 ? 1.294   16.227  -16.455 1.00 28.40 ? 113 ARG A NE  1 
ATOM   876  C CZ  . ARG A 1 113 ? 0.500   15.545  -17.276 1.00 29.41 ? 113 ARG A CZ  1 
ATOM   877  N NH1 . ARG A 1 113 ? -0.818  15.656  -17.178 1.00 30.46 ? 113 ARG A NH1 1 
ATOM   878  N NH2 . ARG A 1 113 ? 1.025   14.735  -18.183 1.00 27.73 ? 113 ARG A NH2 1 
ATOM   879  N N   . ALA A 1 114 ? -1.201  12.983  -15.241 1.00 12.71 ? 114 ALA A N   1 
ATOM   880  C CA  . ALA A 1 114 ? -2.278  12.647  -16.164 1.00 12.16 ? 114 ALA A CA  1 
ATOM   881  C C   . ALA A 1 114 ? -3.399  11.920  -15.429 1.00 11.92 ? 114 ALA A C   1 
ATOM   882  O O   . ALA A 1 114 ? -4.576  12.192  -15.647 1.00 12.30 ? 114 ALA A O   1 
ATOM   883  C CB  . ALA A 1 114 ? -1.749  11.781  -17.303 1.00 13.54 ? 114 ALA A CB  1 
ATOM   884  N N   . LEU A 1 115 ? -3.029  10.998  -14.542 1.00 11.75 ? 115 LEU A N   1 
ATOM   885  C CA  . LEU A 1 115 ? -4.017  10.237  -13.786 1.00 11.72 ? 115 LEU A CA  1 
ATOM   886  C C   . LEU A 1 115 ? -4.834  11.143  -12.876 1.00 10.74 ? 115 LEU A C   1 
ATOM   887  O O   . LEU A 1 115 ? -6.048  10.980  -12.761 1.00 11.59 ? 115 LEU A O   1 
ATOM   888  C CB  . LEU A 1 115 ? -3.327  9.145   -12.964 1.00 11.70 ? 115 LEU A CB  1 
ATOM   889  C CG  . LEU A 1 115 ? -2.701  8.013   -13.782 1.00 12.29 ? 115 LEU A CG  1 
ATOM   890  C CD1 . LEU A 1 115 ? -1.902  7.111   -12.863 1.00 13.30 ? 115 LEU A CD1 1 
ATOM   891  C CD2 . LEU A 1 115 ? -3.792  7.227   -14.503 1.00 13.21 ? 115 LEU A CD2 1 
ATOM   892  N N   . ARG A 1 116 ? -4.170  12.097  -12.224 1.00 11.75 ? 116 ARG A N   1 
ATOM   893  C CA  . ARG A 1 116 ? -4.883  13.017  -11.342 1.00 11.50 ? 116 ARG A CA  1 
ATOM   894  C C   . ARG A 1 116 ? -5.888  13.831  -12.153 1.00 12.18 ? 116 ARG A C   1 
ATOM   895  O O   . ARG A 1 116 ? -6.995  14.101  -11.694 1.00 13.23 ? 116 ARG A O   1 
ATOM   896  C CB  . ARG A 1 116 ? -3.910  13.960  -10.624 1.00 12.82 ? 116 ARG A CB  1 
ATOM   897  C CG  . ARG A 1 116 ? -3.003  13.278  -9.606  1.00 13.48 ? 116 ARG A CG  1 
ATOM   898  C CD  . ARG A 1 116 ? -2.319  14.314  -8.718  1.00 15.80 ? 116 ARG A CD  1 
ATOM   899  N NE  . ARG A 1 116 ? -1.572  15.291  -9.507  1.00 16.50 ? 116 ARG A NE  1 
ATOM   900  C CZ  . ARG A 1 116 ? -0.254  15.277  -9.672  1.00 16.60 ? 116 ARG A CZ  1 
ATOM   901  N NH1 . ARG A 1 116 ? 0.484   14.341  -9.098  1.00 17.50 ? 116 ARG A NH1 1 
ATOM   902  N NH2 . ARG A 1 116 ? 0.324   16.199  -10.428 1.00 15.99 ? 116 ARG A NH2 1 
ATOM   903  N N   . LEU A 1 117 ? -5.495  14.215  -13.364 1.00 12.74 ? 117 LEU A N   1 
ATOM   904  C CA  . LEU A 1 117 ? -6.376  14.982  -14.235 1.00 14.10 ? 117 LEU A CA  1 
ATOM   905  C C   . LEU A 1 117 ? -7.558  14.122  -14.687 1.00 13.30 ? 117 LEU A C   1 
ATOM   906  O O   . LEU A 1 117 ? -8.690  14.604  -14.747 1.00 14.51 ? 117 LEU A O   1 
ATOM   907  C CB  . LEU A 1 117 ? -5.599  15.511  -15.444 1.00 16.08 ? 117 LEU A CB  1 
ATOM   908  C CG  . LEU A 1 117 ? -4.464  16.489  -15.117 1.00 19.98 ? 117 LEU A CG  1 
ATOM   909  C CD1 . LEU A 1 117 ? -3.811  16.974  -16.404 1.00 21.67 ? 117 LEU A CD1 1 
ATOM   910  C CD2 . LEU A 1 117 ? -5.012  17.670  -14.328 1.00 22.41 ? 117 LEU A CD2 1 
ATOM   911  N N   . PHE A 1 118 ? -7.301  12.852  -15.003 1.00 13.56 ? 118 PHE A N   1 
ATOM   912  C CA  . PHE A 1 118 ? -8.378  11.953  -15.421 1.00 14.52 ? 118 PHE A CA  1 
ATOM   913  C C   . PHE A 1 118 ? -9.390  11.836  -14.289 1.00 14.01 ? 118 PHE A C   1 
ATOM   914  O O   . PHE A 1 118 ? -10.601 11.859  -14.515 1.00 14.34 ? 118 PHE A O   1 
ATOM   915  C CB  . PHE A 1 118 ? -7.863  10.539  -15.730 1.00 15.19 ? 118 PHE A CB  1 
ATOM   916  C CG  . PHE A 1 118 ? -6.942  10.451  -16.915 1.00 15.18 ? 118 PHE A CG  1 
ATOM   917  C CD1 . PHE A 1 118 ? -6.940  11.425  -17.910 1.00 15.74 ? 118 PHE A CD1 1 
ATOM   918  C CD2 . PHE A 1 118 ? -6.090  9.359   -17.050 1.00 16.65 ? 118 PHE A CD2 1 
ATOM   919  C CE1 . PHE A 1 118 ? -6.100  11.307  -19.019 1.00 17.76 ? 118 PHE A CE1 1 
ATOM   920  C CE2 . PHE A 1 118 ? -5.250  9.233   -18.151 1.00 18.65 ? 118 PHE A CE2 1 
ATOM   921  C CZ  . PHE A 1 118 ? -5.255  10.209  -19.138 1.00 18.74 ? 118 PHE A CZ  1 
ATOM   922  N N   . ALA A 1 119 ? -8.887  11.697  -13.066 1.00 13.57 ? 119 ALA A N   1 
ATOM   923  C CA  . ALA A 1 119 ? -9.749  11.564  -11.899 1.00 12.32 ? 119 ALA A CA  1 
ATOM   924  C C   . ALA A 1 119 ? -10.634 12.788  -11.699 1.00 12.58 ? 119 ALA A C   1 
ATOM   925  O O   . ALA A 1 119 ? -11.833 12.664  -11.452 1.00 13.45 ? 119 ALA A O   1 
ATOM   926  C CB  . ALA A 1 119 ? -8.906  11.320  -10.651 1.00 13.70 ? 119 ALA A CB  1 
ATOM   927  N N   . CYS A 1 120 ? -10.035 13.971  -11.798 1.00 13.73 ? 120 CYS A N   1 
ATOM   928  C CA  . CYS A 1 120 ? -10.785 15.206  -11.614 1.00 13.69 ? 120 CYS A CA  1 
ATOM   929  C C   . CYS A 1 120 ? -11.801 15.447  -12.730 1.00 14.53 ? 120 CYS A C   1 
ATOM   930  O O   . CYS A 1 120 ? -12.798 16.136  -12.524 1.00 16.31 ? 120 CYS A O   1 
ATOM   931  C CB  . CYS A 1 120 ? -9.823  16.391  -11.477 1.00 14.54 ? 120 CYS A CB  1 
ATOM   932  S SG  . CYS A 1 120 ? -8.858  16.346  -9.934  1.00 16.56 ? 120 CYS A SG  1 
ATOM   933  N N   . ASN A 1 121 ? -11.555 14.883  -13.909 1.00 15.32 ? 121 ASN A N   1 
ATOM   934  C CA  . ASN A 1 121 ? -12.494 15.025  -15.017 1.00 16.32 ? 121 ASN A CA  1 
ATOM   935  C C   . ASN A 1 121 ? -13.674 14.090  -14.780 1.00 17.05 ? 121 ASN A C   1 
ATOM   936  O O   . ASN A 1 121 ? -14.813 14.422  -15.105 1.00 18.11 ? 121 ASN A O   1 
ATOM   937  C CB  . ASN A 1 121 ? -11.830 14.701  -16.358 1.00 17.94 ? 121 ASN A CB  1 
ATOM   938  C CG  . ASN A 1 121 ? -11.007 15.856  -16.893 1.00 18.14 ? 121 ASN A CG  1 
ATOM   939  O OD1 . ASN A 1 121 ? -11.373 17.019  -16.724 1.00 20.63 ? 121 ASN A OD1 1 
ATOM   940  N ND2 . ASN A 1 121 ? -9.904  15.543  -17.559 1.00 19.87 ? 121 ASN A ND2 1 
ATOM   941  N N   . LEU A 1 122 ? -13.397 12.919  -14.210 1.00 17.80 ? 122 LEU A N   1 
ATOM   942  C CA  . LEU A 1 122 ? -14.449 11.954  -13.906 1.00 18.13 ? 122 LEU A CA  1 
ATOM   943  C C   . LEU A 1 122 ? -15.317 12.497  -12.781 1.00 18.94 ? 122 LEU A C   1 
ATOM   944  O O   . LEU A 1 122 ? -16.541 12.374  -12.810 1.00 20.50 ? 122 LEU A O   1 
ATOM   945  C CB  . LEU A 1 122 ? -13.850 10.614  -13.470 1.00 19.12 ? 122 LEU A CB  1 
ATOM   946  C CG  . LEU A 1 122 ? -13.321 9.672   -14.547 1.00 19.86 ? 122 LEU A CG  1 
ATOM   947  C CD1 . LEU A 1 122 ? -12.701 8.444   -13.892 1.00 20.65 ? 122 LEU A CD1 1 
ATOM   948  C CD2 . LEU A 1 122 ? -14.462 9.266   -15.470 1.00 19.54 ? 122 LEU A CD2 1 
ATOM   949  N N   . ASN A 1 123 ? -14.669 13.094  -11.785 1.00 18.64 ? 123 ASN A N   1 
ATOM   950  C CA  . ASN A 1 123 ? -15.362 13.661  -10.635 1.00 17.97 ? 123 ASN A CA  1 
ATOM   951  C C   . ASN A 1 123 ? -14.647 14.942  -10.212 1.00 18.47 ? 123 ASN A C   1 
ATOM   952  O O   . ASN A 1 123 ? -13.665 14.901  -9.471  1.00 15.83 ? 123 ASN A O   1 
ATOM   953  C CB  . ASN A 1 123 ? -15.357 12.668  -9.469  1.00 20.22 ? 123 ASN A CB  1 
ATOM   954  C CG  . ASN A 1 123 ? -16.190 13.142  -8.296  1.00 21.62 ? 123 ASN A CG  1 
ATOM   955  O OD1 . ASN A 1 123 ? -16.307 14.341  -8.045  1.00 24.52 ? 123 ASN A OD1 1 
ATOM   956  N ND2 . ASN A 1 123 ? -16.762 12.198  -7.555  1.00 23.64 ? 123 ASN A ND2 1 
ATOM   957  N N   . PRO A 1 124 ? -15.140 16.103  -10.673 1.00 18.77 ? 124 PRO A N   1 
ATOM   958  C CA  . PRO A 1 124 ? -14.544 17.402  -10.343 1.00 18.97 ? 124 PRO A CA  1 
ATOM   959  C C   . PRO A 1 124 ? -14.406 17.688  -8.849  1.00 18.02 ? 124 PRO A C   1 
ATOM   960  O O   . PRO A 1 124 ? -13.602 18.531  -8.447  1.00 18.07 ? 124 PRO A O   1 
ATOM   961  C CB  . PRO A 1 124 ? -15.468 18.393  -11.051 1.00 19.85 ? 124 PRO A CB  1 
ATOM   962  C CG  . PRO A 1 124 ? -16.785 17.686  -11.050 1.00 22.72 ? 124 PRO A CG  1 
ATOM   963  C CD  . PRO A 1 124 ? -16.390 16.283  -11.433 1.00 20.70 ? 124 PRO A CD  1 
ATOM   964  N N   . SER A 1 125 ? -15.182 16.988  -8.027  1.00 19.45 ? 125 SER A N   1 
ATOM   965  C CA  . SER A 1 125 ? -15.126 17.184  -6.579  1.00 19.63 ? 125 SER A CA  1 
ATOM   966  C C   . SER A 1 125 ? -13.759 16.796  -6.014  1.00 18.53 ? 125 SER A C   1 
ATOM   967  O O   . SER A 1 125 ? -13.361 17.261  -4.945  1.00 19.83 ? 125 SER A O   1 
ATOM   968  C CB  . SER A 1 125 ? -16.210 16.351  -5.888  1.00 21.87 ? 125 SER A CB  1 
ATOM   969  O OG  . SER A 1 125 ? -17.500 16.676  -6.373  1.00 24.53 ? 125 SER A OG  1 
ATOM   970  N N   . LEU A 1 126 ? -13.042 15.948  -6.744  1.00 16.61 ? 126 LEU A N   1 
ATOM   971  C CA  . LEU A 1 126 ? -11.728 15.476  -6.318  1.00 14.55 ? 126 LEU A CA  1 
ATOM   972  C C   . LEU A 1 126 ? -10.635 16.535  -6.396  1.00 14.11 ? 126 LEU A C   1 
ATOM   973  O O   . LEU A 1 126 ? -9.564  16.370  -5.816  1.00 14.34 ? 126 LEU A O   1 
ATOM   974  C CB  . LEU A 1 126 ? -11.319 14.264  -7.155  1.00 13.44 ? 126 LEU A CB  1 
ATOM   975  C CG  . LEU A 1 126 ? -12.171 13.011  -6.950  1.00 14.16 ? 126 LEU A CG  1 
ATOM   976  C CD1 . LEU A 1 126 ? -11.748 11.937  -7.931  1.00 15.33 ? 126 LEU A CD1 1 
ATOM   977  C CD2 . LEU A 1 126 ? -12.024 12.525  -5.517  1.00 17.85 ? 126 LEU A CD2 1 
ATOM   978  N N   . SER A 1 127 ? -10.903 17.623  -7.106  1.00 14.78 ? 127 SER A N   1 
ATOM   979  C CA  . SER A 1 127 ? -9.913  18.682  -7.251  1.00 15.74 ? 127 SER A CA  1 
ATOM   980  C C   . SER A 1 127 ? -9.432  19.228  -5.909  1.00 14.79 ? 127 SER A C   1 
ATOM   981  O O   . SER A 1 127 ? -8.266  19.597  -5.766  1.00 15.05 ? 127 SER A O   1 
ATOM   982  C CB  . SER A 1 127 ? -10.478 19.822  -8.101  1.00 18.74 ? 127 SER A CB  1 
ATOM   983  O OG  . SER A 1 127 ? -11.600 20.415  -7.475  1.00 25.39 ? 127 SER A OG  1 
ATOM   984  N N   . THR A 1 128 ? -10.324 19.274  -4.925  1.00 16.05 ? 128 THR A N   1 
ATOM   985  C CA  . THR A 1 128 ? -9.967  19.791  -3.606  1.00 17.46 ? 128 THR A CA  1 
ATOM   986  C C   . THR A 1 128 ? -9.179  18.791  -2.765  1.00 17.96 ? 128 THR A C   1 
ATOM   987  O O   . THR A 1 128 ? -8.646  19.141  -1.711  1.00 19.79 ? 128 THR A O   1 
ATOM   988  C CB  . THR A 1 128 ? -11.218 20.210  -2.808  1.00 18.76 ? 128 THR A CB  1 
ATOM   989  O OG1 . THR A 1 128 ? -12.074 19.074  -2.623  1.00 19.39 ? 128 THR A OG1 1 
ATOM   990  C CG2 . THR A 1 128 ? -11.978 21.302  -3.545  1.00 20.19 ? 128 THR A CG2 1 
ATOM   991  N N   . ALA A 1 129 ? -9.102  17.547  -3.230  1.00 17.18 ? 129 ALA A N   1 
ATOM   992  C CA  . ALA A 1 129 ? -8.378  16.511  -2.506  1.00 17.55 ? 129 ALA A CA  1 
ATOM   993  C C   . ALA A 1 129 ? -7.068  16.170  -3.199  1.00 18.15 ? 129 ALA A C   1 
ATOM   994  O O   . ALA A 1 129 ? -6.283  15.363  -2.701  1.00 20.61 ? 129 ALA A O   1 
ATOM   995  C CB  . ALA A 1 129 ? -9.241  15.259  -2.389  1.00 17.74 ? 129 ALA A CB  1 
ATOM   996  N N   . LEU A 1 130 ? -6.832  16.794  -4.349  1.00 16.84 ? 130 LEU A N   1 
ATOM   997  C CA  . LEU A 1 130 ? -5.625  16.536  -5.121  1.00 17.73 ? 130 LEU A CA  1 
ATOM   998  C C   . LEU A 1 130 ? -4.922  17.809  -5.569  1.00 17.75 ? 130 LEU A C   1 
ATOM   999  O O   . LEU A 1 130 ? -5.561  18.831  -5.832  1.00 20.53 ? 130 LEU A O   1 
ATOM   1000 C CB  . LEU A 1 130 ? -5.973  15.709  -6.356  1.00 16.54 ? 130 LEU A CB  1 
ATOM   1001 C CG  . LEU A 1 130 ? -6.660  14.362  -6.126  1.00 16.49 ? 130 LEU A CG  1 
ATOM   1002 C CD1 . LEU A 1 130 ? -7.146  13.809  -7.456  1.00 17.51 ? 130 LEU A CD1 1 
ATOM   1003 C CD2 . LEU A 1 130 ? -5.691  13.402  -5.453  1.00 18.31 ? 130 LEU A CD2 1 
ATOM   1004 N N   . SER A 1 131 ? -3.597  17.736  -5.657  1.00 16.69 ? 131 SER A N   1 
ATOM   1005 C CA  . SER A 1 131 ? -2.786  18.861  -6.103  1.00 15.98 ? 131 SER A CA  1 
ATOM   1006 C C   . SER A 1 131 ? -1.592  18.291  -6.853  1.00 15.55 ? 131 SER A C   1 
ATOM   1007 O O   . SER A 1 131 ? -1.431  17.071  -6.943  1.00 14.20 ? 131 SER A O   1 
ATOM   1008 C CB  . SER A 1 131 ? -2.296  19.693  -4.914  1.00 18.01 ? 131 SER A CB  1 
ATOM   1009 O OG  . SER A 1 131 ? -1.297  19.006  -4.183  1.00 19.17 ? 131 SER A OG  1 
ATOM   1010 N N   . GLU A 1 132 ? -0.753  19.176  -7.381  1.00 15.07 ? 132 GLU A N   1 
ATOM   1011 C CA  . GLU A 1 132 ? 0.425   18.762  -8.131  1.00 15.82 ? 132 GLU A CA  1 
ATOM   1012 C C   . GLU A 1 132 ? 1.433   18.018  -7.261  1.00 15.20 ? 132 GLU A C   1 
ATOM   1013 O O   . GLU A 1 132 ? 2.400   17.449  -7.767  1.00 17.32 ? 132 GLU A O   1 
ATOM   1014 C CB  . GLU A 1 132 ? 1.078   19.984  -8.782  1.00 17.51 ? 132 GLU A CB  1 
ATOM   1015 C CG  . GLU A 1 132 ? 0.131   20.722  -9.718  1.00 23.32 ? 132 GLU A CG  1 
ATOM   1016 C CD  . GLU A 1 132 ? 0.781   21.887  -10.434 1.00 25.74 ? 132 GLU A CD  1 
ATOM   1017 O OE1 . GLU A 1 132 ? 1.687   21.651  -11.259 1.00 28.25 ? 132 GLU A OE1 1 
ATOM   1018 O OE2 . GLU A 1 132 ? 0.382   23.041  -10.172 1.00 29.73 ? 132 GLU A OE2 1 
ATOM   1019 N N   . SER A 1 133 ? 1.209   18.013  -5.951  1.00 14.25 ? 133 SER A N   1 
ATOM   1020 C CA  . SER A 1 133 ? 2.114   17.313  -5.051  1.00 15.65 ? 133 SER A CA  1 
ATOM   1021 C C   . SER A 1 133 ? 1.544   15.976  -4.578  1.00 13.97 ? 133 SER A C   1 
ATOM   1022 O O   . SER A 1 133 ? 2.212   15.233  -3.864  1.00 14.23 ? 133 SER A O   1 
ATOM   1023 C CB  . SER A 1 133 ? 2.444   18.188  -3.839  1.00 17.72 ? 133 SER A CB  1 
ATOM   1024 O OG  . SER A 1 133 ? 1.278   18.499  -3.097  1.00 19.95 ? 133 SER A OG  1 
ATOM   1025 N N   . SER A 1 134 ? 0.314   15.663  -4.979  1.00 13.86 ? 134 SER A N   1 
ATOM   1026 C CA  . SER A 1 134 ? -0.318  14.413  -4.562  1.00 13.00 ? 134 SER A CA  1 
ATOM   1027 C C   . SER A 1 134 ? 0.352   13.163  -5.118  1.00 13.53 ? 134 SER A C   1 
ATOM   1028 O O   . SER A 1 134 ? 0.556   13.037  -6.323  1.00 14.15 ? 134 SER A O   1 
ATOM   1029 C CB  . SER A 1 134 ? -1.794  14.400  -4.968  1.00 13.51 ? 134 SER A CB  1 
ATOM   1030 O OG  . SER A 1 134 ? -2.527  15.410  -4.301  1.00 14.30 ? 134 SER A OG  1 
ATOM   1031 N N   . ARG A 1 135 ? 0.678   12.232  -4.223  1.00 12.71 ? 135 ARG A N   1 
ATOM   1032 C CA  . ARG A 1 135 ? 1.305   10.968  -4.601  1.00 12.38 ? 135 ARG A CA  1 
ATOM   1033 C C   . ARG A 1 135 ? 0.229   10.013  -5.123  1.00 11.44 ? 135 ARG A C   1 
ATOM   1034 O O   . ARG A 1 135 ? -0.964  10.250  -4.927  1.00 11.25 ? 135 ARG A O   1 
ATOM   1035 C CB  . ARG A 1 135 ? 1.970   10.318  -3.382  1.00 15.46 ? 135 ARG A CB  1 
ATOM   1036 C CG  . ARG A 1 135 ? 2.987   11.174  -2.643  1.00 15.42 ? 135 ARG A CG  1 
ATOM   1037 C CD  . ARG A 1 135 ? 3.621   10.362  -1.516  1.00 19.52 ? 135 ARG A CD  1 
ATOM   1038 N NE  . ARG A 1 135 ? 4.725   11.059  -0.860  1.00 19.02 ? 135 ARG A NE  1 
ATOM   1039 C CZ  . ARG A 1 135 ? 4.579   11.973  0.094   1.00 19.48 ? 135 ARG A CZ  1 
ATOM   1040 N NH1 . ARG A 1 135 ? 3.372   12.312  0.520   1.00 20.84 ? 135 ARG A NH1 1 
ATOM   1041 N NH2 . ARG A 1 135 ? 5.649   12.551  0.624   1.00 21.31 ? 135 ARG A NH2 1 
ATOM   1042 N N   . PHE A 1 136 ? 0.646   8.930   -5.773  1.00 10.66 ? 136 PHE A N   1 
ATOM   1043 C CA  . PHE A 1 136 ? -0.318  7.955   -6.273  1.00 10.61 ? 136 PHE A CA  1 
ATOM   1044 C C   . PHE A 1 136 ? -1.167  7.391   -5.128  1.00 10.42 ? 136 PHE A C   1 
ATOM   1045 O O   . PHE A 1 136 ? -2.382  7.240   -5.276  1.00 10.46 ? 136 PHE A O   1 
ATOM   1046 C CB  . PHE A 1 136 ? 0.382   6.801   -6.995  1.00 11.21 ? 136 PHE A CB  1 
ATOM   1047 C CG  . PHE A 1 136 ? -0.570  5.789   -7.580  1.00 9.56  ? 136 PHE A CG  1 
ATOM   1048 C CD1 . PHE A 1 136 ? -1.349  6.102   -8.686  1.00 11.91 ? 136 PHE A CD1 1 
ATOM   1049 C CD2 . PHE A 1 136 ? -0.705  4.528   -7.007  1.00 10.46 ? 136 PHE A CD2 1 
ATOM   1050 C CE1 . PHE A 1 136 ? -2.250  5.176   -9.211  1.00 11.50 ? 136 PHE A CE1 1 
ATOM   1051 C CE2 . PHE A 1 136 ? -1.600  3.598   -7.524  1.00 10.28 ? 136 PHE A CE2 1 
ATOM   1052 C CZ  . PHE A 1 136 ? -2.376  3.919   -8.626  1.00 10.88 ? 136 PHE A CZ  1 
ATOM   1053 N N   . VAL A 1 137 ? -0.550  7.087   -3.987  1.00 10.17 ? 137 VAL A N   1 
ATOM   1054 C CA  . VAL A 1 137 ? -1.333  6.545   -2.878  1.00 9.89  ? 137 VAL A CA  1 
ATOM   1055 C C   . VAL A 1 137 ? -2.364  7.553   -2.402  1.00 9.87  ? 137 VAL A C   1 
ATOM   1056 O O   . VAL A 1 137 ? -3.433  7.178   -1.922  1.00 10.23 ? 137 VAL A O   1 
ATOM   1057 C CB  . VAL A 1 137 ? -0.452  6.107   -1.676  1.00 11.42 ? 137 VAL A CB  1 
ATOM   1058 C CG1 . VAL A 1 137 ? 0.362   4.883   -2.055  1.00 14.42 ? 137 VAL A CG1 1 
ATOM   1059 C CG2 . VAL A 1 137 ? 0.450   7.247   -1.231  1.00 12.59 ? 137 VAL A CG2 1 
ATOM   1060 N N   . GLU A 1 138 ? -2.054  8.837   -2.533  1.00 11.03 ? 138 GLU A N   1 
ATOM   1061 C CA  . GLU A 1 138 ? -3.001  9.861   -2.123  1.00 10.53 ? 138 GLU A CA  1 
ATOM   1062 C C   . GLU A 1 138 ? -4.141  9.934   -3.144  1.00 10.34 ? 138 GLU A C   1 
ATOM   1063 O O   . GLU A 1 138 ? -5.290  10.178  -2.779  1.00 10.50 ? 138 GLU A O   1 
ATOM   1064 C CB  . GLU A 1 138 ? -2.268  11.195  -1.941  1.00 12.54 ? 138 GLU A CB  1 
ATOM   1065 C CG  . GLU A 1 138 ? -1.412  11.176  -0.667  1.00 16.50 ? 138 GLU A CG  1 
ATOM   1066 C CD  . GLU A 1 138 ? -0.332  12.246  -0.608  1.00 18.11 ? 138 GLU A CD  1 
ATOM   1067 O OE1 . GLU A 1 138 ? 0.283   12.398  0.469   1.00 24.40 ? 138 GLU A OE1 1 
ATOM   1068 O OE2 . GLU A 1 138 ? -0.082  12.920  -1.624  1.00 17.99 ? 138 GLU A OE2 1 
ATOM   1069 N N   . LEU A 1 139 ? -3.832  9.693   -4.415  1.00 9.91  ? 139 LEU A N   1 
ATOM   1070 C CA  . LEU A 1 139 ? -4.856  9.667   -5.455  1.00 9.87  ? 139 LEU A CA  1 
ATOM   1071 C C   . LEU A 1 139 ? -5.790  8.481   -5.171  1.00 9.10  ? 139 LEU A C   1 
ATOM   1072 O O   . LEU A 1 139 ? -7.013  8.605   -5.264  1.00 9.80  ? 139 LEU A O   1 
ATOM   1073 C CB  . LEU A 1 139 ? -4.215  9.499   -6.836  1.00 11.57 ? 139 LEU A CB  1 
ATOM   1074 C CG  . LEU A 1 139 ? -5.158  9.188   -8.004  1.00 11.62 ? 139 LEU A CG  1 
ATOM   1075 C CD1 . LEU A 1 139 ? -6.191  10.295  -8.153  1.00 13.67 ? 139 LEU A CD1 1 
ATOM   1076 C CD2 . LEU A 1 139 ? -4.349  9.031   -9.287  1.00 13.93 ? 139 LEU A CD2 1 
ATOM   1077 N N   . VAL A 1 140 ? -5.216  7.334   -4.816  1.00 8.74  ? 140 VAL A N   1 
ATOM   1078 C CA  . VAL A 1 140 ? -6.027  6.159   -4.510  1.00 8.34  ? 140 VAL A CA  1 
ATOM   1079 C C   . VAL A 1 140 ? -6.969  6.445   -3.339  1.00 8.91  ? 140 VAL A C   1 
ATOM   1080 O O   . VAL A 1 140 ? -8.160  6.147   -3.410  1.00 8.87  ? 140 VAL A O   1 
ATOM   1081 C CB  . VAL A 1 140 ? -5.141  4.931   -4.188  1.00 9.17  ? 140 VAL A CB  1 
ATOM   1082 C CG1 . VAL A 1 140 ? -6.012  3.754   -3.743  1.00 9.91  ? 140 VAL A CG1 1 
ATOM   1083 C CG2 . VAL A 1 140 ? -4.323  4.551   -5.414  1.00 9.76  ? 140 VAL A CG2 1 
ATOM   1084 N N   . LEU A 1 141 ? -6.449  7.036   -2.271  1.00 9.00  ? 141 LEU A N   1 
ATOM   1085 C CA  . LEU A 1 141 ? -7.301  7.340   -1.130  1.00 9.62  ? 141 LEU A CA  1 
ATOM   1086 C C   . LEU A 1 141 ? -8.404  8.324   -1.509  1.00 9.11  ? 141 LEU A C   1 
ATOM   1087 O O   . LEU A 1 141 ? -9.539  8.192   -1.049  1.00 9.84  ? 141 LEU A O   1 
ATOM   1088 C CB  . LEU A 1 141 ? -6.471  7.890   0.035   1.00 10.26 ? 141 LEU A CB  1 
ATOM   1089 C CG  . LEU A 1 141 ? -5.533  6.877   0.704   1.00 10.99 ? 141 LEU A CG  1 
ATOM   1090 C CD1 . LEU A 1 141 ? -4.764  7.567   1.821   1.00 12.95 ? 141 LEU A CD1 1 
ATOM   1091 C CD2 . LEU A 1 141 ? -6.328  5.704   1.261   1.00 12.11 ? 141 LEU A CD2 1 
ATOM   1092 N N   . ALA A 1 142 ? -8.078  9.308   -2.342  1.00 9.96  ? 142 ALA A N   1 
ATOM   1093 C CA  . ALA A 1 142 ? -9.078  10.282  -2.768  1.00 10.14 ? 142 ALA A CA  1 
ATOM   1094 C C   . ALA A 1 142 ? -10.207 9.580   -3.525  1.00 9.39  ? 142 ALA A C   1 
ATOM   1095 O O   . ALA A 1 142 ? -11.386 9.882   -3.323  1.00 9.80  ? 142 ALA A O   1 
ATOM   1096 C CB  . ALA A 1 142 ? -8.435  11.351  -3.639  1.00 11.78 ? 142 ALA A CB  1 
ATOM   1097 N N   . LEU A 1 143 ? -9.847  8.645   -4.399  1.00 9.28  ? 143 LEU A N   1 
ATOM   1098 C CA  . LEU A 1 143 ? -10.847 7.896   -5.153  1.00 9.70  ? 143 LEU A CA  1 
ATOM   1099 C C   . LEU A 1 143 ? -11.669 7.020   -4.210  1.00 9.17  ? 143 LEU A C   1 
ATOM   1100 O O   . LEU A 1 143 ? -12.883 6.896   -4.371  1.00 10.24 ? 143 LEU A O   1 
ATOM   1101 C CB  . LEU A 1 143 ? -10.171 7.026   -6.218  1.00 9.90  ? 143 LEU A CB  1 
ATOM   1102 C CG  . LEU A 1 143 ? -9.529  7.775   -7.391  1.00 10.91 ? 143 LEU A CG  1 
ATOM   1103 C CD1 . LEU A 1 143 ? -8.602  6.840   -8.150  1.00 12.13 ? 143 LEU A CD1 1 
ATOM   1104 C CD2 . LEU A 1 143 ? -10.599 8.343   -8.309  1.00 12.63 ? 143 LEU A CD2 1 
ATOM   1105 N N   . GLU A 1 144 ? -11.009 6.417   -3.225  1.00 8.71  ? 144 GLU A N   1 
ATOM   1106 C CA  . GLU A 1 144 ? -11.698 5.575   -2.251  1.00 9.47  ? 144 GLU A CA  1 
ATOM   1107 C C   . GLU A 1 144 ? -12.697 6.393   -1.448  1.00 9.89  ? 144 GLU A C   1 
ATOM   1108 O O   . GLU A 1 144 ? -13.814 5.952   -1.180  1.00 10.04 ? 144 GLU A O   1 
ATOM   1109 C CB  . GLU A 1 144 ? -10.711 4.986   -1.242  1.00 10.66 ? 144 GLU A CB  1 
ATOM   1110 C CG  . GLU A 1 144 ? -9.965  3.745   -1.656  1.00 12.47 ? 144 GLU A CG  1 
ATOM   1111 C CD  . GLU A 1 144 ? -9.092  3.223   -0.526  1.00 11.55 ? 144 GLU A CD  1 
ATOM   1112 O OE1 . GLU A 1 144 ? -9.563  3.215   0.635   1.00 14.16 ? 144 GLU A OE1 1 
ATOM   1113 O OE2 . GLU A 1 144 ? -7.946  2.822   -0.801  1.00 13.07 ? 144 GLU A OE2 1 
ATOM   1114 N N   . ASN A 1 145 ? -12.279 7.588   -1.052  1.00 9.83  ? 145 ASN A N   1 
ATOM   1115 C CA  . ASN A 1 145 ? -13.113 8.432   -0.217  1.00 10.32 ? 145 ASN A CA  1 
ATOM   1116 C C   . ASN A 1 145 ? -14.418 8.905   -0.830  1.00 10.49 ? 145 ASN A C   1 
ATOM   1117 O O   . ASN A 1 145 ? -15.335 9.284   -0.095  1.00 11.74 ? 145 ASN A O   1 
ATOM   1118 C CB  . ASN A 1 145 ? -12.288 9.606   0.326   1.00 10.55 ? 145 ASN A CB  1 
ATOM   1119 C CG  . ASN A 1 145 ? -11.226 9.150   1.313   1.00 10.34 ? 145 ASN A CG  1 
ATOM   1120 O OD1 . ASN A 1 145 ? -11.322 8.057   1.872   1.00 11.43 ? 145 ASN A OD1 1 
ATOM   1121 N ND2 . ASN A 1 145 ? -10.218 9.988   1.543   1.00 12.24 ? 145 ASN A ND2 1 
ATOM   1122 N N   . VAL A 1 146 ? -14.517 8.879   -2.156  1.00 11.04 ? 146 VAL A N   1 
ATOM   1123 C CA  . VAL A 1 146 ? -15.760 9.266   -2.819  1.00 12.18 ? 146 VAL A CA  1 
ATOM   1124 C C   . VAL A 1 146 ? -16.457 8.032   -3.397  1.00 12.72 ? 146 VAL A C   1 
ATOM   1125 O O   . VAL A 1 146 ? -17.461 8.146   -4.100  1.00 14.98 ? 146 VAL A O   1 
ATOM   1126 C CB  . VAL A 1 146 ? -15.533 10.308  -3.944  1.00 14.12 ? 146 VAL A CB  1 
ATOM   1127 C CG1 . VAL A 1 146 ? -14.946 11.582  -3.359  1.00 14.55 ? 146 VAL A CG1 1 
ATOM   1128 C CG2 . VAL A 1 146 ? -14.633 9.740   -5.023  1.00 14.19 ? 146 VAL A CG2 1 
ATOM   1129 N N   . GLY A 1 147 ? -15.916 6.853   -3.098  1.00 11.76 ? 147 GLY A N   1 
ATOM   1130 C CA  . GLY A 1 147 ? -16.521 5.615   -3.557  1.00 12.88 ? 147 GLY A CA  1 
ATOM   1131 C C   . GLY A 1 147 ? -16.226 5.143   -4.967  1.00 11.95 ? 147 GLY A C   1 
ATOM   1132 O O   . GLY A 1 147 ? -16.912 4.248   -5.464  1.00 13.68 ? 147 GLY A O   1 
ATOM   1133 N N   . LEU A 1 148 ? -15.221 5.717   -5.622  1.00 11.33 ? 148 LEU A N   1 
ATOM   1134 C CA  . LEU A 1 148 ? -14.893 5.295   -6.981  1.00 11.85 ? 148 LEU A CA  1 
ATOM   1135 C C   . LEU A 1 148 ? -14.104 3.989   -7.032  1.00 11.62 ? 148 LEU A C   1 
ATOM   1136 O O   . LEU A 1 148 ? -14.173 3.257   -8.026  1.00 12.58 ? 148 LEU A O   1 
ATOM   1137 C CB  . LEU A 1 148 ? -14.146 6.403   -7.724  1.00 11.98 ? 148 LEU A CB  1 
ATOM   1138 C CG  . LEU A 1 148 ? -15.078 7.501   -8.256  1.00 12.83 ? 148 LEU A CG  1 
ATOM   1139 C CD1 . LEU A 1 148 ? -14.269 8.682   -8.755  1.00 15.10 ? 148 LEU A CD1 1 
ATOM   1140 C CD2 . LEU A 1 148 ? -15.949 6.940   -9.373  1.00 15.76 ? 148 LEU A CD2 1 
ATOM   1141 N N   . VAL A 1 149 ? -13.345 3.706   -5.977  1.00 11.39 ? 149 VAL A N   1 
ATOM   1142 C CA  . VAL A 1 149 ? -12.589 2.461   -5.886  1.00 11.00 ? 149 VAL A CA  1 
ATOM   1143 C C   . VAL A 1 149 ? -12.661 1.952   -4.453  1.00 10.91 ? 149 VAL A C   1 
ATOM   1144 O O   . VAL A 1 149 ? -12.962 2.705   -3.525  1.00 11.43 ? 149 VAL A O   1 
ATOM   1145 C CB  . VAL A 1 149 ? -11.091 2.622   -6.267  1.00 13.21 ? 149 VAL A CB  1 
ATOM   1146 C CG1 . VAL A 1 149 ? -10.959 3.171   -7.672  1.00 13.31 ? 149 VAL A CG1 1 
ATOM   1147 C CG2 . VAL A 1 149 ? -10.388 3.510   -5.270  1.00 16.11 ? 149 VAL A CG2 1 
ATOM   1148 N N   . SER A 1 150 ? -12.395 0.665   -4.287  1.00 10.90 ? 150 SER A N   1 
ATOM   1149 C CA  . SER A 1 150 ? -12.401 0.028   -2.979  1.00 11.37 ? 150 SER A CA  1 
ATOM   1150 C C   . SER A 1 150 ? -11.577 -1.239  -3.129  1.00 11.60 ? 150 SER A C   1 
ATOM   1151 O O   . SER A 1 150 ? -11.169 -1.586  -4.236  1.00 11.42 ? 150 SER A O   1 
ATOM   1152 C CB  . SER A 1 150 ? -13.823 -0.339  -2.573  1.00 12.79 ? 150 SER A CB  1 
ATOM   1153 O OG  . SER A 1 150 ? -14.279 -1.423  -3.363  1.00 15.31 ? 150 SER A OG  1 
ATOM   1154 N N   . PRO A 1 151 ? -11.319 -1.953  -2.023  1.00 11.89 ? 151 PRO A N   1 
ATOM   1155 C CA  . PRO A 1 151 ? -10.527 -3.183  -2.137  1.00 12.42 ? 151 PRO A CA  1 
ATOM   1156 C C   . PRO A 1 151 ? -11.160 -4.239  -3.048  1.00 12.94 ? 151 PRO A C   1 
ATOM   1157 O O   . PRO A 1 151 ? -10.474 -5.144  -3.527  1.00 14.98 ? 151 PRO A O   1 
ATOM   1158 C CB  . PRO A 1 151 ? -10.411 -3.649  -0.686  1.00 13.43 ? 151 PRO A CB  1 
ATOM   1159 C CG  . PRO A 1 151 ? -10.429 -2.351  0.075   1.00 13.75 ? 151 PRO A CG  1 
ATOM   1160 C CD  . PRO A 1 151 ? -11.539 -1.598  -0.611  1.00 11.53 ? 151 PRO A CD  1 
ATOM   1161 N N   . SER A 1 152 ? -12.458 -4.120  -3.302  1.00 12.40 ? 152 SER A N   1 
ATOM   1162 C CA  . SER A 1 152 ? -13.166 -5.074  -4.154  1.00 13.46 ? 152 SER A CA  1 
ATOM   1163 C C   . SER A 1 152 ? -13.384 -4.574  -5.581  1.00 13.31 ? 152 SER A C   1 
ATOM   1164 O O   . SER A 1 152 ? -13.689 -5.358  -6.480  1.00 15.17 ? 152 SER A O   1 
ATOM   1165 C CB  . SER A 1 152 ? -14.528 -5.417  -3.540  1.00 15.91 ? 152 SER A CB  1 
ATOM   1166 O OG  . SER A 1 152 ? -14.379 -5.960  -2.242  1.00 17.34 ? 152 SER A OG  1 
ATOM   1167 N N   . SER A 1 153 ? -13.226 -3.271  -5.788  1.00 12.74 ? 153 SER A N   1 
ATOM   1168 C CA  . SER A 1 153 ? -13.444 -2.684  -7.104  1.00 12.64 ? 153 SER A CA  1 
ATOM   1169 C C   . SER A 1 153 ? -12.392 -1.650  -7.461  1.00 11.59 ? 153 SER A C   1 
ATOM   1170 O O   . SER A 1 153 ? -12.324 -0.588  -6.839  1.00 11.86 ? 153 SER A O   1 
ATOM   1171 C CB  . SER A 1 153 ? -14.827 -2.032  -7.151  1.00 14.17 ? 153 SER A CB  1 
ATOM   1172 O OG  . SER A 1 153 ? -15.017 -1.318  -8.359  1.00 15.59 ? 153 SER A OG  1 
ATOM   1173 N N   . VAL A 1 154 ? -11.574 -1.956  -8.463  1.00 10.57 ? 154 VAL A N   1 
ATOM   1174 C CA  . VAL A 1 154 ? -10.536 -1.032  -8.895  1.00 10.23 ? 154 VAL A CA  1 
ATOM   1175 C C   . VAL A 1 154 ? -10.623 -0.765  -10.396 1.00 10.15 ? 154 VAL A C   1 
ATOM   1176 O O   . VAL A 1 154 ? -9.712  -0.178  -10.974 1.00 10.61 ? 154 VAL A O   1 
ATOM   1177 C CB  . VAL A 1 154 ? -9.116  -1.569  -8.546  1.00 10.19 ? 154 VAL A CB  1 
ATOM   1178 C CG1 . VAL A 1 154 ? -8.968  -1.695  -7.037  1.00 12.14 ? 154 VAL A CG1 1 
ATOM   1179 C CG2 . VAL A 1 154 ? -8.872  -2.910  -9.221  1.00 11.99 ? 154 VAL A CG2 1 
ATOM   1180 N N   . SER A 1 155 ? -11.729 -1.165  -11.022 1.00 10.08 ? 155 SER A N   1 
ATOM   1181 C CA  . SER A 1 155 ? -11.888 -0.974  -12.459 1.00 10.77 ? 155 SER A CA  1 
ATOM   1182 C C   . SER A 1 155 ? -11.769 0.478   -12.912 1.00 10.28 ? 155 SER A C   1 
ATOM   1183 O O   . SER A 1 155 ? -11.300 0.736   -14.017 1.00 11.12 ? 155 SER A O   1 
ATOM   1184 C CB  . SER A 1 155 ? -13.221 -1.565  -12.944 1.00 12.94 ? 155 SER A CB  1 
ATOM   1185 O OG  . SER A 1 155 ? -14.328 -0.898  -12.373 1.00 14.60 ? 155 SER A OG  1 
ATOM   1186 N N   . VAL A 1 156 ? -12.187 1.427   -12.080 1.00 10.04 ? 156 VAL A N   1 
ATOM   1187 C CA  . VAL A 1 156 ? -12.073 2.830   -12.463 1.00 11.13 ? 156 VAL A CA  1 
ATOM   1188 C C   . VAL A 1 156 ? -10.596 3.174   -12.645 1.00 9.46  ? 156 VAL A C   1 
ATOM   1189 O O   . VAL A 1 156 ? -10.218 3.844   -13.610 1.00 11.19 ? 156 VAL A O   1 
ATOM   1190 C CB  . VAL A 1 156 ? -12.704 3.765   -11.405 1.00 11.03 ? 156 VAL A CB  1 
ATOM   1191 C CG1 . VAL A 1 156 ? -12.341 5.214   -11.706 1.00 13.64 ? 156 VAL A CG1 1 
ATOM   1192 C CG2 . VAL A 1 156 ? -14.220 3.594   -11.408 1.00 14.66 ? 156 VAL A CG2 1 
ATOM   1193 N N   . LEU A 1 157 ? -9.764  2.714   -11.717 1.00 9.85  ? 157 LEU A N   1 
ATOM   1194 C CA  . LEU A 1 157 ? -8.332  2.961   -11.806 1.00 10.47 ? 157 LEU A CA  1 
ATOM   1195 C C   . LEU A 1 157 ? -7.726  2.199   -12.978 1.00 9.55  ? 157 LEU A C   1 
ATOM   1196 O O   . LEU A 1 157 ? -6.835  2.703   -13.660 1.00 10.52 ? 157 LEU A O   1 
ATOM   1197 C CB  . LEU A 1 157 ? -7.635  2.552   -10.509 1.00 13.35 ? 157 LEU A CB  1 
ATOM   1198 C CG  . LEU A 1 157 ? -7.341  3.682   -9.524  1.00 15.42 ? 157 LEU A CG  1 
ATOM   1199 C CD1 . LEU A 1 157 ? -6.802  3.110   -8.226  1.00 18.17 ? 157 LEU A CD1 1 
ATOM   1200 C CD2 . LEU A 1 157 ? -6.340  4.650   -10.149 1.00 16.41 ? 157 LEU A CD2 1 
ATOM   1201 N N   . ALA A 1 158 ? -8.197  0.976   -13.208 1.00 9.42  ? 158 ALA A N   1 
ATOM   1202 C CA  . ALA A 1 158 ? -7.702  0.190   -14.334 1.00 10.16 ? 158 ALA A CA  1 
ATOM   1203 C C   . ALA A 1 158 ? -8.015  0.941   -15.628 1.00 10.06 ? 158 ALA A C   1 
ATOM   1204 O O   . ALA A 1 158 ? -7.184  1.008   -16.537 1.00 10.56 ? 158 ALA A O   1 
ATOM   1205 C CB  . ALA A 1 158 ? -8.359  -1.183  -14.352 1.00 10.67 ? 158 ALA A CB  1 
ATOM   1206 N N   . ASP A 1 159 ? -9.220  1.503   -15.703 1.00 10.55 ? 159 ASP A N   1 
ATOM   1207 C CA  . ASP A 1 159 ? -9.641  2.263   -16.877 1.00 11.21 ? 159 ASP A CA  1 
ATOM   1208 C C   . ASP A 1 159 ? -8.742  3.475   -17.087 1.00 11.28 ? 159 ASP A C   1 
ATOM   1209 O O   . ASP A 1 159 ? -8.390  3.811   -18.219 1.00 11.40 ? 159 ASP A O   1 
ATOM   1210 C CB  . ASP A 1 159 ? -11.083 2.761   -16.730 1.00 13.66 ? 159 ASP A CB  1 
ATOM   1211 C CG  . ASP A 1 159 ? -12.104 1.643   -16.756 1.00 16.26 ? 159 ASP A CG  1 
ATOM   1212 O OD1 . ASP A 1 159 ? -11.796 0.550   -17.274 1.00 15.87 ? 159 ASP A OD1 1 
ATOM   1213 O OD2 . ASP A 1 159 ? -13.230 1.875   -16.271 1.00 19.76 ? 159 ASP A OD2 1 
ATOM   1214 N N   . MET A 1 160 ? -8.393  4.146   -15.995 1.00 10.50 ? 160 MET A N   1 
ATOM   1215 C CA  . MET A 1 160 ? -7.529  5.314   -16.071 1.00 10.65 ? 160 MET A CA  1 
ATOM   1216 C C   . MET A 1 160 ? -6.155  4.916   -16.601 1.00 10.13 ? 160 MET A C   1 
ATOM   1217 O O   . MET A 1 160 ? -5.574  5.616   -17.432 1.00 11.85 ? 160 MET A O   1 
ATOM   1218 C CB  . MET A 1 160 ? -7.406  5.960   -14.689 1.00 11.25 ? 160 MET A CB  1 
ATOM   1219 C CG  . MET A 1 160 ? -8.674  6.672   -14.235 1.00 11.49 ? 160 MET A CG  1 
ATOM   1220 S SD  . MET A 1 160 ? -8.752  7.022   -12.458 1.00 13.75 ? 160 MET A SD  1 
ATOM   1221 C CE  . MET A 1 160 ? -7.244  7.972   -12.227 1.00 15.94 ? 160 MET A CE  1 
ATOM   1222 N N   . LEU A 1 161 ? -5.638  3.789   -16.126 1.00 9.96  ? 161 LEU A N   1 
ATOM   1223 C CA  . LEU A 1 161 ? -4.339  3.312   -16.574 1.00 10.54 ? 161 LEU A CA  1 
ATOM   1224 C C   . LEU A 1 161 ? -4.387  2.902   -18.047 1.00 10.69 ? 161 LEU A C   1 
ATOM   1225 O O   . LEU A 1 161 ? -3.416  3.092   -18.783 1.00 11.19 ? 161 LEU A O   1 
ATOM   1226 C CB  . LEU A 1 161 ? -3.887  2.144   -15.693 1.00 10.05 ? 161 LEU A CB  1 
ATOM   1227 C CG  . LEU A 1 161 ? -3.553  2.555   -14.251 1.00 10.98 ? 161 LEU A CG  1 
ATOM   1228 C CD1 . LEU A 1 161 ? -3.521  1.334   -13.346 1.00 11.62 ? 161 LEU A CD1 1 
ATOM   1229 C CD2 . LEU A 1 161 ? -2.214  3.288   -14.231 1.00 11.56 ? 161 LEU A CD2 1 
ATOM   1230 N N   . ARG A 1 162 ? -5.518  2.348   -18.477 1.00 10.82 ? 162 ARG A N   1 
ATOM   1231 C CA  . ARG A 1 162 ? -5.668  1.948   -19.871 1.00 11.69 ? 162 ARG A CA  1 
ATOM   1232 C C   . ARG A 1 162 ? -5.639  3.195   -20.760 1.00 12.11 ? 162 ARG A C   1 
ATOM   1233 O O   . ARG A 1 162 ? -5.000  3.208   -21.809 1.00 12.72 ? 162 ARG A O   1 
ATOM   1234 C CB  . ARG A 1 162 ? -6.983  1.194   -20.084 1.00 11.81 ? 162 ARG A CB  1 
ATOM   1235 C CG  . ARG A 1 162 ? -7.118  0.611   -21.484 1.00 13.95 ? 162 ARG A CG  1 
ATOM   1236 C CD  . ARG A 1 162 ? -8.460  -0.077  -21.713 1.00 14.50 ? 162 ARG A CD  1 
ATOM   1237 N NE  . ARG A 1 162 ? -8.690  -1.178  -20.782 1.00 16.93 ? 162 ARG A NE  1 
ATOM   1238 C CZ  . ARG A 1 162 ? -9.527  -1.128  -19.752 1.00 16.36 ? 162 ARG A CZ  1 
ATOM   1239 N NH1 . ARG A 1 162 ? -10.225 -0.027  -19.513 1.00 18.01 ? 162 ARG A NH1 1 
ATOM   1240 N NH2 . ARG A 1 162 ? -9.665  -2.181  -18.958 1.00 19.57 ? 162 ARG A NH2 1 
ATOM   1241 N N   . THR A 1 163 ? -6.322  4.250   -20.323 1.00 12.53 ? 163 THR A N   1 
ATOM   1242 C CA  . THR A 1 163 ? -6.363  5.501   -21.073 1.00 13.50 ? 163 THR A CA  1 
ATOM   1243 C C   . THR A 1 163 ? -4.953  6.061   -21.222 1.00 14.14 ? 163 THR A C   1 
ATOM   1244 O O   . THR A 1 163 ? -4.606  6.649   -22.249 1.00 15.47 ? 163 THR A O   1 
ATOM   1245 C CB  . THR A 1 163 ? -7.241  6.541   -20.351 1.00 14.28 ? 163 THR A CB  1 
ATOM   1246 O OG1 . THR A 1 163 ? -8.572  6.029   -20.221 1.00 15.87 ? 163 THR A OG1 1 
ATOM   1247 C CG2 . THR A 1 163 ? -7.273  7.850   -21.135 1.00 16.11 ? 163 THR A CG2 1 
ATOM   1248 N N   . LEU A 1 164 ? -4.148  5.874   -20.184 1.00 13.69 ? 164 LEU A N   1 
ATOM   1249 C CA  . LEU A 1 164 ? -2.765  6.337   -20.155 1.00 13.51 ? 164 LEU A CA  1 
ATOM   1250 C C   . LEU A 1 164 ? -1.893  5.468   -21.063 1.00 12.15 ? 164 LEU A C   1 
ATOM   1251 O O   . LEU A 1 164 ? -0.733  5.794   -21.331 1.00 13.71 ? 164 LEU A O   1 
ATOM   1252 C CB  . LEU A 1 164 ? -2.242  6.267   -18.716 1.00 16.34 ? 164 LEU A CB  1 
ATOM   1253 C CG  . LEU A 1 164 ? -0.819  6.739   -18.424 1.00 17.19 ? 164 LEU A CG  1 
ATOM   1254 C CD1 . LEU A 1 164 ? -0.703  8.228   -18.715 1.00 20.32 ? 164 LEU A CD1 1 
ATOM   1255 C CD2 . LEU A 1 164 ? -0.478  6.446   -16.964 1.00 18.85 ? 164 LEU A CD2 1 
ATOM   1256 N N   . ARG A 1 165 ? -2.476  4.366   -21.527 1.00 12.48 ? 165 ARG A N   1 
ATOM   1257 C CA  . ARG A 1 165 ? -1.815  3.387   -22.384 1.00 13.38 ? 165 ARG A CA  1 
ATOM   1258 C C   . ARG A 1 165 ? -0.863  2.473   -21.620 1.00 12.87 ? 165 ARG A C   1 
ATOM   1259 O O   . ARG A 1 165 ? -0.048  1.774   -22.219 1.00 15.97 ? 165 ARG A O   1 
ATOM   1260 C CB  . ARG A 1 165 ? -1.097  4.066   -23.558 1.00 15.90 ? 165 ARG A CB  1 
ATOM   1261 C CG  . ARG A 1 165 ? -2.070  4.600   -24.601 1.00 17.95 ? 165 ARG A CG  1 
ATOM   1262 C CD  . ARG A 1 165 ? -1.381  4.982   -25.901 1.00 20.17 ? 165 ARG A CD  1 
ATOM   1263 N NE  . ARG A 1 165 ? -1.290  6.430   -26.076 1.00 28.12 ? 165 ARG A NE  1 
ATOM   1264 C CZ  . ARG A 1 165 ? -0.552  7.234   -25.318 1.00 29.23 ? 165 ARG A CZ  1 
ATOM   1265 N NH1 . ARG A 1 165 ? 0.171   6.739   -24.322 1.00 32.17 ? 165 ARG A NH1 1 
ATOM   1266 N NH2 . ARG A 1 165 ? -0.536  8.537   -25.556 1.00 31.14 ? 165 ARG A NH2 1 
ATOM   1267 N N   . ARG A 1 166 ? -0.973  2.479   -20.293 1.00 11.67 ? 166 ARG A N   1 
ATOM   1268 C CA  . ARG A 1 166 ? -0.159  1.598   -19.467 1.00 10.97 ? 166 ARG A CA  1 
ATOM   1269 C C   . ARG A 1 166 ? -0.981  0.327   -19.267 1.00 10.95 ? 166 ARG A C   1 
ATOM   1270 O O   . ARG A 1 166 ? -1.477  0.035   -18.172 1.00 11.10 ? 166 ARG A O   1 
ATOM   1271 C CB  . ARG A 1 166 ? 0.176   2.242   -18.117 1.00 10.48 ? 166 ARG A CB  1 
ATOM   1272 C CG  . ARG A 1 166 ? 1.251   3.325   -18.194 1.00 12.23 ? 166 ARG A CG  1 
ATOM   1273 C CD  . ARG A 1 166 ? 2.546   2.780   -18.789 1.00 12.02 ? 166 ARG A CD  1 
ATOM   1274 N NE  . ARG A 1 166 ? 3.135   1.713   -17.985 1.00 12.34 ? 166 ARG A NE  1 
ATOM   1275 C CZ  . ARG A 1 166 ? 3.958   1.910   -16.961 1.00 11.32 ? 166 ARG A CZ  1 
ATOM   1276 N NH1 . ARG A 1 166 ? 4.297   3.143   -16.607 1.00 14.12 ? 166 ARG A NH1 1 
ATOM   1277 N NH2 . ARG A 1 166 ? 4.443   0.872   -16.289 1.00 13.88 ? 166 ARG A NH2 1 
ATOM   1278 N N   . LEU A 1 167 ? -1.132  -0.420  -20.357 1.00 12.12 ? 167 LEU A N   1 
ATOM   1279 C CA  . LEU A 1 167 ? -1.900  -1.654  -20.340 1.00 11.39 ? 167 LEU A CA  1 
ATOM   1280 C C   . LEU A 1 167 ? -1.310  -2.690  -19.391 1.00 11.50 ? 167 LEU A C   1 
ATOM   1281 O O   . LEU A 1 167 ? -2.020  -3.584  -18.927 1.00 11.90 ? 167 LEU A O   1 
ATOM   1282 C CB  . LEU A 1 167 ? -2.011  -2.222  -21.760 1.00 13.87 ? 167 LEU A CB  1 
ATOM   1283 C CG  . LEU A 1 167 ? -3.015  -1.520  -22.683 1.00 17.53 ? 167 LEU A CG  1 
ATOM   1284 C CD1 . LEU A 1 167 ? -2.712  -0.035  -22.780 1.00 20.88 ? 167 LEU A CD1 1 
ATOM   1285 C CD2 . LEU A 1 167 ? -2.968  -2.163  -24.057 1.00 19.13 ? 167 LEU A CD2 1 
ATOM   1286 N N   . ASP A 1 168 ? -0.021  -2.573  -19.098 1.00 11.14 ? 168 ASP A N   1 
ATOM   1287 C CA  . ASP A 1 168 ? 0.633   -3.498  -18.185 1.00 10.93 ? 168 ASP A CA  1 
ATOM   1288 C C   . ASP A 1 168 ? 0.102   -3.292  -16.766 1.00 10.40 ? 168 ASP A C   1 
ATOM   1289 O O   . ASP A 1 168 ? -0.212  -4.258  -16.063 1.00 12.15 ? 168 ASP A O   1 
ATOM   1290 C CB  . ASP A 1 168 ? 2.156   -3.297  -18.225 1.00 12.76 ? 168 ASP A CB  1 
ATOM   1291 C CG  . ASP A 1 168 ? 2.580   -1.877  -17.877 1.00 12.12 ? 168 ASP A CG  1 
ATOM   1292 O OD1 . ASP A 1 168 ? 1.969   -0.917  -18.398 1.00 11.64 ? 168 ASP A OD1 1 
ATOM   1293 O OD2 . ASP A 1 168 ? 3.539   -1.729  -17.090 1.00 13.91 ? 168 ASP A OD2 1 
ATOM   1294 N N   . LEU A 1 169 ? -0.011  -2.034  -16.350 1.00 9.56  ? 169 LEU A N   1 
ATOM   1295 C CA  . LEU A 1 169 ? -0.513  -1.716  -15.018 1.00 9.26  ? 169 LEU A CA  1 
ATOM   1296 C C   . LEU A 1 169 ? -2.015  -1.983  -14.962 1.00 9.97  ? 169 LEU A C   1 
ATOM   1297 O O   . LEU A 1 169 ? -2.530  -2.462  -13.954 1.00 9.67  ? 169 LEU A O   1 
ATOM   1298 C CB  . LEU A 1 169 ? -0.202  -0.258  -14.674 1.00 9.90  ? 169 LEU A CB  1 
ATOM   1299 C CG  . LEU A 1 169 ? 1.290   0.085   -14.677 1.00 10.16 ? 169 LEU A CG  1 
ATOM   1300 C CD1 . LEU A 1 169 ? 1.477   1.560   -14.357 1.00 11.38 ? 169 LEU A CD1 1 
ATOM   1301 C CD2 . LEU A 1 169 ? 2.036   -0.779  -13.675 1.00 11.83 ? 169 LEU A CD2 1 
ATOM   1302 N N   . CYS A 1 170 ? -2.716  -1.666  -16.044 1.00 9.77  ? 170 CYS A N   1 
ATOM   1303 C CA  . CYS A 1 170 ? -4.148  -1.922  -16.121 1.00 10.96 ? 170 CYS A CA  1 
ATOM   1304 C C   . CYS A 1 170 ? -4.391  -3.409  -15.881 1.00 10.52 ? 170 CYS A C   1 
ATOM   1305 O O   . CYS A 1 170 ? -5.249  -3.791  -15.085 1.00 10.59 ? 170 CYS A O   1 
ATOM   1306 C CB  . CYS A 1 170 ? -4.683  -1.544  -17.505 1.00 11.29 ? 170 CYS A CB  1 
ATOM   1307 S SG  . CYS A 1 170 ? -6.409  -2.003  -17.811 1.00 12.87 ? 170 CYS A SG  1 
ATOM   1308 N N   . GLN A 1 171 ? -3.623  -4.247  -16.570 1.00 10.09 ? 171 GLN A N   1 
ATOM   1309 C CA  . GLN A 1 171 ? -3.766  -5.687  -16.435 1.00 10.02 ? 171 GLN A CA  1 
ATOM   1310 C C   . GLN A 1 171 ? -3.550  -6.165  -15.003 1.00 9.34  ? 171 GLN A C   1 
ATOM   1311 O O   . GLN A 1 171 ? -4.258  -7.055  -14.536 1.00 9.93  ? 171 GLN A O   1 
ATOM   1312 C CB  . GLN A 1 171 ? -2.806  -6.410  -17.378 1.00 11.84 ? 171 GLN A CB  1 
ATOM   1313 C CG  . GLN A 1 171 ? -2.938  -7.922  -17.341 1.00 14.34 ? 171 GLN A CG  1 
ATOM   1314 C CD  . GLN A 1 171 ? -2.043  -8.602  -18.351 1.00 18.59 ? 171 GLN A CD  1 
ATOM   1315 O OE1 . GLN A 1 171 ? -1.211  -9.437  -17.997 1.00 23.13 ? 171 GLN A OE1 1 
ATOM   1316 N NE2 . GLN A 1 171 ? -2.207  -8.246  -19.619 1.00 19.14 ? 171 GLN A NE2 1 
ATOM   1317 N N   . GLN A 1 172 ? -2.576  -5.592  -14.304 1.00 9.75  ? 172 GLN A N   1 
ATOM   1318 C CA  . GLN A 1 172 ? -2.349  -6.000  -12.921 1.00 10.17 ? 172 GLN A CA  1 
ATOM   1319 C C   . GLN A 1 172 ? -3.594  -5.744  -12.083 1.00 9.09  ? 172 GLN A C   1 
ATOM   1320 O O   . GLN A 1 172 ? -3.954  -6.555  -11.229 1.00 9.68  ? 172 GLN A O   1 
ATOM   1321 C CB  . GLN A 1 172 ? -1.179  -5.234  -12.310 1.00 11.49 ? 172 GLN A CB  1 
ATOM   1322 C CG  . GLN A 1 172 ? 0.179   -5.591  -12.866 1.00 14.26 ? 172 GLN A CG  1 
ATOM   1323 C CD  . GLN A 1 172 ? 1.288   -4.896  -12.110 1.00 16.61 ? 172 GLN A CD  1 
ATOM   1324 O OE1 . GLN A 1 172 ? 1.407   -5.045  -10.895 1.00 17.08 ? 172 GLN A OE1 1 
ATOM   1325 N NE2 . GLN A 1 172 ? 2.105   -4.131  -12.822 1.00 19.43 ? 172 GLN A NE2 1 
ATOM   1326 N N   . LEU A 1 173 ? -4.241  -4.606  -12.310 1.00 8.42  ? 173 LEU A N   1 
ATOM   1327 C CA  . LEU A 1 173 ? -5.443  -4.275  -11.558 1.00 9.03  ? 173 LEU A CA  1 
ATOM   1328 C C   . LEU A 1 173 ? -6.644  -5.122  -11.959 1.00 9.04  ? 173 LEU A C   1 
ATOM   1329 O O   . LEU A 1 173 ? -7.430  -5.514  -11.099 1.00 9.37  ? 173 LEU A O   1 
ATOM   1330 C CB  . LEU A 1 173 ? -5.781  -2.789  -11.697 1.00 9.87  ? 173 LEU A CB  1 
ATOM   1331 C CG  . LEU A 1 173 ? -5.164  -1.874  -10.636 1.00 11.17 ? 173 LEU A CG  1 
ATOM   1332 C CD1 . LEU A 1 173 ? -3.649  -1.871  -10.749 1.00 12.18 ? 173 LEU A CD1 1 
ATOM   1333 C CD2 . LEU A 1 173 ? -5.721  -0.469  -10.804 1.00 12.16 ? 173 LEU A CD2 1 
ATOM   1334 N N   . VAL A 1 174 ? -6.800  -5.393  -13.252 1.00 8.81  ? 174 VAL A N   1 
ATOM   1335 C CA  . VAL A 1 174 ? -7.911  -6.223  -13.709 1.00 10.22 ? 174 VAL A CA  1 
ATOM   1336 C C   . VAL A 1 174 ? -7.755  -7.627  -13.127 1.00 9.91  ? 174 VAL A C   1 
ATOM   1337 O O   . VAL A 1 174 ? -8.716  -8.220  -12.627 1.00 10.52 ? 174 VAL A O   1 
ATOM   1338 C CB  . VAL A 1 174 ? -7.960  -6.313  -15.255 1.00 11.24 ? 174 VAL A CB  1 
ATOM   1339 C CG1 . VAL A 1 174 ? -8.949  -7.391  -15.687 1.00 13.39 ? 174 VAL A CG1 1 
ATOM   1340 C CG2 . VAL A 1 174 ? -8.369  -4.967  -15.836 1.00 13.94 ? 174 VAL A CG2 1 
ATOM   1341 N N   . GLU A 1 175 ? -6.537  -8.152  -13.185 1.00 9.49  ? 175 GLU A N   1 
ATOM   1342 C CA  . GLU A 1 175 ? -6.278  -9.479  -12.653 1.00 10.03 ? 175 GLU A CA  1 
ATOM   1343 C C   . GLU A 1 175 ? -6.518  -9.527  -11.152 1.00 9.48  ? 175 GLU A C   1 
ATOM   1344 O O   . GLU A 1 175 ? -7.049  -10.515 -10.638 1.00 10.03 ? 175 GLU A O   1 
ATOM   1345 C CB  . GLU A 1 175 ? -4.855  -9.914  -12.993 1.00 10.98 ? 175 GLU A CB  1 
ATOM   1346 C CG  . GLU A 1 175 ? -4.700  -10.271 -14.466 1.00 13.47 ? 175 GLU A CG  1 
ATOM   1347 C CD  . GLU A 1 175 ? -3.289  -10.669 -14.842 1.00 17.01 ? 175 GLU A CD  1 
ATOM   1348 O OE1 . GLU A 1 175 ? -3.093  -11.134 -15.986 1.00 19.05 ? 175 GLU A OE1 1 
ATOM   1349 O OE2 . GLU A 1 175 ? -2.379  -10.511 -14.003 1.00 18.69 ? 175 GLU A OE2 1 
ATOM   1350 N N   . TYR A 1 176 ? -6.132  -8.467  -10.447 1.00 9.82  ? 176 TYR A N   1 
ATOM   1351 C CA  . TYR A 1 176 ? -6.353  -8.409  -9.010  1.00 10.12 ? 176 TYR A CA  1 
ATOM   1352 C C   . TYR A 1 176 ? -7.846  -8.442  -8.709  1.00 9.18  ? 176 TYR A C   1 
ATOM   1353 O O   . TYR A 1 176 ? -8.292  -9.186  -7.838  1.00 10.25 ? 176 TYR A O   1 
ATOM   1354 C CB  . TYR A 1 176 ? -5.767  -7.127  -8.402  1.00 10.18 ? 176 TYR A CB  1 
ATOM   1355 C CG  . TYR A 1 176 ? -6.341  -6.857  -7.029  1.00 10.19 ? 176 TYR A CG  1 
ATOM   1356 C CD1 . TYR A 1 176 ? -5.978  -7.642  -5.940  1.00 11.01 ? 176 TYR A CD1 1 
ATOM   1357 C CD2 . TYR A 1 176 ? -7.361  -5.918  -6.848  1.00 10.39 ? 176 TYR A CD2 1 
ATOM   1358 C CE1 . TYR A 1 176 ? -6.620  -7.517  -4.712  1.00 11.17 ? 176 TYR A CE1 1 
ATOM   1359 C CE2 . TYR A 1 176 ? -8.014  -5.786  -5.621  1.00 10.98 ? 176 TYR A CE2 1 
ATOM   1360 C CZ  . TYR A 1 176 ? -7.639  -6.596  -4.560  1.00 9.94  ? 176 TYR A CZ  1 
ATOM   1361 O OH  . TYR A 1 176 ? -8.310  -6.535  -3.362  1.00 11.46 ? 176 TYR A OH  1 
ATOM   1362 N N   . GLU A 1 177 ? -8.624  -7.627  -9.417  1.00 8.80  ? 177 GLU A N   1 
ATOM   1363 C CA  . GLU A 1 177 ? -10.055 -7.592  -9.153  1.00 9.47  ? 177 GLU A CA  1 
ATOM   1364 C C   . GLU A 1 177 ? -10.693 -8.947  -9.395  1.00 9.31  ? 177 GLU A C   1 
ATOM   1365 O O   . GLU A 1 177 ? -11.553 -9.376  -8.625  1.00 9.97  ? 177 GLU A O   1 
ATOM   1366 C CB  . GLU A 1 177 ? -10.753 -6.521  -9.995  1.00 10.17 ? 177 GLU A CB  1 
ATOM   1367 C CG  . GLU A 1 177 ? -12.208 -6.338  -9.578  1.00 11.84 ? 177 GLU A CG  1 
ATOM   1368 C CD  . GLU A 1 177 ? -12.863 -5.104  -10.155 1.00 11.73 ? 177 GLU A CD  1 
ATOM   1369 O OE1 . GLU A 1 177 ? -12.189 -4.062  -10.285 1.00 13.14 ? 177 GLU A OE1 1 
ATOM   1370 O OE2 . GLU A 1 177 ? -14.073 -5.170  -10.453 1.00 16.54 ? 177 GLU A OE2 1 
ATOM   1371 N N   . GLN A 1 178 ? -10.275 -9.623  -10.460 1.00 10.07 ? 178 GLN A N   1 
ATOM   1372 C CA  . GLN A 1 178 ? -10.813 -10.941 -10.770 1.00 10.36 ? 178 GLN A CA  1 
ATOM   1373 C C   . GLN A 1 178 ? -10.409 -11.959 -9.704  1.00 9.85  ? 178 GLN A C   1 
ATOM   1374 O O   . GLN A 1 178 ? -11.212 -12.809 -9.312  1.00 10.83 ? 178 GLN A O   1 
ATOM   1375 C CB  . GLN A 1 178 ? -10.337 -11.392 -12.150 1.00 10.87 ? 178 GLN A CB  1 
ATOM   1376 C CG  . GLN A 1 178 ? -10.915 -10.582 -13.299 1.00 11.92 ? 178 GLN A CG  1 
ATOM   1377 C CD  . GLN A 1 178 ? -12.426 -10.602 -13.312 1.00 15.21 ? 178 GLN A CD  1 
ATOM   1378 O OE1 . GLN A 1 178 ? -13.076 -9.828  -12.607 1.00 17.69 ? 178 GLN A OE1 1 
ATOM   1379 N NE2 . GLN A 1 178 ? -12.997 -11.506 -14.100 1.00 18.42 ? 178 GLN A NE2 1 
ATOM   1380 N N   . GLN A 1 179 ? -9.173  -11.873 -9.223  1.00 10.22 ? 179 GLN A N   1 
ATOM   1381 C CA  . GLN A 1 179 ? -8.703  -12.784 -8.186  1.00 11.43 ? 179 GLN A CA  1 
ATOM   1382 C C   . GLN A 1 179 ? -9.471  -12.567 -6.886  1.00 11.51 ? 179 GLN A C   1 
ATOM   1383 O O   . GLN A 1 179 ? -9.854  -13.527 -6.214  1.00 11.40 ? 179 GLN A O   1 
ATOM   1384 C CB  . GLN A 1 179 ? -7.206  -12.579 -7.937  1.00 12.62 ? 179 GLN A CB  1 
ATOM   1385 C CG  . GLN A 1 179 ? -6.317  -13.125 -9.042  1.00 15.86 ? 179 GLN A CG  1 
ATOM   1386 C CD  . GLN A 1 179 ? -4.859  -12.759 -8.850  1.00 21.50 ? 179 GLN A CD  1 
ATOM   1387 O OE1 . GLN A 1 179 ? -4.326  -12.850 -7.745  1.00 25.38 ? 179 GLN A OE1 1 
ATOM   1388 N NE2 . GLN A 1 179 ? -4.204  -12.356 -9.931  1.00 23.77 ? 179 GLN A NE2 1 
ATOM   1389 N N   . GLU A 1 180 ? -9.688  -11.307 -6.525  1.00 11.75 ? 180 GLU A N   1 
ATOM   1390 C CA  . GLU A 1 180 ? -10.424 -10.995 -5.306  1.00 11.37 ? 180 GLU A CA  1 
ATOM   1391 C C   . GLU A 1 180 ? -11.867 -11.482 -5.418  1.00 11.12 ? 180 GLU A C   1 
ATOM   1392 O O   . GLU A 1 180 ? -12.423 -12.020 -4.462  1.00 11.66 ? 180 GLU A O   1 
ATOM   1393 C CB  . GLU A 1 180 ? -10.393 -9.486  -5.039  1.00 12.80 ? 180 GLU A CB  1 
ATOM   1394 C CG  . GLU A 1 180 ? -11.359 -9.032  -3.948  1.00 15.80 ? 180 GLU A CG  1 
ATOM   1395 C CD  . GLU A 1 180 ? -11.086 -9.667  -2.592  1.00 17.34 ? 180 GLU A CD  1 
ATOM   1396 O OE1 . GLU A 1 180 ? -11.980 -9.603  -1.720  1.00 20.15 ? 180 GLU A OE1 1 
ATOM   1397 O OE2 . GLU A 1 180 ? -9.982  -10.217 -2.386  1.00 18.65 ? 180 GLU A OE2 1 
ATOM   1398 N N   . GLN A 1 181 ? -12.471 -11.289 -6.583  1.00 10.18 ? 181 GLN A N   1 
ATOM   1399 C CA  . GLN A 1 181 ? -13.845 -11.726 -6.807  1.00 11.24 ? 181 GLN A CA  1 
ATOM   1400 C C   . GLN A 1 181 ? -13.957 -13.244 -6.674  1.00 10.28 ? 181 GLN A C   1 
ATOM   1401 O O   . GLN A 1 181 ? -14.902 -13.755 -6.070  1.00 11.62 ? 181 GLN A O   1 
ATOM   1402 C CB  . GLN A 1 181 ? -14.311 -11.294 -8.197  1.00 11.18 ? 181 GLN A CB  1 
ATOM   1403 C CG  . GLN A 1 181 ? -15.715 -11.749 -8.559  1.00 13.90 ? 181 GLN A CG  1 
ATOM   1404 C CD  . GLN A 1 181 ? -16.111 -11.340 -9.966  1.00 14.72 ? 181 GLN A CD  1 
ATOM   1405 O OE1 . GLN A 1 181 ? -15.618 -11.892 -10.953 1.00 18.16 ? 181 GLN A OE1 1 
ATOM   1406 N NE2 . GLN A 1 181 ? -16.998 -10.362 -10.065 1.00 16.99 ? 181 GLN A NE2 1 
ATOM   1407 N N   . ALA A 1 182 ? -12.993 -13.961 -7.245  1.00 11.06 ? 182 ALA A N   1 
ATOM   1408 C CA  . ALA A 1 182 ? -12.999 -15.418 -7.184  1.00 12.06 ? 182 ALA A CA  1 
ATOM   1409 C C   . ALA A 1 182 ? -12.820 -15.900 -5.747  1.00 13.10 ? 182 ALA A C   1 
ATOM   1410 O O   . ALA A 1 182 ? -13.464 -16.865 -5.321  1.00 13.88 ? 182 ALA A O   1 
ATOM   1411 C CB  . ALA A 1 182 ? -11.895 -15.983 -8.071  1.00 12.42 ? 182 ALA A CB  1 
ATOM   1412 N N   . ARG A 1 183 ? -11.937 -15.239 -5.005  1.00 13.73 ? 183 ARG A N   1 
ATOM   1413 C CA  . ARG A 1 183 ? -11.698 -15.606 -3.617  1.00 15.95 ? 183 ARG A CA  1 
ATOM   1414 C C   . ARG A 1 183 ? -12.951 -15.403 -2.779  1.00 16.23 ? 183 ARG A C   1 
ATOM   1415 O O   . ARG A 1 183 ? -13.315 -16.261 -1.975  1.00 18.07 ? 183 ARG A O   1 
ATOM   1416 C CB  . ARG A 1 183 ? -10.549 -14.784 -3.035  1.00 17.57 ? 183 ARG A CB  1 
ATOM   1417 C CG  . ARG A 1 183 ? -9.174  -15.217 -3.510  1.00 22.73 ? 183 ARG A CG  1 
ATOM   1418 C CD  . ARG A 1 183 ? -8.099  -14.480 -2.739  1.00 25.64 ? 183 ARG A CD  1 
ATOM   1419 N NE  . ARG A 1 183 ? -6.754  -14.975 -3.020  1.00 29.86 ? 183 ARG A NE  1 
ATOM   1420 C CZ  . ARG A 1 183 ? -6.137  -14.856 -4.191  1.00 30.54 ? 183 ARG A CZ  1 
ATOM   1421 N NH1 . ARG A 1 183 ? -6.740  -14.255 -5.206  1.00 32.42 ? 183 ARG A NH1 1 
ATOM   1422 N NH2 . ARG A 1 183 ? -4.911  -15.339 -4.345  1.00 31.56 ? 183 ARG A NH2 1 
ATOM   1423 N N   . TYR A 1 184 ? -13.614 -14.267 -2.963  1.00 14.58 ? 184 TYR A N   1 
ATOM   1424 C CA  . TYR A 1 184 ? -14.831 -13.984 -2.216  1.00 13.91 ? 184 TYR A CA  1 
ATOM   1425 C C   . TYR A 1 184 ? -15.956 -14.948 -2.580  1.00 14.20 ? 184 TYR A C   1 
ATOM   1426 O O   . TYR A 1 184 ? -16.623 -15.497 -1.706  1.00 16.66 ? 184 TYR A O   1 
ATOM   1427 C CB  . TYR A 1 184 ? -15.307 -12.550 -2.469  1.00 15.11 ? 184 TYR A CB  1 
ATOM   1428 C CG  . TYR A 1 184 ? -16.725 -12.324 -1.991  1.00 14.82 ? 184 TYR A CG  1 
ATOM   1429 C CD1 . TYR A 1 184 ? -17.040 -12.371 -0.633  1.00 17.25 ? 184 TYR A CD1 1 
ATOM   1430 C CD2 . TYR A 1 184 ? -17.767 -12.145 -2.901  1.00 16.05 ? 184 TYR A CD2 1 
ATOM   1431 C CE1 . TYR A 1 184 ? -18.357 -12.257 -0.192  1.00 18.57 ? 184 TYR A CE1 1 
ATOM   1432 C CE2 . TYR A 1 184 ? -19.088 -12.030 -2.471  1.00 17.43 ? 184 TYR A CE2 1 
ATOM   1433 C CZ  . TYR A 1 184 ? -19.376 -12.090 -1.119  1.00 18.27 ? 184 TYR A CZ  1 
ATOM   1434 O OH  . TYR A 1 184 ? -20.683 -12.014 -0.698  1.00 19.65 ? 184 TYR A OH  1 
ATOM   1435 N N   . ARG A 1 185 ? -16.164 -15.156 -3.875  1.00 14.33 ? 185 ARG A N   1 
ATOM   1436 C CA  . ARG A 1 185 ? -17.239 -16.022 -4.339  1.00 15.49 ? 185 ARG A CA  1 
ATOM   1437 C C   . ARG A 1 185 ? -17.037 -17.522 -4.161  1.00 16.63 ? 185 ARG A C   1 
ATOM   1438 O O   . ARG A 1 185 ? -18.003 -18.246 -3.920  1.00 17.31 ? 185 ARG A O   1 
ATOM   1439 C CB  . ARG A 1 185 ? -17.537 -15.728 -5.810  1.00 14.37 ? 185 ARG A CB  1 
ATOM   1440 C CG  . ARG A 1 185 ? -18.058 -14.330 -6.060  1.00 13.51 ? 185 ARG A CG  1 
ATOM   1441 C CD  . ARG A 1 185 ? -18.393 -14.110 -7.524  1.00 12.82 ? 185 ARG A CD  1 
ATOM   1442 N NE  . ARG A 1 185 ? -19.021 -12.810 -7.737  1.00 13.69 ? 185 ARG A NE  1 
ATOM   1443 C CZ  . ARG A 1 185 ? -19.488 -12.384 -8.906  1.00 13.37 ? 185 ARG A CZ  1 
ATOM   1444 N NH1 . ARG A 1 185 ? -19.402 -13.152 -9.983  1.00 14.30 ? 185 ARG A NH1 1 
ATOM   1445 N NH2 . ARG A 1 185 ? -20.053 -11.186 -8.995  1.00 13.84 ? 185 ARG A NH2 1 
ATOM   1446 N N   . TYR A 1 186 ? -15.801 -17.997 -4.262  1.00 18.62 ? 186 TYR A N   1 
ATOM   1447 C CA  . TYR A 1 186 ? -15.570 -19.432 -4.132  1.00 21.39 ? 186 TYR A CA  1 
ATOM   1448 C C   . TYR A 1 186 ? -14.686 -19.858 -2.967  1.00 24.75 ? 186 TYR A C   1 
ATOM   1449 O O   . TYR A 1 186 ? -14.277 -21.017 -2.881  1.00 25.81 ? 186 TYR A O   1 
ATOM   1450 C CB  . TYR A 1 186 ? -15.018 -19.986 -5.448  1.00 20.33 ? 186 TYR A CB  1 
ATOM   1451 C CG  . TYR A 1 186 ? -15.956 -19.772 -6.614  1.00 19.09 ? 186 TYR A CG  1 
ATOM   1452 C CD1 . TYR A 1 186 ? -16.006 -18.545 -7.278  1.00 19.62 ? 186 TYR A CD1 1 
ATOM   1453 C CD2 . TYR A 1 186 ? -16.829 -20.780 -7.025  1.00 20.33 ? 186 TYR A CD2 1 
ATOM   1454 C CE1 . TYR A 1 186 ? -16.903 -18.325 -8.318  1.00 19.98 ? 186 TYR A CE1 1 
ATOM   1455 C CE2 . TYR A 1 186 ? -17.731 -20.570 -8.066  1.00 20.32 ? 186 TYR A CE2 1 
ATOM   1456 C CZ  . TYR A 1 186 ? -17.763 -19.340 -8.706  1.00 21.42 ? 186 TYR A CZ  1 
ATOM   1457 O OH  . TYR A 1 186 ? -18.659 -19.122 -9.726  1.00 22.37 ? 186 TYR A OH  1 
ATOM   1458 N N   . CYS A 1 187 ? -14.405 -18.920 -2.069  1.00 28.00 ? 187 CYS A N   1 
ATOM   1459 C CA  . CYS A 1 187 ? -13.589 -19.195 -0.892  1.00 31.26 ? 187 CYS A CA  1 
ATOM   1460 C C   . CYS A 1 187 ? -14.210 -18.477 0.300   1.00 32.16 ? 187 CYS A C   1 
ATOM   1461 O O   . CYS A 1 187 ? -13.730 -18.583 1.428   1.00 33.46 ? 187 CYS A O   1 
ATOM   1462 C CB  . CYS A 1 187 ? -12.152 -18.711 -1.107  1.00 32.16 ? 187 CYS A CB  1 
ATOM   1463 S SG  . CYS A 1 187 ? -11.296 -19.508 -2.486  1.00 37.91 ? 187 CYS A SG  1 
ATOM   1464 N N   . LEU A 1 188 ? -15.288 -17.744 0.030   1.00 32.83 ? 188 LEU A N   1 
ATOM   1465 C CA  . LEU A 1 188 ? -16.007 -16.999 1.057   1.00 32.91 ? 188 LEU A CA  1 
ATOM   1466 C C   . LEU A 1 188 ? -15.075 -16.078 1.838   1.00 33.12 ? 188 LEU A C   1 
ATOM   1467 O O   . LEU A 1 188 ? -15.489 -15.023 2.321   1.00 32.84 ? 188 LEU A O   1 
ATOM   1468 C CB  . LEU A 1 188 ? -16.699 -17.967 2.018   1.00 33.27 ? 188 LEU A CB  1 
ATOM   1469 C CG  . LEU A 1 188 ? -17.570 -19.049 1.369   1.00 33.13 ? 188 LEU A CG  1 
ATOM   1470 C CD1 . LEU A 1 188 ? -18.187 -19.914 2.452   1.00 33.43 ? 188 LEU A CD1 1 
ATOM   1471 C CD2 . LEU A 1 188 ? -18.650 -18.409 0.516   1.00 33.52 ? 188 LEU A CD2 1 
ATOM   1472 N N   . HIS A 1 194 ? -7.972  -10.236 -0.075  1.00 18.74 ? 194 HIS A N   1 
ATOM   1473 C CA  . HIS A 1 194 ? -6.977  -11.229 0.312   1.00 18.05 ? 194 HIS A CA  1 
ATOM   1474 C C   . HIS A 1 194 ? -5.617  -10.594 0.571   1.00 16.81 ? 194 HIS A C   1 
ATOM   1475 O O   . HIS A 1 194 ? -5.427  -9.405  0.327   1.00 16.02 ? 194 HIS A O   1 
ATOM   1476 C CB  . HIS A 1 194 ? -6.837  -12.288 -0.779  1.00 19.99 ? 194 HIS A CB  1 
ATOM   1477 C CG  . HIS A 1 194 ? -6.502  -11.733 -2.130  1.00 20.99 ? 194 HIS A CG  1 
ATOM   1478 N ND1 . HIS A 1 194 ? -7.406  -11.021 -2.891  1.00 21.62 ? 194 HIS A ND1 1 
ATOM   1479 C CD2 . HIS A 1 194 ? -5.372  -11.817 -2.870  1.00 22.20 ? 194 HIS A CD2 1 
ATOM   1480 C CE1 . HIS A 1 194 ? -6.847  -10.697 -4.043  1.00 22.55 ? 194 HIS A CE1 1 
ATOM   1481 N NE2 . HIS A 1 194 ? -5.614  -11.168 -4.056  1.00 21.91 ? 194 HIS A NE2 1 
ATOM   1482 N N   . HIS A 1 195 ? -4.677  -11.404 1.058   1.00 16.25 ? 195 HIS A N   1 
ATOM   1483 C CA  . HIS A 1 195 ? -3.324  -10.945 1.363   1.00 16.27 ? 195 HIS A CA  1 
ATOM   1484 C C   . HIS A 1 195 ? -2.349  -11.296 0.237   1.00 15.24 ? 195 HIS A C   1 
ATOM   1485 O O   . HIS A 1 195 ? -2.677  -12.186 -0.581  1.00 16.29 ? 195 HIS A O   1 
ATOM   1486 C CB  . HIS A 1 195 ? -2.841  -11.585 2.667   1.00 17.02 ? 195 HIS A CB  1 
ATOM   1487 C CG  . HIS A 1 195 ? -3.757  -11.360 3.829   1.00 20.13 ? 195 HIS A CG  1 
ATOM   1488 N ND1 . HIS A 1 195 ? -4.011  -10.109 4.348   1.00 20.28 ? 195 HIS A ND1 1 
ATOM   1489 C CD2 . HIS A 1 195 ? -4.487  -12.228 4.569   1.00 22.68 ? 195 HIS A CD2 1 
ATOM   1490 C CE1 . HIS A 1 195 ? -4.859  -10.216 5.356   1.00 22.30 ? 195 HIS A CE1 1 
ATOM   1491 N NE2 . HIS A 1 195 ? -5.164  -11.491 5.510   1.00 24.08 ? 195 HIS A NE2 1 
ATOM   1492 O OXT . HIS A 1 195 ? -1.255  -10.690 0.197   1.00 15.37 ? 195 HIS A OXT 1 
HETATM 1493 N N1  . AZI B 2 .   ? 2.816   -9.540  -1.724  1.00 11.17 ? 201 AZI A N1  1 
HETATM 1494 N N2  . AZI B 2 .   ? 2.133   -8.697  -2.171  1.00 12.24 ? 201 AZI A N2  1 
HETATM 1495 N N3  . AZI B 2 .   ? 1.466   -7.888  -2.679  1.00 19.41 ? 201 AZI A N3  1 
HETATM 1496 O O   . HOH C 3 .   ? -14.712 3.404   -1.560  1.00 10.81 ? 301 HOH A O   1 
HETATM 1497 O O   . HOH C 3 .   ? 2.423   6.758   -4.159  1.00 11.40 ? 302 HOH A O   1 
HETATM 1498 O O   . HOH C 3 .   ? -4.299  -1.276  6.727   1.00 11.85 ? 303 HOH A O   1 
HETATM 1499 O O   . HOH C 3 .   ? 3.641   8.667   -5.954  1.00 13.30 ? 304 HOH A O   1 
HETATM 1500 O O   . HOH C 3 .   ? -0.073  -10.155 3.959   1.00 14.77 ? 305 HOH A O   1 
HETATM 1501 O O   . HOH C 3 .   ? -2.884  -3.425  3.996   1.00 12.43 ? 306 HOH A O   1 
HETATM 1502 O O   . HOH C 3 .   ? 3.590   4.299   -4.634  1.00 12.40 ? 307 HOH A O   1 
HETATM 1503 O O   . HOH C 3 .   ? -5.355  -3.336  5.308   1.00 14.28 ? 308 HOH A O   1 
HETATM 1504 O O   . HOH C 3 .   ? -13.398 1.012   -9.456  1.00 13.59 ? 309 HOH A O   1 
HETATM 1505 O O   . HOH C 3 .   ? 18.581  -9.524  -0.612  1.00 12.37 ? 310 HOH A O   1 
HETATM 1506 O O   . HOH C 3 .   ? 17.318  -8.303  1.569   1.00 14.25 ? 311 HOH A O   1 
HETATM 1507 O O   . HOH C 3 .   ? 11.451  -17.245 -1.826  1.00 15.20 ? 312 HOH A O   1 
HETATM 1508 O O   . HOH C 3 .   ? -15.156 -9.319  -4.866  1.00 16.93 ? 313 HOH A O   1 
HETATM 1509 O O   . HOH C 3 .   ? -0.321  -8.814  11.027  1.00 15.44 ? 314 HOH A O   1 
HETATM 1510 O O   . HOH C 3 .   ? -11.663 1.441   0.805   1.00 16.03 ? 315 HOH A O   1 
HETATM 1511 O O   . HOH C 3 .   ? -13.214 -13.935 -10.788 1.00 14.66 ? 316 HOH A O   1 
HETATM 1512 O O   . HOH C 3 .   ? -10.099 12.506  0.219   1.00 21.14 ? 317 HOH A O   1 
HETATM 1513 O O   . HOH C 3 .   ? 1.779   -11.964 10.775  1.00 19.65 ? 318 HOH A O   1 
HETATM 1514 O O   . HOH C 3 .   ? -22.514 -13.735 -2.080  1.00 17.57 ? 319 HOH A O   1 
HETATM 1515 O O   . HOH C 3 .   ? -7.343  -3.231  1.969   1.00 13.11 ? 320 HOH A O   1 
HETATM 1516 O O   . HOH C 3 .   ? 10.341  7.753   9.324   1.00 25.62 ? 321 HOH A O   1 
HETATM 1517 O O   . HOH C 3 .   ? 9.945   14.236  -9.842  1.00 31.70 ? 322 HOH A O   1 
HETATM 1518 O O   . HOH C 3 .   ? 11.677  3.000   -0.697  1.00 18.91 ? 323 HOH A O   1 
HETATM 1519 O O   . HOH C 3 .   ? -19.478 -10.934 -5.739  1.00 20.04 ? 324 HOH A O   1 
HETATM 1520 O O   . HOH C 3 .   ? 6.933   1.023   -14.784 1.00 19.82 ? 325 HOH A O   1 
HETATM 1521 O O   . HOH C 3 .   ? 22.196  -4.164  4.733   1.00 18.75 ? 326 HOH A O   1 
HETATM 1522 O O   . HOH C 3 .   ? -9.965  -3.885  -12.063 1.00 19.92 ? 327 HOH A O   1 
HETATM 1523 O O   . HOH C 3 .   ? -2.340  15.059  -1.656  1.00 19.31 ? 328 HOH A O   1 
HETATM 1524 O O   . HOH C 3 .   ? -16.227 11.867  0.389   1.00 19.60 ? 329 HOH A O   1 
HETATM 1525 O O   . HOH C 3 .   ? -13.806 21.858  -7.295  1.00 23.64 ? 330 HOH A O   1 
HETATM 1526 O O   . HOH C 3 .   ? -5.522  4.091   14.747  1.00 21.26 ? 331 HOH A O   1 
HETATM 1527 O O   . HOH C 3 .   ? -11.638 12.497  -2.042  1.00 14.77 ? 332 HOH A O   1 
HETATM 1528 O O   . HOH C 3 .   ? 2.147   -6.370  17.213  1.00 19.73 ? 333 HOH A O   1 
HETATM 1529 O O   . HOH C 3 .   ? 3.098   14.383  -10.632 1.00 17.98 ? 334 HOH A O   1 
HETATM 1530 O O   . HOH C 3 .   ? 5.047   13.667  -8.682  1.00 30.55 ? 335 HOH A O   1 
HETATM 1531 O O   . HOH C 3 .   ? 1.967   -6.137  19.917  1.00 19.52 ? 336 HOH A O   1 
HETATM 1532 O O   . HOH C 3 .   ? -4.508  -4.453  -20.227 1.00 18.63 ? 337 HOH A O   1 
HETATM 1533 O O   . HOH C 3 .   ? -0.430  8.066   2.921   1.00 21.29 ? 338 HOH A O   1 
HETATM 1534 O O   . HOH C 3 .   ? -15.580 16.431  -16.568 1.00 25.71 ? 339 HOH A O   1 
HETATM 1535 O O   . HOH C 3 .   ? 17.136  -15.077 3.763   1.00 18.91 ? 340 HOH A O   1 
HETATM 1536 O O   . HOH C 3 .   ? 16.429  -1.021  14.512  1.00 18.89 ? 341 HOH A O   1 
HETATM 1537 O O   . HOH C 3 .   ? 18.057  4.267   12.642  1.00 23.42 ? 342 HOH A O   1 
HETATM 1538 O O   . HOH C 3 .   ? 3.871   -3.548  -15.159 1.00 21.18 ? 343 HOH A O   1 
HETATM 1539 O O   . HOH C 3 .   ? 10.783  -16.097 -4.155  1.00 18.94 ? 344 HOH A O   1 
HETATM 1540 O O   . HOH C 3 .   ? -8.842  -4.888  -19.520 1.00 28.28 ? 345 HOH A O   1 
HETATM 1541 O O   . HOH C 3 .   ? 5.713   -13.030 12.133  1.00 23.16 ? 346 HOH A O   1 
HETATM 1542 O O   . HOH C 3 .   ? 18.476  4.576   5.382   1.00 24.68 ? 347 HOH A O   1 
HETATM 1543 O O   . HOH C 3 .   ? -9.899  2.840   -20.406 1.00 19.32 ? 348 HOH A O   1 
HETATM 1544 O O   . HOH C 3 .   ? -10.584 1.466   10.399  1.00 28.00 ? 349 HOH A O   1 
HETATM 1545 O O   . HOH C 3 .   ? 5.184   10.921  -5.687  1.00 25.07 ? 350 HOH A O   1 
HETATM 1546 O O   . HOH C 3 .   ? 3.387   6.412   -20.199 1.00 20.00 ? 351 HOH A O   1 
HETATM 1547 O O   . HOH C 3 .   ? -11.155 -0.281  3.012   1.00 27.00 ? 352 HOH A O   1 
HETATM 1548 O O   . HOH C 3 .   ? -3.445  6.083   6.147   1.00 21.98 ? 353 HOH A O   1 
HETATM 1549 O O   . HOH C 3 .   ? 11.666  -16.339 5.609   1.00 20.65 ? 354 HOH A O   1 
HETATM 1550 O O   . HOH C 3 .   ? -9.564  3.179   8.307   1.00 20.93 ? 355 HOH A O   1 
HETATM 1551 O O   . HOH C 3 .   ? -5.692  11.614  -0.442  1.00 21.11 ? 356 HOH A O   1 
HETATM 1552 O O   . HOH C 3 .   ? 7.082   11.853  6.808   1.00 26.79 ? 357 HOH A O   1 
HETATM 1553 O O   . HOH C 3 .   ? 11.032  10.333  7.389   1.00 21.46 ? 358 HOH A O   1 
HETATM 1554 O O   . HOH C 3 .   ? 7.626   12.682  -15.930 1.00 24.76 ? 359 HOH A O   1 
HETATM 1555 O O   . HOH C 3 .   ? 0.677   -6.965  -16.282 1.00 19.81 ? 360 HOH A O   1 
HETATM 1556 O O   . HOH C 3 .   ? -18.466 -9.605  -12.228 1.00 24.79 ? 361 HOH A O   1 
HETATM 1557 O O   . HOH C 3 .   ? 3.463   7.696   -8.656  1.00 17.98 ? 362 HOH A O   1 
HETATM 1558 O O   . HOH C 3 .   ? -17.764 9.626   -8.013  1.00 30.68 ? 363 HOH A O   1 
HETATM 1559 O O   . HOH C 3 .   ? -15.350 -2.861  -10.505 1.00 19.26 ? 364 HOH A O   1 
HETATM 1560 O O   . HOH C 3 .   ? -20.302 -18.996 -5.582  1.00 20.46 ? 365 HOH A O   1 
HETATM 1561 O O   . HOH C 3 .   ? 10.551  -7.294  -5.991  1.00 27.48 ? 366 HOH A O   1 
HETATM 1562 O O   . HOH C 3 .   ? 10.355  2.473   -8.952  1.00 37.00 ? 367 HOH A O   1 
HETATM 1563 O O   . HOH C 3 .   ? 5.329   11.752  4.708   1.00 23.09 ? 368 HOH A O   1 
HETATM 1564 O O   . HOH C 3 .   ? -1.026  -16.066 2.159   1.00 24.65 ? 369 HOH A O   1 
HETATM 1565 O O   . HOH C 3 .   ? -13.203 19.080  -13.309 1.00 37.44 ? 370 HOH A O   1 
HETATM 1566 O O   . HOH C 3 .   ? 3.332   -11.534 22.014  1.00 34.41 ? 371 HOH A O   1 
HETATM 1567 O O   . HOH C 3 .   ? -8.219  9.524   3.736   1.00 28.93 ? 372 HOH A O   1 
HETATM 1568 O O   . HOH C 3 .   ? 8.050   -20.536 3.777   1.00 24.90 ? 373 HOH A O   1 
HETATM 1569 O O   . HOH C 3 .   ? -12.004 16.975  -0.935  1.00 26.71 ? 374 HOH A O   1 
HETATM 1570 O O   . HOH C 3 .   ? -2.379  13.366  2.343   1.00 32.35 ? 375 HOH A O   1 
HETATM 1571 O O   . HOH C 3 .   ? -6.899  5.754   8.343   1.00 32.57 ? 376 HOH A O   1 
HETATM 1572 O O   . HOH C 3 .   ? -8.479  -4.332  16.541  1.00 37.91 ? 377 HOH A O   1 
HETATM 1573 O O   . HOH C 3 .   ? -15.013 0.878   -14.312 1.00 22.10 ? 378 HOH A O   1 
HETATM 1574 O O   . HOH C 3 .   ? -7.437  -13.020 2.803   1.00 35.32 ? 379 HOH A O   1 
HETATM 1575 O O   . HOH C 3 .   ? -0.017  -8.838  -14.476 1.00 28.99 ? 380 HOH A O   1 
HETATM 1576 O O   . HOH C 3 .   ? 15.884  -9.341  14.008  1.00 25.63 ? 381 HOH A O   1 
HETATM 1577 O O   . HOH C 3 .   ? -17.146 12.367  -15.709 1.00 38.86 ? 382 HOH A O   1 
HETATM 1578 O O   . HOH C 3 .   ? 10.047  0.802   9.668   1.00 44.92 ? 383 HOH A O   1 
HETATM 1579 O O   . HOH C 3 .   ? 3.856   21.221  -15.231 1.00 42.42 ? 384 HOH A O   1 
HETATM 1580 O O   . HOH C 3 .   ? -2.282  4.939   8.806   1.00 34.50 ? 385 HOH A O   1 
HETATM 1581 O O   . HOH C 3 .   ? -4.354  6.670   8.770   1.00 35.76 ? 386 HOH A O   1 
HETATM 1582 O O   . HOH C 3 .   ? 5.474   -18.752 4.597   1.00 28.74 ? 387 HOH A O   1 
HETATM 1583 O O   . HOH C 3 .   ? 8.615   -3.095  -5.815  1.00 42.72 ? 388 HOH A O   1 
HETATM 1584 O O   . HOH C 3 .   ? 0.040   14.914  13.437  1.00 41.65 ? 389 HOH A O   1 
HETATM 1585 O O   . HOH C 3 .   ? 8.724   5.408   -12.265 1.00 34.26 ? 390 HOH A O   1 
HETATM 1586 O O   . HOH C 3 .   ? -6.693  -3.225  -21.418 1.00 21.60 ? 391 HOH A O   1 
HETATM 1587 O O   . HOH C 3 .   ? 1.480   -7.380  -9.607  1.00 23.12 ? 392 HOH A O   1 
HETATM 1588 O O   . HOH C 3 .   ? 13.913  3.691   18.961  1.00 34.91 ? 393 HOH A O   1 
HETATM 1589 O O   . HOH C 3 .   ? -19.042 14.594  -7.144  1.00 35.54 ? 394 HOH A O   1 
HETATM 1590 O O   . HOH C 3 .   ? -10.006 -17.664 2.309   1.00 44.27 ? 395 HOH A O   1 
HETATM 1591 O O   . HOH C 3 .   ? 14.155  -12.212 10.869  1.00 26.19 ? 396 HOH A O   1 
HETATM 1592 O O   . HOH C 3 .   ? 6.952   4.799   -16.134 1.00 31.76 ? 397 HOH A O   1 
HETATM 1593 O O   . HOH C 3 .   ? -3.222  -9.635  -7.549  1.00 27.17 ? 398 HOH A O   1 
HETATM 1594 O O   . HOH C 3 .   ? 1.819   4.739   -21.596 1.00 22.68 ? 399 HOH A O   1 
HETATM 1595 O O   . HOH C 3 .   ? -6.554  -5.297  9.669   1.00 26.82 ? 400 HOH A O   1 
HETATM 1596 O O   . HOH C 3 .   ? 12.852  -13.963 -6.334  1.00 38.39 ? 401 HOH A O   1 
HETATM 1597 O O   . HOH C 3 .   ? -6.324  -7.914  6.747   1.00 25.15 ? 402 HOH A O   1 
HETATM 1598 O O   . HOH C 3 .   ? -1.296  4.950   17.761  1.00 34.94 ? 403 HOH A O   1 
HETATM 1599 O O   . HOH C 3 .   ? -4.312  21.379  -8.138  1.00 36.12 ? 404 HOH A O   1 
HETATM 1600 O O   . HOH C 3 .   ? 3.362   -4.518  -9.052  1.00 32.22 ? 405 HOH A O   1 
HETATM 1601 O O   . HOH C 3 .   ? 6.902   7.118   -6.755  1.00 30.13 ? 406 HOH A O   1 
HETATM 1602 O O   . HOH C 3 .   ? -16.761 2.720   -9.075  1.00 21.84 ? 407 HOH A O   1 
HETATM 1603 O O   . HOH C 3 .   ? -0.794  -13.145 -15.978 1.00 38.57 ? 408 HOH A O   1 
HETATM 1604 O O   . HOH C 3 .   ? 8.081   10.733  10.112  1.00 36.68 ? 409 HOH A O   1 
HETATM 1605 O O   . HOH C 3 .   ? -7.472  13.559  -0.414  1.00 31.48 ? 410 HOH A O   1 
HETATM 1606 O O   . HOH C 3 .   ? -6.842  -7.276  -0.986  1.00 12.20 ? 411 HOH A O   1 
HETATM 1607 O O   . HOH C 3 .   ? -13.318 -8.063  -6.655  1.00 15.31 ? 412 HOH A O   1 
HETATM 1608 O O   . HOH C 3 .   ? 6.818   -1.175  -8.321  1.00 18.92 ? 413 HOH A O   1 
HETATM 1609 O O   . HOH C 3 .   ? 18.826  -15.515 -1.971  1.00 22.96 ? 414 HOH A O   1 
HETATM 1610 O O   . HOH C 3 .   ? -6.218  -5.389  6.685   1.00 21.60 ? 415 HOH A O   1 
HETATM 1611 O O   . HOH C 3 .   ? -14.447 -8.766  -2.297  1.00 20.03 ? 416 HOH A O   1 
HETATM 1612 O O   . HOH C 3 .   ? -5.159  22.449  -5.711  1.00 25.52 ? 417 HOH A O   1 
HETATM 1613 O O   . HOH C 3 .   ? 10.919  11.697  0.255   1.00 28.11 ? 418 HOH A O   1 
HETATM 1614 O O   . HOH C 3 .   ? -6.381  -5.748  -18.706 1.00 22.20 ? 419 HOH A O   1 
HETATM 1615 O O   . HOH C 3 .   ? -2.199  18.012  -11.303 1.00 33.79 ? 420 HOH A O   1 
HETATM 1616 O O   . HOH C 3 .   ? 20.963  0.673   5.062   1.00 24.37 ? 421 HOH A O   1 
HETATM 1617 O O   . HOH C 3 .   ? 4.589   -15.537 8.474   1.00 19.91 ? 422 HOH A O   1 
HETATM 1618 O O   . HOH C 3 .   ? 5.669   -4.919  17.372  1.00 24.62 ? 423 HOH A O   1 
HETATM 1619 O O   . HOH C 3 .   ? 13.339  -14.808 10.255  1.00 29.63 ? 424 HOH A O   1 
HETATM 1620 O O   . HOH C 3 .   ? 21.599  -12.895 6.530   1.00 29.56 ? 425 HOH A O   1 
HETATM 1621 O O   . HOH C 3 .   ? 1.028   21.275  -4.539  1.00 26.32 ? 426 HOH A O   1 
HETATM 1622 O O   . HOH C 3 .   ? -2.374  17.807  -2.125  1.00 24.58 ? 427 HOH A O   1 
HETATM 1623 O O   . HOH C 3 .   ? -9.244  -4.836  2.894   1.00 26.83 ? 428 HOH A O   1 
HETATM 1624 O O   . HOH C 3 .   ? -0.658  -11.568 11.878  1.00 23.61 ? 429 HOH A O   1 
HETATM 1625 O O   . HOH C 3 .   ? -10.729 1.344   6.705   1.00 23.38 ? 430 HOH A O   1 
HETATM 1626 O O   . HOH C 3 .   ? 7.696   -23.219 5.054   1.00 32.60 ? 431 HOH A O   1 
HETATM 1627 O O   . HOH C 3 .   ? -1.410  21.980  -7.340  1.00 33.95 ? 432 HOH A O   1 
HETATM 1628 O O   . HOH C 3 .   ? -8.208  -9.085  4.900   1.00 33.09 ? 433 HOH A O   1 
HETATM 1629 O O   . HOH C 3 .   ? 11.664  -15.706 8.319   1.00 26.56 ? 434 HOH A O   1 
HETATM 1630 O O   . HOH C 3 .   ? -9.723  5.840   7.938   1.00 23.06 ? 435 HOH A O   1 
HETATM 1631 O O   . HOH C 3 .   ? -17.756 -8.794  -5.406  1.00 24.23 ? 436 HOH A O   1 
HETATM 1632 O O   . HOH C 3 .   ? 20.831  -0.988  7.239   1.00 28.87 ? 437 HOH A O   1 
HETATM 1633 O O   . HOH C 3 .   ? 6.954   11.990  -2.871  1.00 30.96 ? 438 HOH A O   1 
HETATM 1634 O O   . HOH C 3 .   ? -17.289 0.159   -8.054  1.00 29.79 ? 439 HOH A O   1 
HETATM 1635 O O   . HOH C 3 .   ? -13.257 14.680  -2.299  1.00 31.43 ? 440 HOH A O   1 
HETATM 1636 O O   . HOH C 3 .   ? 2.016   -8.984  16.720  1.00 52.58 ? 441 HOH A O   1 
HETATM 1637 O O   . HOH C 3 .   ? -2.398  8.229   4.786   1.00 26.81 ? 442 HOH A O   1 
HETATM 1638 O O   . HOH C 3 .   ? -4.673  13.940  -18.215 1.00 23.36 ? 443 HOH A O   1 
HETATM 1639 O O   . HOH C 3 .   ? -5.063  24.458  -8.471  1.00 35.74 ? 444 HOH A O   1 
HETATM 1640 O O   . HOH C 3 .   ? -19.717 10.067  -4.938  1.00 32.31 ? 445 HOH A O   1 
HETATM 1641 O O   . HOH C 3 .   ? -16.619 -5.464  -7.804  1.00 37.17 ? 446 HOH A O   1 
HETATM 1642 O O   . HOH C 3 .   ? -9.697  12.041  4.984   1.00 34.68 ? 447 HOH A O   1 
HETATM 1643 O O   . HOH C 3 .   ? 6.688   8.954   12.851  1.00 31.64 ? 448 HOH A O   1 
HETATM 1644 O O   . HOH C 3 .   ? 12.111  6.802   -1.556  1.00 35.63 ? 449 HOH A O   1 
HETATM 1645 O O   . HOH C 3 .   ? 6.803   -14.850 10.126  1.00 25.90 ? 450 HOH A O   1 
HETATM 1646 O O   . HOH C 3 .   ? 13.865  -11.196 13.519  1.00 32.27 ? 451 HOH A O   1 
HETATM 1647 O O   . HOH C 3 .   ? 1.538   8.608   -21.245 1.00 42.30 ? 452 HOH A O   1 
HETATM 1648 O O   . HOH C 3 .   ? 12.460  12.731  4.101   1.00 27.64 ? 453 HOH A O   1 
HETATM 1649 O O   . HOH C 3 .   ? 2.727   -19.445 3.562   1.00 29.22 ? 454 HOH A O   1 
HETATM 1650 O O   . HOH C 3 .   ? -8.574  -6.217  5.570   1.00 24.63 ? 455 HOH A O   1 
HETATM 1651 O O   . HOH C 3 .   ? -17.564 -8.474  -8.251  1.00 30.71 ? 456 HOH A O   1 
HETATM 1652 O O   . HOH C 3 .   ? -3.704  -11.076 22.021  1.00 36.22 ? 457 HOH A O   1 
HETATM 1653 O O   . HOH C 3 .   ? 2.858   -13.898 12.207  1.00 28.11 ? 458 HOH A O   1 
HETATM 1654 O O   . HOH C 3 .   ? 0.225   10.254  18.987  1.00 29.92 ? 459 HOH A O   1 
HETATM 1655 O O   . HOH C 3 .   ? 5.836   9.879   -19.258 1.00 32.21 ? 460 HOH A O   1 
HETATM 1656 O O   . HOH C 3 .   ? 14.472  9.771   8.117   1.00 38.18 ? 461 HOH A O   1 
HETATM 1657 O O   . HOH C 3 .   ? -11.047 -8.889  0.677   1.00 34.39 ? 462 HOH A O   1 
HETATM 1658 O O   . HOH C 3 .   ? -11.145 -1.982  -16.512 1.00 33.95 ? 463 HOH A O   1 
HETATM 1659 O O   . HOH C 3 .   ? 1.180   -16.234 0.836   1.00 31.37 ? 464 HOH A O   1 
HETATM 1660 O O   . HOH C 3 .   ? -8.664  17.532  -14.791 1.00 26.16 ? 465 HOH A O   1 
HETATM 1661 O O   . HOH C 3 .   ? 1.989   7.330   18.683  1.00 30.70 ? 466 HOH A O   1 
HETATM 1662 O O   . HOH C 3 .   ? -3.006  9.076   -22.721 1.00 31.84 ? 467 HOH A O   1 
HETATM 1663 O O   . HOH C 3 .   ? -3.830  11.234  1.517   1.00 30.95 ? 468 HOH A O   1 
HETATM 1664 O O   . HOH C 3 .   ? -8.324  -15.956 -6.441  1.00 30.06 ? 469 HOH A O   1 
HETATM 1665 O O   . HOH C 3 .   ? 7.212   -3.705  -3.647  1.00 61.19 ? 470 HOH A O   1 
HETATM 1666 O O   . HOH C 3 .   ? -11.546 -4.378  -14.232 1.00 34.17 ? 471 HOH A O   1 
HETATM 1667 O O   . HOH C 3 .   ? -8.489  8.515   8.381   1.00 47.04 ? 472 HOH A O   1 
HETATM 1668 O O   . HOH C 3 .   ? -17.770 10.019  -10.692 1.00 32.94 ? 473 HOH A O   1 
HETATM 1669 O O   . HOH C 3 .   ? 1.175   -16.260 19.073  1.00 28.37 ? 474 HOH A O   1 
HETATM 1670 O O   . HOH C 3 .   ? 20.835  0.809   9.260   1.00 37.63 ? 475 HOH A O   1 
HETATM 1671 O O   . HOH C 3 .   ? 12.161  15.514  -8.684  1.00 33.61 ? 476 HOH A O   1 
HETATM 1672 O O   . HOH C 3 .   ? 22.719  -4.799  11.193  1.00 34.70 ? 477 HOH A O   1 
HETATM 1673 O O   . HOH C 3 .   ? 7.360   6.051   -9.217  1.00 44.90 ? 478 HOH A O   1 
HETATM 1674 O O   . HOH C 3 .   ? -8.679  -2.650  12.824  1.00 45.20 ? 479 HOH A O   1 
HETATM 1675 O O   . HOH C 3 .   ? 8.928   0.489   -3.735  1.00 39.38 ? 480 HOH A O   1 
HETATM 1676 O O   . HOH C 3 .   ? 0.597   -0.863  -22.262 1.00 41.18 ? 481 HOH A O   1 
HETATM 1677 O O   . HOH C 3 .   ? 20.381  2.487   11.383  1.00 45.57 ? 482 HOH A O   1 
HETATM 1678 O O   . HOH C 3 .   ? 9.677   13.284  -14.337 1.00 33.82 ? 483 HOH A O   1 
HETATM 1679 O O   . HOH C 3 .   ? 15.226  6.534   2.560   1.00 28.77 ? 484 HOH A O   1 
HETATM 1680 O O   . HOH C 3 .   ? 5.085   -3.559  -12.709 1.00 34.38 ? 485 HOH A O   1 
HETATM 1681 O O   . HOH C 3 .   ? 14.724  0.665   -2.991  1.00 35.90 ? 486 HOH A O   1 
HETATM 1682 O O   . HOH C 3 .   ? 1.273   -9.138  -11.726 1.00 32.56 ? 487 HOH A O   1 
HETATM 1683 O O   . HOH C 3 .   ? 5.505   14.304  2.996   1.00 36.30 ? 488 HOH A O   1 
HETATM 1684 O O   . HOH C 3 .   ? 10.275  -11.614 -7.497  1.00 33.25 ? 489 HOH A O   1 
HETATM 1685 O O   . HOH C 3 .   ? 18.850  -16.564 0.733   1.00 33.38 ? 490 HOH A O   1 
HETATM 1686 O O   . HOH C 3 .   ? -18.754 4.527   -8.135  1.00 27.22 ? 491 HOH A O   1 
HETATM 1687 O O   . HOH C 3 .   ? -11.498 -2.753  4.080   1.00 36.99 ? 492 HOH A O   1 
HETATM 1688 O O   . HOH C 3 .   ? -9.408  -13.057 4.853   1.00 35.17 ? 493 HOH A O   1 
HETATM 1689 O O   . HOH C 3 .   ? 9.578   5.018   -8.150  1.00 44.76 ? 494 HOH A O   1 
HETATM 1690 O O   . HOH C 3 .   ? -5.174  -14.238 1.544   1.00 29.97 ? 495 HOH A O   1 
HETATM 1691 O O   . HOH C 3 .   ? -6.519  11.089  2.243   1.00 38.46 ? 496 HOH A O   1 
HETATM 1692 O O   . HOH C 3 .   ? 11.364  13.035  6.544   1.00 35.52 ? 497 HOH A O   1 
HETATM 1693 O O   . HOH C 3 .   ? 12.730  -6.415  19.464  1.00 34.02 ? 498 HOH A O   1 
HETATM 1694 O O   . HOH C 3 .   ? -1.054  -11.499 16.324  1.00 31.27 ? 499 HOH A O   1 
HETATM 1695 O O   . HOH C 3 .   ? 18.719  1.832   0.473   1.00 47.66 ? 500 HOH A O   1 
HETATM 1696 O O   . HOH C 3 .   ? -0.556  19.850  -12.978 1.00 40.02 ? 501 HOH A O   1 
HETATM 1697 O O   . HOH C 3 .   ? 9.534   7.647   16.660  1.00 35.26 ? 502 HOH A O   1 
HETATM 1698 O O   . HOH C 3 .   ? 2.691   10.887  -19.512 1.00 40.07 ? 503 HOH A O   1 
HETATM 1699 O O   . HOH C 3 .   ? 0.803   25.209  -12.084 1.00 40.71 ? 504 HOH A O   1 
HETATM 1700 O O   . HOH C 3 .   ? 5.392   -17.982 7.358   1.00 32.40 ? 505 HOH A O   1 
HETATM 1701 O O   . HOH C 3 .   ? 14.956  -15.685 -6.828  1.00 34.64 ? 506 HOH A O   1 
HETATM 1702 O O   . HOH C 3 .   ? 9.443   7.430   13.954  1.00 49.62 ? 507 HOH A O   1 
HETATM 1703 O O   . HOH C 3 .   ? -4.574  0.196   4.631   1.00 57.29 ? 508 HOH A O   1 
HETATM 1704 O O   . HOH C 3 .   ? -11.495 -5.620  1.852   1.00 26.08 ? 509 HOH A O   1 
HETATM 1705 O O   . HOH C 3 .   ? -12.442 -0.409  5.566   1.00 62.47 ? 510 HOH A O   1 
HETATM 1706 O O   . HOH C 3 .   ? -15.895 -9.425  0.010   1.00 30.03 ? 511 HOH A O   1 
HETATM 1707 O O   . HOH C 3 .   ? -9.004  -6.865  0.955   1.00 43.98 ? 512 HOH A O   1 
HETATM 1708 O O   . HOH C 3 .   ? -8.793  19.681  -12.875 1.00 36.96 ? 513 HOH A O   1 
HETATM 1709 O O   . HOH C 3 .   ? -12.424 20.413  -11.004 1.00 27.37 ? 514 HOH A O   1 
HETATM 1710 O O   . HOH C 3 .   ? -18.022 13.185  -18.078 1.00 32.66 ? 515 HOH A O   1 
HETATM 1711 O O   . HOH C 3 .   ? -9.311  -13.932 0.386   1.00 50.51 ? 516 HOH A O   1 
HETATM 1712 O O   . HOH C 3 .   ? 5.597   9.851   9.567   1.00 31.26 ? 517 HOH A O   1 
HETATM 1713 O O   . HOH C 3 .   ? 5.173   9.359   -9.972  1.00 25.24 ? 518 HOH A O   1 
HETATM 1714 O O   . HOH C 3 .   ? -1.280  -11.902 23.206  1.00 45.08 ? 519 HOH A O   1 
HETATM 1715 O O   . HOH C 3 .   ? 14.124  -18.070 -5.895  1.00 33.27 ? 520 HOH A O   1 
HETATM 1716 O O   . HOH C 3 .   ? -4.864  14.479  -0.627  1.00 35.15 ? 521 HOH A O   1 
HETATM 1717 O O   . HOH C 3 .   ? 8.838   -18.493 8.367   1.00 51.82 ? 522 HOH A O   1 
HETATM 1718 O O   . HOH C 3 .   ? 15.002  11.324  5.096   1.00 41.36 ? 523 HOH A O   1 
HETATM 1719 O O   . HOH C 3 .   ? 13.090  -6.494  -5.868  1.00 31.45 ? 524 HOH A O   1 
HETATM 1720 O O   . HOH C 3 .   ? 13.654  -19.977 1.190   1.00 54.99 ? 525 HOH A O   1 
HETATM 1721 O O   . HOH C 3 .   ? -3.322  -6.223  -21.985 1.00 38.26 ? 526 HOH A O   1 
HETATM 1722 O O   . HOH C 3 .   ? 9.201   -16.285 9.805   1.00 35.30 ? 527 HOH A O   1 
HETATM 1723 O O   . HOH C 3 .   ? -18.440 16.567  -14.869 1.00 53.33 ? 528 HOH A O   1 
HETATM 1724 O O   . HOH C 3 .   ? 2.192   19.420  -12.712 1.00 35.12 ? 529 HOH A O   1 
HETATM 1725 O O   . HOH C 3 .   ? 0.308   10.674  2.631   1.00 27.65 ? 530 HOH A O   1 
HETATM 1726 O O   . HOH C 3 .   ? 0.292   3.720   21.891  1.00 30.59 ? 531 HOH A O   1 
HETATM 1727 O O   . HOH C 3 .   ? 3.021   16.995  -18.352 1.00 49.77 ? 532 HOH A O   1 
HETATM 1728 O O   . HOH C 3 .   ? 9.434   7.303   -10.435 1.00 51.57 ? 533 HOH A O   1 
HETATM 1729 O O   . HOH C 3 .   ? -4.691  19.174  -1.845  1.00 47.09 ? 534 HOH A O   1 
HETATM 1730 O O   . HOH C 3 .   ? -1.031  14.180  4.620   1.00 42.09 ? 535 HOH A O   1 
HETATM 1731 O O   . HOH C 3 .   ? -14.945 -8.196  -8.829  1.00 49.30 ? 536 HOH A O   1 
HETATM 1732 O O   . HOH C 3 .   ? -11.557 -5.740  -17.794 1.00 31.84 ? 537 HOH A O   1 
HETATM 1733 O O   . HOH C 3 .   ? 9.540   -9.627  21.424  1.00 42.52 ? 538 HOH A O   1 
HETATM 1734 O O   . HOH C 3 .   ? -10.193 16.614  1.035   1.00 42.20 ? 539 HOH A O   1 
HETATM 1735 O O   . HOH C 3 .   ? -13.977 -8.898  2.008   1.00 42.31 ? 540 HOH A O   1 
HETATM 1736 O O   . HOH C 3 .   ? -17.819 13.754  -4.811  1.00 39.65 ? 541 HOH A O   1 
HETATM 1737 O O   . HOH C 3 .   ? -0.822  -9.840  -21.584 1.00 46.60 ? 542 HOH A O   1 
HETATM 1738 O O   . HOH C 3 .   ? -1.273  -8.729  -12.255 1.00 55.77 ? 543 HOH A O   1 
HETATM 1739 O O   . HOH C 3 .   ? 21.496  5.257   10.702  1.00 32.70 ? 544 HOH A O   1 
HETATM 1740 O O   . HOH C 3 .   ? -3.773  -12.999 -5.116  1.00 53.50 ? 545 HOH A O   1 
HETATM 1741 O O   . HOH C 3 .   ? -1.115  19.406  -17.660 1.00 51.93 ? 546 HOH A O   1 
HETATM 1742 O O   . HOH C 3 .   ? 9.397   -0.286  -8.839  1.00 37.42 ? 547 HOH A O   1 
HETATM 1743 O O   . HOH C 3 .   ? -11.022 -9.112  3.334   1.00 55.32 ? 548 HOH A O   1 
HETATM 1744 O O   . HOH C 3 .   ? 15.340  12.798  2.441   1.00 46.46 ? 549 HOH A O   1 
HETATM 1745 O O   . HOH C 3 .   ? 17.513  4.614   0.632   1.00 43.05 ? 550 HOH A O   1 
HETATM 1746 O O   . HOH C 3 .   ? 14.824  4.761   -0.018  1.00 43.15 ? 551 HOH A O   1 
HETATM 1747 O O   . HOH C 3 .   ? 4.916   15.158  -3.331  1.00 37.13 ? 552 HOH A O   1 
HETATM 1748 O O   . HOH C 3 .   ? -16.794 -22.712 -3.174  1.00 50.77 ? 553 HOH A O   1 
HETATM 1749 O O   . HOH C 3 .   ? -16.580 -2.216  -14.295 1.00 37.89 ? 554 HOH A O   1 
HETATM 1750 O O   . HOH C 3 .   ? 12.327  4.642   21.335  1.00 33.12 ? 555 HOH A O   1 
HETATM 1751 O O   . HOH C 3 .   ? 7.246   16.226  3.811   1.00 42.65 ? 556 HOH A O   1 
HETATM 1752 O O   . HOH C 3 .   ? 3.225   10.440  5.683   1.00 33.12 ? 557 HOH A O   1 
HETATM 1753 O O   . HOH C 3 .   ? -3.823  10.558  4.124   1.00 49.47 ? 558 HOH A O   1 
HETATM 1754 O O   . HOH C 3 .   ? -16.832 0.648   -10.928 1.00 41.06 ? 559 HOH A O   1 
HETATM 1755 O O   . HOH C 3 .   ? 15.439  -16.466 9.357   1.00 54.15 ? 560 HOH A O   1 
HETATM 1756 O O   . HOH C 3 .   ? 11.824  -13.411 16.352  1.00 55.14 ? 561 HOH A O   1 
HETATM 1757 O O   . HOH C 3 .   ? -14.382 -10.935 5.337   1.00 53.45 ? 562 HOH A O   1 
HETATM 1758 O O   . HOH C 3 .   ? 11.164  8.270   -3.853  1.00 58.20 ? 563 HOH A O   1 
HETATM 1759 O O   . HOH C 3 .   ? -6.419  -7.361  15.840  1.00 43.19 ? 564 HOH A O   1 
HETATM 1760 O O   . HOH C 3 .   ? -6.974  15.181  -19.227 1.00 36.34 ? 565 HOH A O   1 
HETATM 1761 O O   . HOH C 3 .   ? 17.704  -14.133 9.815   1.00 31.92 ? 566 HOH A O   1 
HETATM 1762 O O   . HOH C 3 .   ? -9.861  -5.197  -22.161 1.00 44.47 ? 567 HOH A O   1 
HETATM 1763 O O   . HOH C 3 .   ? 6.818   11.179  14.499  1.00 39.06 ? 568 HOH A O   1 
HETATM 1764 O O   . HOH C 3 .   ? 8.168   13.149  0.037   1.00 38.17 ? 569 HOH A O   1 
HETATM 1765 O O   . HOH C 3 .   ? -20.433 10.555  -7.783  1.00 43.66 ? 570 HOH A O   1 
HETATM 1766 O O   . HOH C 3 .   ? -2.074  -13.227 9.497   1.00 38.91 ? 571 HOH A O   1 
HETATM 1767 O O   . HOH C 3 .   ? 5.874   6.205   -21.192 1.00 30.51 ? 572 HOH A O   1 
HETATM 1768 O O   . HOH C 3 .   ? -7.226  11.719  13.010  1.00 50.69 ? 573 HOH A O   1 
HETATM 1769 O O   . HOH C 3 .   ? -20.385 5.166   -11.000 1.00 46.10 ? 574 HOH A O   1 
HETATM 1770 O O   . HOH C 3 .   ? -21.357 4.040   -7.359  1.00 56.59 ? 575 HOH A O   1 
HETATM 1771 O O   . HOH C 3 .   ? -17.597 -7.552  -1.555  1.00 45.80 ? 576 HOH A O   1 
HETATM 1772 O O   . HOH C 3 .   ? -0.477  11.950  7.075   1.00 39.49 ? 577 HOH A O   1 
HETATM 1773 O O   . HOH C 3 .   ? 3.613   9.747   -22.897 1.00 48.35 ? 578 HOH A O   1 
HETATM 1774 O O   . HOH C 3 .   ? 9.291   10.229  15.777  1.00 49.36 ? 579 HOH A O   1 
HETATM 1775 O O   . HOH C 3 .   ? -2.226  -13.198 6.497   1.00 36.20 ? 580 HOH A O   1 
HETATM 1776 O O   . HOH C 3 .   ? -7.167  15.887  0.921   1.00 43.26 ? 581 HOH A O   1 
HETATM 1777 O O   . HOH C 3 .   ? 13.595  7.678   16.810  1.00 38.74 ? 582 HOH A O   1 
HETATM 1778 O O   . HOH C 3 .   ? 6.612   -4.017  -7.345  1.00 41.88 ? 583 HOH A O   1 
HETATM 1779 O O   . HOH C 3 .   ? 16.726  -17.292 2.203   1.00 38.12 ? 584 HOH A O   1 
HETATM 1780 O O   . HOH C 3 .   ? -11.806 -16.057 0.641   1.00 50.41 ? 585 HOH A O   1 
HETATM 1781 O O   . HOH C 3 .   ? -13.820 18.419  -16.416 1.00 56.80 ? 586 HOH A O   1 
HETATM 1782 O O   . HOH C 3 .   ? 8.163   14.384  6.849   1.00 51.34 ? 587 HOH A O   1 
HETATM 1783 O O   . HOH C 3 .   ? 10.058  5.012   -1.895  1.00 40.37 ? 588 HOH A O   1 
HETATM 1784 O O   . HOH C 3 .   ? 6.698   -9.478  22.014  1.00 46.87 ? 589 HOH A O   1 
HETATM 1785 O O   . HOH C 3 .   ? 14.153  12.434  7.927   1.00 53.25 ? 590 HOH A O   1 
HETATM 1786 O O   . HOH C 3 .   ? 10.401  3.251   -11.623 1.00 56.37 ? 591 HOH A O   1 
HETATM 1787 O O   . HOH C 3 .   ? 10.171  15.773  3.075   1.00 47.82 ? 592 HOH A O   1 
HETATM 1788 O O   . HOH C 3 .   ? 7.830   -17.996 16.140  1.00 41.99 ? 593 HOH A O   1 
HETATM 1789 O O   . HOH C 3 .   ? 9.183   8.708   11.595  1.00 44.83 ? 594 HOH A O   1 
HETATM 1790 O O   . HOH C 3 .   ? 13.018  -19.465 -1.445  1.00 37.19 ? 595 HOH A O   1 
HETATM 1791 O O   . HOH C 3 .   ? -11.150 17.829  -14.200 1.00 56.95 ? 596 HOH A O   1 
HETATM 1792 O O   . HOH C 3 .   ? 9.174   11.516  -4.302  1.00 57.44 ? 597 HOH A O   1 
HETATM 1793 O O   . HOH C 3 .   ? 8.623   1.316   24.379  1.00 32.23 ? 598 HOH A O   1 
HETATM 1794 O O   . HOH C 3 .   ? 10.863  -10.311 19.097  1.00 48.54 ? 599 HOH A O   1 
HETATM 1795 O O   . HOH C 3 .   ? 2.265   19.280  -17.037 1.00 57.98 ? 600 HOH A O   1 
HETATM 1796 O O   . HOH C 3 .   ? 22.945  2.265   8.015   1.00 44.59 ? 601 HOH A O   1 
HETATM 1797 O O   . HOH C 3 .   ? 7.154   -3.287  22.605  1.00 36.16 ? 602 HOH A O   1 
HETATM 1798 O O   . HOH C 3 .   ? 10.737  5.902   -14.289 1.00 48.85 ? 603 HOH A O   1 
HETATM 1799 O O   . HOH C 3 .   ? 6.649   -15.607 12.699  1.00 49.73 ? 604 HOH A O   1 
HETATM 1800 O O   . HOH C 3 .   ? -17.843 3.234   -11.862 1.00 33.78 ? 605 HOH A O   1 
HETATM 1801 O O   . HOH C 3 .   ? -18.020 8.780   -13.283 1.00 49.70 ? 606 HOH A O   1 
HETATM 1802 O O   . HOH C 3 .   ? -9.623  10.393  10.327  1.00 46.34 ? 607 HOH A O   1 
HETATM 1803 O O   . HOH C 3 .   ? 15.711  8.566   0.718   1.00 49.93 ? 608 HOH A O   1 
HETATM 1804 O O   . HOH C 3 .   ? -17.557 -0.330  -5.301  1.00 42.28 ? 609 HOH A O   1 
HETATM 1805 O O   . HOH C 3 .   ? -0.508  13.627  15.767  1.00 43.99 ? 610 HOH A O   1 
HETATM 1806 O O   . HOH C 3 .   ? -11.622 -10.064 8.278   1.00 54.89 ? 611 HOH A O   1 
HETATM 1807 O O   . HOH C 3 .   ? -2.877  13.957  -20.399 1.00 39.41 ? 612 HOH A O   1 
HETATM 1808 O O   . HOH C 3 .   ? 8.831   -0.389  -6.246  1.00 49.59 ? 613 HOH A O   1 
HETATM 1809 O O   . HOH C 3 .   ? -6.033  9.528   5.325   1.00 56.59 ? 614 HOH A O   1 
HETATM 1810 O O   . HOH C 3 .   ? 12.970  -9.072  15.011  1.00 44.12 ? 615 HOH A O   1 
HETATM 1811 O O   . HOH C 3 .   ? 5.117   15.605  -19.272 1.00 49.60 ? 616 HOH A O   1 
HETATM 1812 O O   . HOH C 3 .   ? -8.734  -6.835  13.903  1.00 46.93 ? 617 HOH A O   1 
HETATM 1813 O O   . HOH C 3 .   ? -11.321 -7.238  -13.413 1.00 32.43 ? 618 HOH A O   1 
HETATM 1814 O O   . HOH C 3 .   ? 3.265   11.211  16.230  1.00 36.12 ? 619 HOH A O   1 
# 
loop_
_pdbx_poly_seq_scheme.asym_id 
_pdbx_poly_seq_scheme.entity_id 
_pdbx_poly_seq_scheme.seq_id 
_pdbx_poly_seq_scheme.mon_id 
_pdbx_poly_seq_scheme.ndb_seq_num 
_pdbx_poly_seq_scheme.pdb_seq_num 
_pdbx_poly_seq_scheme.auth_seq_num 
_pdbx_poly_seq_scheme.pdb_mon_id 
_pdbx_poly_seq_scheme.auth_mon_id 
_pdbx_poly_seq_scheme.pdb_strand_id 
_pdbx_poly_seq_scheme.pdb_ins_code 
_pdbx_poly_seq_scheme.hetero 
A 1 1   MET 1   1   ?   ?   ?   A . n 
A 1 2   SER 2   2   2   SER SER A . n 
A 1 3   ASP 3   3   3   ASP ASP A . n 
A 1 4   SER 4   4   4   SER SER A . n 
A 1 5   LYS 5   5   5   LYS LYS A . n 
A 1 6   GLU 6   6   6   GLU GLU A . n 
A 1 7   VAL 7   7   7   VAL VAL A . n 
A 1 8   PRO 8   8   8   PRO PRO A . n 
A 1 9   SER 9   9   9   SER SER A . n 
A 1 10  LEU 10  10  10  LEU LEU A . n 
A 1 11  PRO 11  11  11  PRO PRO A . n 
A 1 12  PHE 12  12  12  PHE PHE A . n 
A 1 13  LEU 13  13  13  LEU LEU A . n 
A 1 14  ARG 14  14  14  ARG ARG A . n 
A 1 15  HIS 15  15  15  HIS HIS A . n 
A 1 16  LEU 16  16  16  LEU LEU A . n 
A 1 17  LEU 17  17  17  LEU LEU A . n 
A 1 18  GLU 18  18  18  GLU GLU A . n 
A 1 19  GLU 19  19  19  GLU GLU A . n 
A 1 20  LEU 20  20  20  LEU LEU A . n 
A 1 21  ASP 21  21  21  ASP ASP A . n 
A 1 22  SER 22  22  22  SER SER A . n 
A 1 23  HIS 23  23  23  HIS HIS A . n 
A 1 24  GLU 24  24  24  GLU GLU A . n 
A 1 25  ASP 25  25  25  ASP ASP A . n 
A 1 26  SER 26  26  26  SER SER A . n 
A 1 27  LEU 27  27  27  LEU LEU A . n 
A 1 28  LEU 28  28  28  LEU LEU A . n 
A 1 29  LEU 29  29  29  LEU LEU A . n 
A 1 30  PHE 30  30  30  PHE PHE A . n 
A 1 31  LEU 31  31  31  LEU LEU A . n 
A 1 32  CYS 32  32  32  CYS CYS A . n 
A 1 33  HIS 33  33  33  HIS HIS A . n 
A 1 34  ASP 34  34  34  ASP ASP A . n 
A 1 35  ALA 35  35  35  ALA ALA A . n 
A 1 36  ALA 36  36  36  ALA ALA A . n 
A 1 37  PRO 37  37  37  PRO PRO A . n 
A 1 38  GLY 38  38  38  GLY GLY A . n 
A 1 39  CYS 39  39  39  CYS CYS A . n 
A 1 40  THR 40  40  40  THR THR A . n 
A 1 41  THR 41  41  41  THR THR A . n 
A 1 42  VAL 42  42  42  VAL VAL A . n 
A 1 43  THR 43  43  43  THR THR A . n 
A 1 44  GLN 44  44  44  GLN GLN A . n 
A 1 45  ALA 45  45  45  ALA ALA A . n 
A 1 46  LEU 46  46  46  LEU LEU A . n 
A 1 47  CYS 47  47  47  CYS CYS A . n 
A 1 48  SER 48  48  48  SER SER A . n 
A 1 49  LEU 49  49  49  LEU LEU A . n 
A 1 50  SER 50  50  50  SER SER A . n 
A 1 51  GLN 51  51  51  GLN GLN A . n 
A 1 52  GLN 52  52  52  GLN GLN A . n 
A 1 53  ARG 53  53  53  ARG ARG A . n 
A 1 54  LYS 54  54  54  LYS LYS A . n 
A 1 55  LEU 55  55  55  LEU LEU A . n 
A 1 56  THR 56  56  56  THR THR A . n 
A 1 57  LEU 57  57  57  LEU LEU A . n 
A 1 58  ALA 58  58  58  ALA ALA A . n 
A 1 59  ALA 59  59  59  ALA ALA A . n 
A 1 60  LEU 60  60  60  LEU LEU A . n 
A 1 61  VAL 61  61  61  VAL VAL A . n 
A 1 62  GLU 62  62  62  GLU GLU A . n 
A 1 63  MET 63  63  63  MET MET A . n 
A 1 64  LEU 64  64  64  LEU LEU A . n 
A 1 65  TYR 65  65  65  TYR TYR A . n 
A 1 66  VAL 66  66  66  VAL VAL A . n 
A 1 67  LEU 67  67  67  LEU LEU A . n 
A 1 68  GLN 68  68  68  GLN GLN A . n 
A 1 69  ARG 69  69  69  ARG ARG A . n 
A 1 70  MET 70  70  70  MET MET A . n 
A 1 71  ASP 71  71  71  ASP ASP A . n 
A 1 72  LEU 72  72  72  LEU LEU A . n 
A 1 73  LEU 73  73  73  LEU LEU A . n 
A 1 74  LYS 74  74  74  LYS LYS A . n 
A 1 75  SER 75  75  75  SER SER A . n 
A 1 76  ARG 76  76  76  ARG ARG A . n 
A 1 77  PHE 77  77  77  PHE PHE A . n 
A 1 78  GLY 78  78  78  GLY GLY A . n 
A 1 79  LEU 79  79  79  LEU LEU A . n 
A 1 80  SER 80  80  80  SER SER A . n 
A 1 81  LYS 81  81  81  LYS LYS A . n 
A 1 82  GLU 82  82  82  GLU GLU A . n 
A 1 83  GLY 83  83  83  GLY GLY A . n 
A 1 84  ALA 84  84  84  ALA ALA A . n 
A 1 85  GLU 85  85  85  GLU GLU A . n 
A 1 86  GLN 86  86  86  GLN GLN A . n 
A 1 87  LEU 87  87  87  LEU LEU A . n 
A 1 88  LEU 88  88  88  LEU LEU A . n 
A 1 89  GLY 89  89  89  GLY GLY A . n 
A 1 90  THR 90  90  90  THR THR A . n 
A 1 91  SER 91  91  91  SER SER A . n 
A 1 92  PHE 92  92  92  PHE PHE A . n 
A 1 93  LEU 93  93  93  LEU LEU A . n 
A 1 94  THR 94  94  94  THR THR A . n 
A 1 95  ARG 95  95  95  ARG ARG A . n 
A 1 96  TYR 96  96  96  TYR TYR A . n 
A 1 97  ARG 97  97  97  ARG ARG A . n 
A 1 98  LYS 98  98  98  LYS LYS A . n 
A 1 99  LEU 99  99  99  LEU LEU A . n 
A 1 100 MET 100 100 100 MET MET A . n 
A 1 101 VAL 101 101 101 VAL VAL A . n 
A 1 102 CYS 102 102 102 CYS CYS A . n 
A 1 103 VAL 103 103 103 VAL VAL A . n 
A 1 104 GLY 104 104 104 GLY GLY A . n 
A 1 105 GLU 105 105 105 GLU GLU A . n 
A 1 106 GLU 106 106 106 GLU GLU A . n 
A 1 107 LEU 107 107 107 LEU LEU A . n 
A 1 108 ASP 108 108 108 ASP ASP A . n 
A 1 109 SER 109 109 109 SER SER A . n 
A 1 110 SER 110 110 110 SER SER A . n 
A 1 111 GLU 111 111 111 GLU GLU A . n 
A 1 112 LEU 112 112 112 LEU LEU A . n 
A 1 113 ARG 113 113 113 ARG ARG A . n 
A 1 114 ALA 114 114 114 ALA ALA A . n 
A 1 115 LEU 115 115 115 LEU LEU A . n 
A 1 116 ARG 116 116 116 ARG ARG A . n 
A 1 117 LEU 117 117 117 LEU LEU A . n 
A 1 118 PHE 118 118 118 PHE PHE A . n 
A 1 119 ALA 119 119 119 ALA ALA A . n 
A 1 120 CYS 120 120 120 CYS CYS A . n 
A 1 121 ASN 121 121 121 ASN ASN A . n 
A 1 122 LEU 122 122 122 LEU LEU A . n 
A 1 123 ASN 123 123 123 ASN ASN A . n 
A 1 124 PRO 124 124 124 PRO PRO A . n 
A 1 125 SER 125 125 125 SER SER A . n 
A 1 126 LEU 126 126 126 LEU LEU A . n 
A 1 127 SER 127 127 127 SER SER A . n 
A 1 128 THR 128 128 128 THR THR A . n 
A 1 129 ALA 129 129 129 ALA ALA A . n 
A 1 130 LEU 130 130 130 LEU LEU A . n 
A 1 131 SER 131 131 131 SER SER A . n 
A 1 132 GLU 132 132 132 GLU GLU A . n 
A 1 133 SER 133 133 133 SER SER A . n 
A 1 134 SER 134 134 134 SER SER A . n 
A 1 135 ARG 135 135 135 ARG ARG A . n 
A 1 136 PHE 136 136 136 PHE PHE A . n 
A 1 137 VAL 137 137 137 VAL VAL A . n 
A 1 138 GLU 138 138 138 GLU GLU A . n 
A 1 139 LEU 139 139 139 LEU LEU A . n 
A 1 140 VAL 140 140 140 VAL VAL A . n 
A 1 141 LEU 141 141 141 LEU LEU A . n 
A 1 142 ALA 142 142 142 ALA ALA A . n 
A 1 143 LEU 143 143 143 LEU LEU A . n 
A 1 144 GLU 144 144 144 GLU GLU A . n 
A 1 145 ASN 145 145 145 ASN ASN A . n 
A 1 146 VAL 146 146 146 VAL VAL A . n 
A 1 147 GLY 147 147 147 GLY GLY A . n 
A 1 148 LEU 148 148 148 LEU LEU A . n 
A 1 149 VAL 149 149 149 VAL VAL A . n 
A 1 150 SER 150 150 150 SER SER A . n 
A 1 151 PRO 151 151 151 PRO PRO A . n 
A 1 152 SER 152 152 152 SER SER A . n 
A 1 153 SER 153 153 153 SER SER A . n 
A 1 154 VAL 154 154 154 VAL VAL A . n 
A 1 155 SER 155 155 155 SER SER A . n 
A 1 156 VAL 156 156 156 VAL VAL A . n 
A 1 157 LEU 157 157 157 LEU LEU A . n 
A 1 158 ALA 158 158 158 ALA ALA A . n 
A 1 159 ASP 159 159 159 ASP ASP A . n 
A 1 160 MET 160 160 160 MET MET A . n 
A 1 161 LEU 161 161 161 LEU LEU A . n 
A 1 162 ARG 162 162 162 ARG ARG A . n 
A 1 163 THR 163 163 163 THR THR A . n 
A 1 164 LEU 164 164 164 LEU LEU A . n 
A 1 165 ARG 165 165 165 ARG ARG A . n 
A 1 166 ARG 166 166 166 ARG ARG A . n 
A 1 167 LEU 167 167 167 LEU LEU A . n 
A 1 168 ASP 168 168 168 ASP ASP A . n 
A 1 169 LEU 169 169 169 LEU LEU A . n 
A 1 170 CYS 170 170 170 CYS CYS A . n 
A 1 171 GLN 171 171 171 GLN GLN A . n 
A 1 172 GLN 172 172 172 GLN GLN A . n 
A 1 173 LEU 173 173 173 LEU LEU A . n 
A 1 174 VAL 174 174 174 VAL VAL A . n 
A 1 175 GLU 175 175 175 GLU GLU A . n 
A 1 176 TYR 176 176 176 TYR TYR A . n 
A 1 177 GLU 177 177 177 GLU GLU A . n 
A 1 178 GLN 178 178 178 GLN GLN A . n 
A 1 179 GLN 179 179 179 GLN GLN A . n 
A 1 180 GLU 180 180 180 GLU GLU A . n 
A 1 181 GLN 181 181 181 GLN GLN A . n 
A 1 182 ALA 182 182 182 ALA ALA A . n 
A 1 183 ARG 183 183 183 ARG ARG A . n 
A 1 184 TYR 184 184 184 TYR TYR A . n 
A 1 185 ARG 185 185 185 ARG ARG A . n 
A 1 186 TYR 186 186 186 TYR TYR A . n 
A 1 187 CYS 187 187 187 CYS CYS A . n 
A 1 188 LEU 188 188 188 LEU LEU A . n 
A 1 189 GLU 189 189 ?   ?   ?   A . n 
A 1 190 HIS 190 190 ?   ?   ?   A . n 
A 1 191 HIS 191 191 ?   ?   ?   A . n 
A 1 192 HIS 192 192 ?   ?   ?   A . n 
A 1 193 HIS 193 193 ?   ?   ?   A . n 
A 1 194 HIS 194 194 194 HIS HIS A . n 
A 1 195 HIS 195 195 195 HIS HIS A . n 
# 
loop_
_pdbx_nonpoly_scheme.asym_id 
_pdbx_nonpoly_scheme.entity_id 
_pdbx_nonpoly_scheme.mon_id 
_pdbx_nonpoly_scheme.ndb_seq_num 
_pdbx_nonpoly_scheme.pdb_seq_num 
_pdbx_nonpoly_scheme.auth_seq_num 
_pdbx_nonpoly_scheme.pdb_mon_id 
_pdbx_nonpoly_scheme.auth_mon_id 
_pdbx_nonpoly_scheme.pdb_strand_id 
_pdbx_nonpoly_scheme.pdb_ins_code 
B 2 AZI 1   201 201 AZI AZI A . 
C 3 HOH 1   301 301 HOH WAT A . 
C 3 HOH 2   302 302 HOH WAT A . 
C 3 HOH 3   303 303 HOH WAT A . 
C 3 HOH 4   304 304 HOH WAT A . 
C 3 HOH 5   305 305 HOH WAT A . 
C 3 HOH 6   306 306 HOH WAT A . 
C 3 HOH 7   307 307 HOH WAT A . 
C 3 HOH 8   308 308 HOH WAT A . 
C 3 HOH 9   309 309 HOH WAT A . 
C 3 HOH 10  310 310 HOH WAT A . 
C 3 HOH 11  311 311 HOH WAT A . 
C 3 HOH 12  312 312 HOH WAT A . 
C 3 HOH 13  313 313 HOH WAT A . 
C 3 HOH 14  314 314 HOH WAT A . 
C 3 HOH 15  315 315 HOH WAT A . 
C 3 HOH 16  316 316 HOH WAT A . 
C 3 HOH 17  317 317 HOH WAT A . 
C 3 HOH 18  318 318 HOH WAT A . 
C 3 HOH 19  319 319 HOH WAT A . 
C 3 HOH 20  320 320 HOH WAT A . 
C 3 HOH 21  321 321 HOH WAT A . 
C 3 HOH 22  322 322 HOH WAT A . 
C 3 HOH 23  323 323 HOH WAT A . 
C 3 HOH 24  324 324 HOH WAT A . 
C 3 HOH 25  325 325 HOH WAT A . 
C 3 HOH 26  326 326 HOH WAT A . 
C 3 HOH 27  327 327 HOH WAT A . 
C 3 HOH 28  328 328 HOH WAT A . 
C 3 HOH 29  329 329 HOH WAT A . 
C 3 HOH 30  330 330 HOH WAT A . 
C 3 HOH 31  331 331 HOH WAT A . 
C 3 HOH 32  332 332 HOH WAT A . 
C 3 HOH 33  333 333 HOH WAT A . 
C 3 HOH 34  334 334 HOH WAT A . 
C 3 HOH 35  335 335 HOH WAT A . 
C 3 HOH 36  336 336 HOH WAT A . 
C 3 HOH 37  337 337 HOH WAT A . 
C 3 HOH 38  338 338 HOH WAT A . 
C 3 HOH 39  339 339 HOH WAT A . 
C 3 HOH 40  340 340 HOH WAT A . 
C 3 HOH 41  341 341 HOH WAT A . 
C 3 HOH 42  342 342 HOH WAT A . 
C 3 HOH 43  343 343 HOH WAT A . 
C 3 HOH 44  344 344 HOH WAT A . 
C 3 HOH 45  345 345 HOH WAT A . 
C 3 HOH 46  346 346 HOH WAT A . 
C 3 HOH 47  347 347 HOH WAT A . 
C 3 HOH 48  348 348 HOH WAT A . 
C 3 HOH 49  349 349 HOH WAT A . 
C 3 HOH 50  350 350 HOH WAT A . 
C 3 HOH 51  351 351 HOH WAT A . 
C 3 HOH 52  352 352 HOH WAT A . 
C 3 HOH 53  353 353 HOH WAT A . 
C 3 HOH 54  354 354 HOH WAT A . 
C 3 HOH 55  355 355 HOH WAT A . 
C 3 HOH 56  356 356 HOH WAT A . 
C 3 HOH 57  357 357 HOH WAT A . 
C 3 HOH 58  358 358 HOH WAT A . 
C 3 HOH 59  359 359 HOH WAT A . 
C 3 HOH 60  360 360 HOH WAT A . 
C 3 HOH 61  361 361 HOH WAT A . 
C 3 HOH 62  362 362 HOH WAT A . 
C 3 HOH 63  363 363 HOH WAT A . 
C 3 HOH 64  364 364 HOH WAT A . 
C 3 HOH 65  365 365 HOH WAT A . 
C 3 HOH 66  366 366 HOH WAT A . 
C 3 HOH 67  367 367 HOH WAT A . 
C 3 HOH 68  368 368 HOH WAT A . 
C 3 HOH 69  369 369 HOH WAT A . 
C 3 HOH 70  370 370 HOH WAT A . 
C 3 HOH 71  371 371 HOH WAT A . 
C 3 HOH 72  372 372 HOH WAT A . 
C 3 HOH 73  373 373 HOH WAT A . 
C 3 HOH 74  374 374 HOH WAT A . 
C 3 HOH 75  375 375 HOH WAT A . 
C 3 HOH 76  376 376 HOH WAT A . 
C 3 HOH 77  377 377 HOH WAT A . 
C 3 HOH 78  378 378 HOH WAT A . 
C 3 HOH 79  379 379 HOH WAT A . 
C 3 HOH 80  380 380 HOH WAT A . 
C 3 HOH 81  381 381 HOH WAT A . 
C 3 HOH 82  382 382 HOH WAT A . 
C 3 HOH 83  383 383 HOH WAT A . 
C 3 HOH 84  384 384 HOH WAT A . 
C 3 HOH 85  385 385 HOH WAT A . 
C 3 HOH 86  386 386 HOH WAT A . 
C 3 HOH 87  387 387 HOH WAT A . 
C 3 HOH 88  388 388 HOH WAT A . 
C 3 HOH 89  389 389 HOH WAT A . 
C 3 HOH 90  390 390 HOH WAT A . 
C 3 HOH 91  391 391 HOH WAT A . 
C 3 HOH 92  392 392 HOH WAT A . 
C 3 HOH 93  393 393 HOH WAT A . 
C 3 HOH 94  394 394 HOH WAT A . 
C 3 HOH 95  395 395 HOH WAT A . 
C 3 HOH 96  396 396 HOH WAT A . 
C 3 HOH 97  397 397 HOH WAT A . 
C 3 HOH 98  398 398 HOH WAT A . 
C 3 HOH 99  399 399 HOH WAT A . 
C 3 HOH 100 400 400 HOH WAT A . 
C 3 HOH 101 401 401 HOH WAT A . 
C 3 HOH 102 402 402 HOH WAT A . 
C 3 HOH 103 403 403 HOH WAT A . 
C 3 HOH 104 404 404 HOH WAT A . 
C 3 HOH 105 405 405 HOH WAT A . 
C 3 HOH 106 406 406 HOH WAT A . 
C 3 HOH 107 407 407 HOH WAT A . 
C 3 HOH 108 408 408 HOH WAT A . 
C 3 HOH 109 409 409 HOH WAT A . 
C 3 HOH 110 410 410 HOH WAT A . 
C 3 HOH 111 411 411 HOH WAT A . 
C 3 HOH 112 412 412 HOH WAT A . 
C 3 HOH 113 413 413 HOH WAT A . 
C 3 HOH 114 414 414 HOH WAT A . 
C 3 HOH 115 415 415 HOH WAT A . 
C 3 HOH 116 416 416 HOH WAT A . 
C 3 HOH 117 417 417 HOH WAT A . 
C 3 HOH 118 418 418 HOH WAT A . 
C 3 HOH 119 419 419 HOH WAT A . 
C 3 HOH 120 420 420 HOH WAT A . 
C 3 HOH 121 421 421 HOH WAT A . 
C 3 HOH 122 422 422 HOH WAT A . 
C 3 HOH 123 423 423 HOH WAT A . 
C 3 HOH 124 424 424 HOH WAT A . 
C 3 HOH 125 425 425 HOH WAT A . 
C 3 HOH 126 426 426 HOH WAT A . 
C 3 HOH 127 427 427 HOH WAT A . 
C 3 HOH 128 428 428 HOH WAT A . 
C 3 HOH 129 429 429 HOH WAT A . 
C 3 HOH 130 430 430 HOH WAT A . 
C 3 HOH 131 431 431 HOH WAT A . 
C 3 HOH 132 432 432 HOH WAT A . 
C 3 HOH 133 433 433 HOH WAT A . 
C 3 HOH 134 434 434 HOH WAT A . 
C 3 HOH 135 435 435 HOH WAT A . 
C 3 HOH 136 436 436 HOH WAT A . 
C 3 HOH 137 437 437 HOH WAT A . 
C 3 HOH 138 438 438 HOH WAT A . 
C 3 HOH 139 439 439 HOH WAT A . 
C 3 HOH 140 440 440 HOH WAT A . 
C 3 HOH 141 441 441 HOH WAT A . 
C 3 HOH 142 442 442 HOH WAT A . 
C 3 HOH 143 443 443 HOH WAT A . 
C 3 HOH 144 444 444 HOH WAT A . 
C 3 HOH 145 445 445 HOH WAT A . 
C 3 HOH 146 446 446 HOH WAT A . 
C 3 HOH 147 447 447 HOH WAT A . 
C 3 HOH 148 448 448 HOH WAT A . 
C 3 HOH 149 449 449 HOH WAT A . 
C 3 HOH 150 450 450 HOH WAT A . 
C 3 HOH 151 451 451 HOH WAT A . 
C 3 HOH 152 452 452 HOH WAT A . 
C 3 HOH 153 453 453 HOH WAT A . 
C 3 HOH 154 454 454 HOH WAT A . 
C 3 HOH 155 455 455 HOH WAT A . 
C 3 HOH 156 456 456 HOH WAT A . 
C 3 HOH 157 457 457 HOH WAT A . 
C 3 HOH 158 458 458 HOH WAT A . 
C 3 HOH 159 459 459 HOH WAT A . 
C 3 HOH 160 460 460 HOH WAT A . 
C 3 HOH 161 461 461 HOH WAT A . 
C 3 HOH 162 462 462 HOH WAT A . 
C 3 HOH 163 463 463 HOH WAT A . 
C 3 HOH 164 464 464 HOH WAT A . 
C 3 HOH 165 465 465 HOH WAT A . 
C 3 HOH 166 466 466 HOH WAT A . 
C 3 HOH 167 467 467 HOH WAT A . 
C 3 HOH 168 468 468 HOH WAT A . 
C 3 HOH 169 469 469 HOH WAT A . 
C 3 HOH 170 470 470 HOH WAT A . 
C 3 HOH 171 471 471 HOH WAT A . 
C 3 HOH 172 472 472 HOH WAT A . 
C 3 HOH 173 473 473 HOH WAT A . 
C 3 HOH 174 474 474 HOH WAT A . 
C 3 HOH 175 475 475 HOH WAT A . 
C 3 HOH 176 476 476 HOH WAT A . 
C 3 HOH 177 477 477 HOH WAT A . 
C 3 HOH 178 478 478 HOH WAT A . 
C 3 HOH 179 479 479 HOH WAT A . 
C 3 HOH 180 480 480 HOH WAT A . 
C 3 HOH 181 481 481 HOH WAT A . 
C 3 HOH 182 482 482 HOH WAT A . 
C 3 HOH 183 483 483 HOH WAT A . 
C 3 HOH 184 484 484 HOH WAT A . 
C 3 HOH 185 485 485 HOH WAT A . 
C 3 HOH 186 486 486 HOH WAT A . 
C 3 HOH 187 487 487 HOH WAT A . 
C 3 HOH 188 488 488 HOH WAT A . 
C 3 HOH 189 489 489 HOH WAT A . 
C 3 HOH 190 490 490 HOH WAT A . 
C 3 HOH 191 491 491 HOH WAT A . 
C 3 HOH 192 492 492 HOH WAT A . 
C 3 HOH 193 493 493 HOH WAT A . 
C 3 HOH 194 494 494 HOH WAT A . 
C 3 HOH 195 495 495 HOH WAT A . 
C 3 HOH 196 496 496 HOH WAT A . 
C 3 HOH 197 497 497 HOH WAT A . 
C 3 HOH 198 498 498 HOH WAT A . 
C 3 HOH 199 499 499 HOH WAT A . 
C 3 HOH 200 500 500 HOH WAT A . 
C 3 HOH 201 501 501 HOH WAT A . 
C 3 HOH 202 502 502 HOH WAT A . 
C 3 HOH 203 503 503 HOH WAT A . 
C 3 HOH 204 504 504 HOH WAT A . 
C 3 HOH 205 505 505 HOH WAT A . 
C 3 HOH 206 506 506 HOH WAT A . 
C 3 HOH 207 507 507 HOH WAT A . 
C 3 HOH 208 508 508 HOH WAT A . 
C 3 HOH 209 509 509 HOH WAT A . 
C 3 HOH 210 510 510 HOH WAT A . 
C 3 HOH 211 511 511 HOH WAT A . 
C 3 HOH 212 512 512 HOH WAT A . 
C 3 HOH 213 513 513 HOH WAT A . 
C 3 HOH 214 514 514 HOH WAT A . 
C 3 HOH 215 515 515 HOH WAT A . 
C 3 HOH 216 516 516 HOH WAT A . 
C 3 HOH 217 517 517 HOH WAT A . 
C 3 HOH 218 518 518 HOH WAT A . 
C 3 HOH 219 519 519 HOH WAT A . 
C 3 HOH 220 520 520 HOH WAT A . 
C 3 HOH 221 521 521 HOH WAT A . 
C 3 HOH 222 522 522 HOH WAT A . 
C 3 HOH 223 523 523 HOH WAT A . 
C 3 HOH 224 524 524 HOH WAT A . 
C 3 HOH 225 525 525 HOH WAT A . 
C 3 HOH 226 526 526 HOH WAT A . 
C 3 HOH 227 527 527 HOH WAT A . 
C 3 HOH 228 528 528 HOH WAT A . 
C 3 HOH 229 529 529 HOH WAT A . 
C 3 HOH 230 530 530 HOH WAT A . 
C 3 HOH 231 531 531 HOH WAT A . 
C 3 HOH 232 532 532 HOH WAT A . 
C 3 HOH 233 533 533 HOH WAT A . 
C 3 HOH 234 534 534 HOH WAT A . 
C 3 HOH 235 535 535 HOH WAT A . 
C 3 HOH 236 536 536 HOH WAT A . 
C 3 HOH 237 537 537 HOH WAT A . 
C 3 HOH 238 538 538 HOH WAT A . 
C 3 HOH 239 539 539 HOH WAT A . 
C 3 HOH 240 540 540 HOH WAT A . 
C 3 HOH 241 541 541 HOH WAT A . 
C 3 HOH 242 542 542 HOH WAT A . 
C 3 HOH 243 543 543 HOH WAT A . 
C 3 HOH 244 544 544 HOH WAT A . 
C 3 HOH 245 545 545 HOH WAT A . 
C 3 HOH 246 546 546 HOH WAT A . 
C 3 HOH 247 547 547 HOH WAT A . 
C 3 HOH 248 548 548 HOH WAT A . 
C 3 HOH 249 549 549 HOH WAT A . 
C 3 HOH 250 550 550 HOH WAT A . 
C 3 HOH 251 551 551 HOH WAT A . 
C 3 HOH 252 552 552 HOH WAT A . 
C 3 HOH 253 553 553 HOH WAT A . 
C 3 HOH 254 554 554 HOH WAT A . 
C 3 HOH 255 555 555 HOH WAT A . 
C 3 HOH 256 556 556 HOH WAT A . 
C 3 HOH 257 557 557 HOH WAT A . 
C 3 HOH 258 558 558 HOH WAT A . 
C 3 HOH 259 559 559 HOH WAT A . 
C 3 HOH 260 560 560 HOH WAT A . 
C 3 HOH 261 561 561 HOH WAT A . 
C 3 HOH 262 562 562 HOH WAT A . 
C 3 HOH 263 563 563 HOH WAT A . 
C 3 HOH 264 564 564 HOH WAT A . 
C 3 HOH 265 565 565 HOH WAT A . 
C 3 HOH 266 566 566 HOH WAT A . 
C 3 HOH 267 567 567 HOH WAT A . 
C 3 HOH 268 568 568 HOH WAT A . 
C 3 HOH 269 569 569 HOH WAT A . 
C 3 HOH 270 570 570 HOH WAT A . 
C 3 HOH 271 571 571 HOH WAT A . 
C 3 HOH 272 572 572 HOH WAT A . 
C 3 HOH 273 573 573 HOH WAT A . 
C 3 HOH 274 574 574 HOH WAT A . 
C 3 HOH 275 575 575 HOH WAT A . 
C 3 HOH 276 576 576 HOH WAT A . 
C 3 HOH 277 577 577 HOH WAT A . 
C 3 HOH 278 578 578 HOH WAT A . 
C 3 HOH 279 579 579 HOH WAT A . 
C 3 HOH 280 580 580 HOH WAT A . 
C 3 HOH 281 581 581 HOH WAT A . 
C 3 HOH 282 582 582 HOH WAT A . 
C 3 HOH 283 583 583 HOH WAT A . 
C 3 HOH 284 584 584 HOH WAT A . 
C 3 HOH 285 585 585 HOH WAT A . 
C 3 HOH 286 586 586 HOH WAT A . 
C 3 HOH 287 587 587 HOH WAT A . 
C 3 HOH 288 588 588 HOH WAT A . 
C 3 HOH 289 589 589 HOH WAT A . 
C 3 HOH 290 590 590 HOH WAT A . 
C 3 HOH 291 591 591 HOH WAT A . 
C 3 HOH 292 592 592 HOH WAT A . 
C 3 HOH 293 593 593 HOH WAT A . 
C 3 HOH 294 594 594 HOH WAT A . 
C 3 HOH 295 595 595 HOH WAT A . 
C 3 HOH 296 596 596 HOH WAT A . 
C 3 HOH 297 597 597 HOH WAT A . 
C 3 HOH 298 598 598 HOH WAT A . 
C 3 HOH 299 599 599 HOH WAT A . 
C 3 HOH 300 600 600 HOH WAT A . 
C 3 HOH 301 601 601 HOH WAT A . 
C 3 HOH 302 602 602 HOH WAT A . 
C 3 HOH 303 603 603 HOH WAT A . 
C 3 HOH 304 604 604 HOH WAT A . 
C 3 HOH 305 605 605 HOH WAT A . 
C 3 HOH 306 606 606 HOH WAT A . 
C 3 HOH 307 607 607 HOH WAT A . 
C 3 HOH 308 608 608 HOH WAT A . 
C 3 HOH 309 609 609 HOH WAT A . 
C 3 HOH 310 610 610 HOH WAT A . 
C 3 HOH 311 611 611 HOH WAT A . 
C 3 HOH 312 612 612 HOH WAT A . 
C 3 HOH 313 613 613 HOH WAT A . 
C 3 HOH 314 614 614 HOH WAT A . 
C 3 HOH 315 615 615 HOH WAT A . 
C 3 HOH 316 616 616 HOH WAT A . 
C 3 HOH 317 617 617 HOH WAT A . 
C 3 HOH 318 618 618 HOH WAT A . 
C 3 HOH 319 619 619 HOH WAT A . 
# 
_pdbx_struct_assembly.id                   1 
_pdbx_struct_assembly.details              author_defined_assembly 
_pdbx_struct_assembly.method_details       ? 
_pdbx_struct_assembly.oligomeric_details   monomeric 
_pdbx_struct_assembly.oligomeric_count     1 
# 
_pdbx_struct_assembly_gen.assembly_id       1 
_pdbx_struct_assembly_gen.oper_expression   1 
_pdbx_struct_assembly_gen.asym_id_list      A,B,C 
# 
_pdbx_struct_oper_list.id                   1 
_pdbx_struct_oper_list.type                 'identity operation' 
_pdbx_struct_oper_list.name                 1_555 
_pdbx_struct_oper_list.symmetry_operation   x,y,z 
_pdbx_struct_oper_list.matrix[1][1]         1.0000000000 
_pdbx_struct_oper_list.matrix[1][2]         0.0000000000 
_pdbx_struct_oper_list.matrix[1][3]         0.0000000000 
_pdbx_struct_oper_list.vector[1]            0.0000000000 
_pdbx_struct_oper_list.matrix[2][1]         0.0000000000 
_pdbx_struct_oper_list.matrix[2][2]         1.0000000000 
_pdbx_struct_oper_list.matrix[2][3]         0.0000000000 
_pdbx_struct_oper_list.vector[2]            0.0000000000 
_pdbx_struct_oper_list.matrix[3][1]         0.0000000000 
_pdbx_struct_oper_list.matrix[3][2]         0.0000000000 
_pdbx_struct_oper_list.matrix[3][3]         1.0000000000 
_pdbx_struct_oper_list.vector[3]            0.0000000000 
# 
loop_
_pdbx_audit_revision_history.ordinal 
_pdbx_audit_revision_history.data_content_type 
_pdbx_audit_revision_history.major_revision 
_pdbx_audit_revision_history.minor_revision 
_pdbx_audit_revision_history.revision_date 
1 'Structure model' 1 0 2006-02-14 
2 'Structure model' 1 1 2008-05-01 
3 'Structure model' 1 2 2011-07-13 
4 'Structure model' 1 3 2023-08-23 
# 
_pdbx_audit_revision_details.ordinal             1 
_pdbx_audit_revision_details.revision_ordinal    1 
_pdbx_audit_revision_details.data_content_type   'Structure model' 
_pdbx_audit_revision_details.provider            repository 
_pdbx_audit_revision_details.type                'Initial release' 
_pdbx_audit_revision_details.description         ? 
_pdbx_audit_revision_details.details             ? 
# 
loop_
_pdbx_audit_revision_group.ordinal 
_pdbx_audit_revision_group.revision_ordinal 
_pdbx_audit_revision_group.data_content_type 
_pdbx_audit_revision_group.group 
1 2 'Structure model' 'Version format compliance' 
2 3 'Structure model' 'Version format compliance' 
3 4 'Structure model' 'Data collection'           
4 4 'Structure model' 'Database references'       
5 4 'Structure model' 'Derived calculations'      
6 4 'Structure model' 'Refinement description'    
# 
loop_
_pdbx_audit_revision_category.ordinal 
_pdbx_audit_revision_category.revision_ordinal 
_pdbx_audit_revision_category.data_content_type 
_pdbx_audit_revision_category.category 
1 4 'Structure model' chem_comp_atom                
2 4 'Structure model' chem_comp_bond                
3 4 'Structure model' database_2                    
4 4 'Structure model' pdbx_initial_refinement_model 
5 4 'Structure model' struct_ref_seq_dif            
6 4 'Structure model' struct_site                   
# 
loop_
_pdbx_audit_revision_item.ordinal 
_pdbx_audit_revision_item.revision_ordinal 
_pdbx_audit_revision_item.data_content_type 
_pdbx_audit_revision_item.item 
1 4 'Structure model' '_database_2.pdbx_DOI'                
2 4 'Structure model' '_database_2.pdbx_database_accession' 
3 4 'Structure model' '_struct_ref_seq_dif.details'         
4 4 'Structure model' '_struct_site.pdbx_auth_asym_id'      
5 4 'Structure model' '_struct_site.pdbx_auth_comp_id'      
6 4 'Structure model' '_struct_site.pdbx_auth_seq_id'       
# 
loop_
_software.name 
_software.classification 
_software.version 
_software.citation_id 
_software.pdbx_ordinal 
DENZO     'data reduction' .   ? 1 
SCALEPACK 'data scaling'   .   ? 2 
AMoRE     phasing          .   ? 3 
CNS       refinement       1.1 ? 4 
# 
_pdbx_validate_torsion.id              1 
_pdbx_validate_torsion.PDB_model_num   1 
_pdbx_validate_torsion.auth_comp_id    ALA 
_pdbx_validate_torsion.auth_asym_id    A 
_pdbx_validate_torsion.auth_seq_id     36 
_pdbx_validate_torsion.PDB_ins_code    ? 
_pdbx_validate_torsion.label_alt_id    ? 
_pdbx_validate_torsion.phi             -116.23 
_pdbx_validate_torsion.psi             75.93 
# 
loop_
_pdbx_unobs_or_zero_occ_residues.id 
_pdbx_unobs_or_zero_occ_residues.PDB_model_num 
_pdbx_unobs_or_zero_occ_residues.polymer_flag 
_pdbx_unobs_or_zero_occ_residues.occupancy_flag 
_pdbx_unobs_or_zero_occ_residues.auth_asym_id 
_pdbx_unobs_or_zero_occ_residues.auth_comp_id 
_pdbx_unobs_or_zero_occ_residues.auth_seq_id 
_pdbx_unobs_or_zero_occ_residues.PDB_ins_code 
_pdbx_unobs_or_zero_occ_residues.label_asym_id 
_pdbx_unobs_or_zero_occ_residues.label_comp_id 
_pdbx_unobs_or_zero_occ_residues.label_seq_id 
1 1 Y 1 A MET 1   ? A MET 1   
2 1 Y 1 A GLU 189 ? A GLU 189 
3 1 Y 1 A HIS 190 ? A HIS 190 
4 1 Y 1 A HIS 191 ? A HIS 191 
5 1 Y 1 A HIS 192 ? A HIS 192 
6 1 Y 1 A HIS 193 ? A HIS 193 
# 
loop_
_chem_comp_atom.comp_id 
_chem_comp_atom.atom_id 
_chem_comp_atom.type_symbol 
_chem_comp_atom.pdbx_aromatic_flag 
_chem_comp_atom.pdbx_stereo_config 
_chem_comp_atom.pdbx_ordinal 
ALA N    N N N 1   
ALA CA   C N S 2   
ALA C    C N N 3   
ALA O    O N N 4   
ALA CB   C N N 5   
ALA OXT  O N N 6   
ALA H    H N N 7   
ALA H2   H N N 8   
ALA HA   H N N 9   
ALA HB1  H N N 10  
ALA HB2  H N N 11  
ALA HB3  H N N 12  
ALA HXT  H N N 13  
ARG N    N N N 14  
ARG CA   C N S 15  
ARG C    C N N 16  
ARG O    O N N 17  
ARG CB   C N N 18  
ARG CG   C N N 19  
ARG CD   C N N 20  
ARG NE   N N N 21  
ARG CZ   C N N 22  
ARG NH1  N N N 23  
ARG NH2  N N N 24  
ARG OXT  O N N 25  
ARG H    H N N 26  
ARG H2   H N N 27  
ARG HA   H N N 28  
ARG HB2  H N N 29  
ARG HB3  H N N 30  
ARG HG2  H N N 31  
ARG HG3  H N N 32  
ARG HD2  H N N 33  
ARG HD3  H N N 34  
ARG HE   H N N 35  
ARG HH11 H N N 36  
ARG HH12 H N N 37  
ARG HH21 H N N 38  
ARG HH22 H N N 39  
ARG HXT  H N N 40  
ASN N    N N N 41  
ASN CA   C N S 42  
ASN C    C N N 43  
ASN O    O N N 44  
ASN CB   C N N 45  
ASN CG   C N N 46  
ASN OD1  O N N 47  
ASN ND2  N N N 48  
ASN OXT  O N N 49  
ASN H    H N N 50  
ASN H2   H N N 51  
ASN HA   H N N 52  
ASN HB2  H N N 53  
ASN HB3  H N N 54  
ASN HD21 H N N 55  
ASN HD22 H N N 56  
ASN HXT  H N N 57  
ASP N    N N N 58  
ASP CA   C N S 59  
ASP C    C N N 60  
ASP O    O N N 61  
ASP CB   C N N 62  
ASP CG   C N N 63  
ASP OD1  O N N 64  
ASP OD2  O N N 65  
ASP OXT  O N N 66  
ASP H    H N N 67  
ASP H2   H N N 68  
ASP HA   H N N 69  
ASP HB2  H N N 70  
ASP HB3  H N N 71  
ASP HD2  H N N 72  
ASP HXT  H N N 73  
AZI N1   N N N 74  
AZI N2   N N N 75  
AZI N3   N N N 76  
CYS N    N N N 77  
CYS CA   C N R 78  
CYS C    C N N 79  
CYS O    O N N 80  
CYS CB   C N N 81  
CYS SG   S N N 82  
CYS OXT  O N N 83  
CYS H    H N N 84  
CYS H2   H N N 85  
CYS HA   H N N 86  
CYS HB2  H N N 87  
CYS HB3  H N N 88  
CYS HG   H N N 89  
CYS HXT  H N N 90  
GLN N    N N N 91  
GLN CA   C N S 92  
GLN C    C N N 93  
GLN O    O N N 94  
GLN CB   C N N 95  
GLN CG   C N N 96  
GLN CD   C N N 97  
GLN OE1  O N N 98  
GLN NE2  N N N 99  
GLN OXT  O N N 100 
GLN H    H N N 101 
GLN H2   H N N 102 
GLN HA   H N N 103 
GLN HB2  H N N 104 
GLN HB3  H N N 105 
GLN HG2  H N N 106 
GLN HG3  H N N 107 
GLN HE21 H N N 108 
GLN HE22 H N N 109 
GLN HXT  H N N 110 
GLU N    N N N 111 
GLU CA   C N S 112 
GLU C    C N N 113 
GLU O    O N N 114 
GLU CB   C N N 115 
GLU CG   C N N 116 
GLU CD   C N N 117 
GLU OE1  O N N 118 
GLU OE2  O N N 119 
GLU OXT  O N N 120 
GLU H    H N N 121 
GLU H2   H N N 122 
GLU HA   H N N 123 
GLU HB2  H N N 124 
GLU HB3  H N N 125 
GLU HG2  H N N 126 
GLU HG3  H N N 127 
GLU HE2  H N N 128 
GLU HXT  H N N 129 
GLY N    N N N 130 
GLY CA   C N N 131 
GLY C    C N N 132 
GLY O    O N N 133 
GLY OXT  O N N 134 
GLY H    H N N 135 
GLY H2   H N N 136 
GLY HA2  H N N 137 
GLY HA3  H N N 138 
GLY HXT  H N N 139 
HIS N    N N N 140 
HIS CA   C N S 141 
HIS C    C N N 142 
HIS O    O N N 143 
HIS CB   C N N 144 
HIS CG   C Y N 145 
HIS ND1  N Y N 146 
HIS CD2  C Y N 147 
HIS CE1  C Y N 148 
HIS NE2  N Y N 149 
HIS OXT  O N N 150 
HIS H    H N N 151 
HIS H2   H N N 152 
HIS HA   H N N 153 
HIS HB2  H N N 154 
HIS HB3  H N N 155 
HIS HD1  H N N 156 
HIS HD2  H N N 157 
HIS HE1  H N N 158 
HIS HE2  H N N 159 
HIS HXT  H N N 160 
HOH O    O N N 161 
HOH H1   H N N 162 
HOH H2   H N N 163 
LEU N    N N N 164 
LEU CA   C N S 165 
LEU C    C N N 166 
LEU O    O N N 167 
LEU CB   C N N 168 
LEU CG   C N N 169 
LEU CD1  C N N 170 
LEU CD2  C N N 171 
LEU OXT  O N N 172 
LEU H    H N N 173 
LEU H2   H N N 174 
LEU HA   H N N 175 
LEU HB2  H N N 176 
LEU HB3  H N N 177 
LEU HG   H N N 178 
LEU HD11 H N N 179 
LEU HD12 H N N 180 
LEU HD13 H N N 181 
LEU HD21 H N N 182 
LEU HD22 H N N 183 
LEU HD23 H N N 184 
LEU HXT  H N N 185 
LYS N    N N N 186 
LYS CA   C N S 187 
LYS C    C N N 188 
LYS O    O N N 189 
LYS CB   C N N 190 
LYS CG   C N N 191 
LYS CD   C N N 192 
LYS CE   C N N 193 
LYS NZ   N N N 194 
LYS OXT  O N N 195 
LYS H    H N N 196 
LYS H2   H N N 197 
LYS HA   H N N 198 
LYS HB2  H N N 199 
LYS HB3  H N N 200 
LYS HG2  H N N 201 
LYS HG3  H N N 202 
LYS HD2  H N N 203 
LYS HD3  H N N 204 
LYS HE2  H N N 205 
LYS HE3  H N N 206 
LYS HZ1  H N N 207 
LYS HZ2  H N N 208 
LYS HZ3  H N N 209 
LYS HXT  H N N 210 
MET N    N N N 211 
MET CA   C N S 212 
MET C    C N N 213 
MET O    O N N 214 
MET CB   C N N 215 
MET CG   C N N 216 
MET SD   S N N 217 
MET CE   C N N 218 
MET OXT  O N N 219 
MET H    H N N 220 
MET H2   H N N 221 
MET HA   H N N 222 
MET HB2  H N N 223 
MET HB3  H N N 224 
MET HG2  H N N 225 
MET HG3  H N N 226 
MET HE1  H N N 227 
MET HE2  H N N 228 
MET HE3  H N N 229 
MET HXT  H N N 230 
PHE N    N N N 231 
PHE CA   C N S 232 
PHE C    C N N 233 
PHE O    O N N 234 
PHE CB   C N N 235 
PHE CG   C Y N 236 
PHE CD1  C Y N 237 
PHE CD2  C Y N 238 
PHE CE1  C Y N 239 
PHE CE2  C Y N 240 
PHE CZ   C Y N 241 
PHE OXT  O N N 242 
PHE H    H N N 243 
PHE H2   H N N 244 
PHE HA   H N N 245 
PHE HB2  H N N 246 
PHE HB3  H N N 247 
PHE HD1  H N N 248 
PHE HD2  H N N 249 
PHE HE1  H N N 250 
PHE HE2  H N N 251 
PHE HZ   H N N 252 
PHE HXT  H N N 253 
PRO N    N N N 254 
PRO CA   C N S 255 
PRO C    C N N 256 
PRO O    O N N 257 
PRO CB   C N N 258 
PRO CG   C N N 259 
PRO CD   C N N 260 
PRO OXT  O N N 261 
PRO H    H N N 262 
PRO HA   H N N 263 
PRO HB2  H N N 264 
PRO HB3  H N N 265 
PRO HG2  H N N 266 
PRO HG3  H N N 267 
PRO HD2  H N N 268 
PRO HD3  H N N 269 
PRO HXT  H N N 270 
SER N    N N N 271 
SER CA   C N S 272 
SER C    C N N 273 
SER O    O N N 274 
SER CB   C N N 275 
SER OG   O N N 276 
SER OXT  O N N 277 
SER H    H N N 278 
SER H2   H N N 279 
SER HA   H N N 280 
SER HB2  H N N 281 
SER HB3  H N N 282 
SER HG   H N N 283 
SER HXT  H N N 284 
THR N    N N N 285 
THR CA   C N S 286 
THR C    C N N 287 
THR O    O N N 288 
THR CB   C N R 289 
THR OG1  O N N 290 
THR CG2  C N N 291 
THR OXT  O N N 292 
THR H    H N N 293 
THR H2   H N N 294 
THR HA   H N N 295 
THR HB   H N N 296 
THR HG1  H N N 297 
THR HG21 H N N 298 
THR HG22 H N N 299 
THR HG23 H N N 300 
THR HXT  H N N 301 
TYR N    N N N 302 
TYR CA   C N S 303 
TYR C    C N N 304 
TYR O    O N N 305 
TYR CB   C N N 306 
TYR CG   C Y N 307 
TYR CD1  C Y N 308 
TYR CD2  C Y N 309 
TYR CE1  C Y N 310 
TYR CE2  C Y N 311 
TYR CZ   C Y N 312 
TYR OH   O N N 313 
TYR OXT  O N N 314 
TYR H    H N N 315 
TYR H2   H N N 316 
TYR HA   H N N 317 
TYR HB2  H N N 318 
TYR HB3  H N N 319 
TYR HD1  H N N 320 
TYR HD2  H N N 321 
TYR HE1  H N N 322 
TYR HE2  H N N 323 
TYR HH   H N N 324 
TYR HXT  H N N 325 
VAL N    N N N 326 
VAL CA   C N S 327 
VAL C    C N N 328 
VAL O    O N N 329 
VAL CB   C N N 330 
VAL CG1  C N N 331 
VAL CG2  C N N 332 
VAL OXT  O N N 333 
VAL H    H N N 334 
VAL H2   H N N 335 
VAL HA   H N N 336 
VAL HB   H N N 337 
VAL HG11 H N N 338 
VAL HG12 H N N 339 
VAL HG13 H N N 340 
VAL HG21 H N N 341 
VAL HG22 H N N 342 
VAL HG23 H N N 343 
VAL HXT  H N N 344 
# 
loop_
_chem_comp_bond.comp_id 
_chem_comp_bond.atom_id_1 
_chem_comp_bond.atom_id_2 
_chem_comp_bond.value_order 
_chem_comp_bond.pdbx_aromatic_flag 
_chem_comp_bond.pdbx_stereo_config 
_chem_comp_bond.pdbx_ordinal 
ALA N   CA   sing N N 1   
ALA N   H    sing N N 2   
ALA N   H2   sing N N 3   
ALA CA  C    sing N N 4   
ALA CA  CB   sing N N 5   
ALA CA  HA   sing N N 6   
ALA C   O    doub N N 7   
ALA C   OXT  sing N N 8   
ALA CB  HB1  sing N N 9   
ALA CB  HB2  sing N N 10  
ALA CB  HB3  sing N N 11  
ALA OXT HXT  sing N N 12  
ARG N   CA   sing N N 13  
ARG N   H    sing N N 14  
ARG N   H2   sing N N 15  
ARG CA  C    sing N N 16  
ARG CA  CB   sing N N 17  
ARG CA  HA   sing N N 18  
ARG C   O    doub N N 19  
ARG C   OXT  sing N N 20  
ARG CB  CG   sing N N 21  
ARG CB  HB2  sing N N 22  
ARG CB  HB3  sing N N 23  
ARG CG  CD   sing N N 24  
ARG CG  HG2  sing N N 25  
ARG CG  HG3  sing N N 26  
ARG CD  NE   sing N N 27  
ARG CD  HD2  sing N N 28  
ARG CD  HD3  sing N N 29  
ARG NE  CZ   sing N N 30  
ARG NE  HE   sing N N 31  
ARG CZ  NH1  sing N N 32  
ARG CZ  NH2  doub N N 33  
ARG NH1 HH11 sing N N 34  
ARG NH1 HH12 sing N N 35  
ARG NH2 HH21 sing N N 36  
ARG NH2 HH22 sing N N 37  
ARG OXT HXT  sing N N 38  
ASN N   CA   sing N N 39  
ASN N   H    sing N N 40  
ASN N   H2   sing N N 41  
ASN CA  C    sing N N 42  
ASN CA  CB   sing N N 43  
ASN CA  HA   sing N N 44  
ASN C   O    doub N N 45  
ASN C   OXT  sing N N 46  
ASN CB  CG   sing N N 47  
ASN CB  HB2  sing N N 48  
ASN CB  HB3  sing N N 49  
ASN CG  OD1  doub N N 50  
ASN CG  ND2  sing N N 51  
ASN ND2 HD21 sing N N 52  
ASN ND2 HD22 sing N N 53  
ASN OXT HXT  sing N N 54  
ASP N   CA   sing N N 55  
ASP N   H    sing N N 56  
ASP N   H2   sing N N 57  
ASP CA  C    sing N N 58  
ASP CA  CB   sing N N 59  
ASP CA  HA   sing N N 60  
ASP C   O    doub N N 61  
ASP C   OXT  sing N N 62  
ASP CB  CG   sing N N 63  
ASP CB  HB2  sing N N 64  
ASP CB  HB3  sing N N 65  
ASP CG  OD1  doub N N 66  
ASP CG  OD2  sing N N 67  
ASP OD2 HD2  sing N N 68  
ASP OXT HXT  sing N N 69  
AZI N1  N2   doub N N 70  
AZI N2  N3   doub N N 71  
CYS N   CA   sing N N 72  
CYS N   H    sing N N 73  
CYS N   H2   sing N N 74  
CYS CA  C    sing N N 75  
CYS CA  CB   sing N N 76  
CYS CA  HA   sing N N 77  
CYS C   O    doub N N 78  
CYS C   OXT  sing N N 79  
CYS CB  SG   sing N N 80  
CYS CB  HB2  sing N N 81  
CYS CB  HB3  sing N N 82  
CYS SG  HG   sing N N 83  
CYS OXT HXT  sing N N 84  
GLN N   CA   sing N N 85  
GLN N   H    sing N N 86  
GLN N   H2   sing N N 87  
GLN CA  C    sing N N 88  
GLN CA  CB   sing N N 89  
GLN CA  HA   sing N N 90  
GLN C   O    doub N N 91  
GLN C   OXT  sing N N 92  
GLN CB  CG   sing N N 93  
GLN CB  HB2  sing N N 94  
GLN CB  HB3  sing N N 95  
GLN CG  CD   sing N N 96  
GLN CG  HG2  sing N N 97  
GLN CG  HG3  sing N N 98  
GLN CD  OE1  doub N N 99  
GLN CD  NE2  sing N N 100 
GLN NE2 HE21 sing N N 101 
GLN NE2 HE22 sing N N 102 
GLN OXT HXT  sing N N 103 
GLU N   CA   sing N N 104 
GLU N   H    sing N N 105 
GLU N   H2   sing N N 106 
GLU CA  C    sing N N 107 
GLU CA  CB   sing N N 108 
GLU CA  HA   sing N N 109 
GLU C   O    doub N N 110 
GLU C   OXT  sing N N 111 
GLU CB  CG   sing N N 112 
GLU CB  HB2  sing N N 113 
GLU CB  HB3  sing N N 114 
GLU CG  CD   sing N N 115 
GLU CG  HG2  sing N N 116 
GLU CG  HG3  sing N N 117 
GLU CD  OE1  doub N N 118 
GLU CD  OE2  sing N N 119 
GLU OE2 HE2  sing N N 120 
GLU OXT HXT  sing N N 121 
GLY N   CA   sing N N 122 
GLY N   H    sing N N 123 
GLY N   H2   sing N N 124 
GLY CA  C    sing N N 125 
GLY CA  HA2  sing N N 126 
GLY CA  HA3  sing N N 127 
GLY C   O    doub N N 128 
GLY C   OXT  sing N N 129 
GLY OXT HXT  sing N N 130 
HIS N   CA   sing N N 131 
HIS N   H    sing N N 132 
HIS N   H2   sing N N 133 
HIS CA  C    sing N N 134 
HIS CA  CB   sing N N 135 
HIS CA  HA   sing N N 136 
HIS C   O    doub N N 137 
HIS C   OXT  sing N N 138 
HIS CB  CG   sing N N 139 
HIS CB  HB2  sing N N 140 
HIS CB  HB3  sing N N 141 
HIS CG  ND1  sing Y N 142 
HIS CG  CD2  doub Y N 143 
HIS ND1 CE1  doub Y N 144 
HIS ND1 HD1  sing N N 145 
HIS CD2 NE2  sing Y N 146 
HIS CD2 HD2  sing N N 147 
HIS CE1 NE2  sing Y N 148 
HIS CE1 HE1  sing N N 149 
HIS NE2 HE2  sing N N 150 
HIS OXT HXT  sing N N 151 
HOH O   H1   sing N N 152 
HOH O   H2   sing N N 153 
LEU N   CA   sing N N 154 
LEU N   H    sing N N 155 
LEU N   H2   sing N N 156 
LEU CA  C    sing N N 157 
LEU CA  CB   sing N N 158 
LEU CA  HA   sing N N 159 
LEU C   O    doub N N 160 
LEU C   OXT  sing N N 161 
LEU CB  CG   sing N N 162 
LEU CB  HB2  sing N N 163 
LEU CB  HB3  sing N N 164 
LEU CG  CD1  sing N N 165 
LEU CG  CD2  sing N N 166 
LEU CG  HG   sing N N 167 
LEU CD1 HD11 sing N N 168 
LEU CD1 HD12 sing N N 169 
LEU CD1 HD13 sing N N 170 
LEU CD2 HD21 sing N N 171 
LEU CD2 HD22 sing N N 172 
LEU CD2 HD23 sing N N 173 
LEU OXT HXT  sing N N 174 
LYS N   CA   sing N N 175 
LYS N   H    sing N N 176 
LYS N   H2   sing N N 177 
LYS CA  C    sing N N 178 
LYS CA  CB   sing N N 179 
LYS CA  HA   sing N N 180 
LYS C   O    doub N N 181 
LYS C   OXT  sing N N 182 
LYS CB  CG   sing N N 183 
LYS CB  HB2  sing N N 184 
LYS CB  HB3  sing N N 185 
LYS CG  CD   sing N N 186 
LYS CG  HG2  sing N N 187 
LYS CG  HG3  sing N N 188 
LYS CD  CE   sing N N 189 
LYS CD  HD2  sing N N 190 
LYS CD  HD3  sing N N 191 
LYS CE  NZ   sing N N 192 
LYS CE  HE2  sing N N 193 
LYS CE  HE3  sing N N 194 
LYS NZ  HZ1  sing N N 195 
LYS NZ  HZ2  sing N N 196 
LYS NZ  HZ3  sing N N 197 
LYS OXT HXT  sing N N 198 
MET N   CA   sing N N 199 
MET N   H    sing N N 200 
MET N   H2   sing N N 201 
MET CA  C    sing N N 202 
MET CA  CB   sing N N 203 
MET CA  HA   sing N N 204 
MET C   O    doub N N 205 
MET C   OXT  sing N N 206 
MET CB  CG   sing N N 207 
MET CB  HB2  sing N N 208 
MET CB  HB3  sing N N 209 
MET CG  SD   sing N N 210 
MET CG  HG2  sing N N 211 
MET CG  HG3  sing N N 212 
MET SD  CE   sing N N 213 
MET CE  HE1  sing N N 214 
MET CE  HE2  sing N N 215 
MET CE  HE3  sing N N 216 
MET OXT HXT  sing N N 217 
PHE N   CA   sing N N 218 
PHE N   H    sing N N 219 
PHE N   H2   sing N N 220 
PHE CA  C    sing N N 221 
PHE CA  CB   sing N N 222 
PHE CA  HA   sing N N 223 
PHE C   O    doub N N 224 
PHE C   OXT  sing N N 225 
PHE CB  CG   sing N N 226 
PHE CB  HB2  sing N N 227 
PHE CB  HB3  sing N N 228 
PHE CG  CD1  doub Y N 229 
PHE CG  CD2  sing Y N 230 
PHE CD1 CE1  sing Y N 231 
PHE CD1 HD1  sing N N 232 
PHE CD2 CE2  doub Y N 233 
PHE CD2 HD2  sing N N 234 
PHE CE1 CZ   doub Y N 235 
PHE CE1 HE1  sing N N 236 
PHE CE2 CZ   sing Y N 237 
PHE CE2 HE2  sing N N 238 
PHE CZ  HZ   sing N N 239 
PHE OXT HXT  sing N N 240 
PRO N   CA   sing N N 241 
PRO N   CD   sing N N 242 
PRO N   H    sing N N 243 
PRO CA  C    sing N N 244 
PRO CA  CB   sing N N 245 
PRO CA  HA   sing N N 246 
PRO C   O    doub N N 247 
PRO C   OXT  sing N N 248 
PRO CB  CG   sing N N 249 
PRO CB  HB2  sing N N 250 
PRO CB  HB3  sing N N 251 
PRO CG  CD   sing N N 252 
PRO CG  HG2  sing N N 253 
PRO CG  HG3  sing N N 254 
PRO CD  HD2  sing N N 255 
PRO CD  HD3  sing N N 256 
PRO OXT HXT  sing N N 257 
SER N   CA   sing N N 258 
SER N   H    sing N N 259 
SER N   H2   sing N N 260 
SER CA  C    sing N N 261 
SER CA  CB   sing N N 262 
SER CA  HA   sing N N 263 
SER C   O    doub N N 264 
SER C   OXT  sing N N 265 
SER CB  OG   sing N N 266 
SER CB  HB2  sing N N 267 
SER CB  HB3  sing N N 268 
SER OG  HG   sing N N 269 
SER OXT HXT  sing N N 270 
THR N   CA   sing N N 271 
THR N   H    sing N N 272 
THR N   H2   sing N N 273 
THR CA  C    sing N N 274 
THR CA  CB   sing N N 275 
THR CA  HA   sing N N 276 
THR C   O    doub N N 277 
THR C   OXT  sing N N 278 
THR CB  OG1  sing N N 279 
THR CB  CG2  sing N N 280 
THR CB  HB   sing N N 281 
THR OG1 HG1  sing N N 282 
THR CG2 HG21 sing N N 283 
THR CG2 HG22 sing N N 284 
THR CG2 HG23 sing N N 285 
THR OXT HXT  sing N N 286 
TYR N   CA   sing N N 287 
TYR N   H    sing N N 288 
TYR N   H2   sing N N 289 
TYR CA  C    sing N N 290 
TYR CA  CB   sing N N 291 
TYR CA  HA   sing N N 292 
TYR C   O    doub N N 293 
TYR C   OXT  sing N N 294 
TYR CB  CG   sing N N 295 
TYR CB  HB2  sing N N 296 
TYR CB  HB3  sing N N 297 
TYR CG  CD1  doub Y N 298 
TYR CG  CD2  sing Y N 299 
TYR CD1 CE1  sing Y N 300 
TYR CD1 HD1  sing N N 301 
TYR CD2 CE2  doub Y N 302 
TYR CD2 HD2  sing N N 303 
TYR CE1 CZ   doub Y N 304 
TYR CE1 HE1  sing N N 305 
TYR CE2 CZ   sing Y N 306 
TYR CE2 HE2  sing N N 307 
TYR CZ  OH   sing N N 308 
TYR OH  HH   sing N N 309 
TYR OXT HXT  sing N N 310 
VAL N   CA   sing N N 311 
VAL N   H    sing N N 312 
VAL N   H2   sing N N 313 
VAL CA  C    sing N N 314 
VAL CA  CB   sing N N 315 
VAL CA  HA   sing N N 316 
VAL C   O    doub N N 317 
VAL C   OXT  sing N N 318 
VAL CB  CG1  sing N N 319 
VAL CB  CG2  sing N N 320 
VAL CB  HB   sing N N 321 
VAL CG1 HG11 sing N N 322 
VAL CG1 HG12 sing N N 323 
VAL CG1 HG13 sing N N 324 
VAL CG2 HG21 sing N N 325 
VAL CG2 HG22 sing N N 326 
VAL CG2 HG23 sing N N 327 
VAL OXT HXT  sing N N 328 
# 
loop_
_pdbx_entity_nonpoly.entity_id 
_pdbx_entity_nonpoly.name 
_pdbx_entity_nonpoly.comp_id 
2 'AZIDE ION' AZI 
3 water       HOH 
# 
_pdbx_initial_refinement_model.id               1 
_pdbx_initial_refinement_model.entity_id_list   ? 
_pdbx_initial_refinement_model.type             'experimental model' 
_pdbx_initial_refinement_model.source_name      PDB 
_pdbx_initial_refinement_model.accession_code   2BBZ 
_pdbx_initial_refinement_model.details          'PDB entry 2BBZ' 
# 
